data_5M8L
#
_entry.id   5M8L
#
_cell.length_a   90.424
_cell.length_b   141.758
_cell.length_c   191.741
_cell.angle_alpha   90.000
_cell.angle_beta   90.000
_cell.angle_gamma   90.000
#
_symmetry.space_group_name_H-M   'P 21 21 21'
#
loop_
_entity.id
_entity.type
_entity.pdbx_description
1 polymer '5,6-dihydroxyindole-2-carboxylic acid oxidase'
2 branched 2-acetamido-2-deoxy-beta-D-glucopyranose-(1-4)-[alpha-L-fucopyranose-(1-6)]2-acetamido-2-deoxy-beta-D-glucopyranose
3 branched alpha-L-fucopyranose-(1-6)-2-acetamido-2-deoxy-beta-D-glucopyranose
4 branched 2-acetamido-2-deoxy-beta-D-glucopyranose-(1-4)-2-acetamido-2-deoxy-beta-D-glucopyranose
5 branched alpha-D-mannopyranose-(1-3)-[alpha-D-mannopyranose-(1-6)]alpha-D-mannopyranose-(1-4)-2-acetamido-2-deoxy-beta-D-glucopyranose-(1-4)-[alpha-L-fucopyranose-(1-6)]2-acetamido-2-deoxy-beta-D-glucopyranose
6 branched alpha-D-mannopyranose-(1-3)-alpha-D-mannopyranose-(1-4)-2-acetamido-2-deoxy-beta-D-glucopyranose-(1-4)-[alpha-L-fucopyranose-(1-6)]2-acetamido-2-deoxy-beta-D-glucopyranose
7 branched alpha-D-mannopyranose-(1-3)-[alpha-D-mannopyranose-(1-6)]alpha-D-mannopyranose-(1-4)-2-acetamido-2-deoxy-beta-D-glucopyranose-(1-4)-2-acetamido-2-deoxy-beta-D-glucopyranose
8 non-polymer 'ZINC ION'
9 non-polymer 2-acetamido-2-deoxy-beta-D-glucopyranose
10 water water
#
_entity_poly.entity_id   1
_entity_poly.type   'polypeptide(L)'
_entity_poly.pdbx_seq_one_letter_code
;QFPRQCATVEALRSGMCCPDLSPVSGPGTDRCGSSSGRGRCEAVTADSRPHSPQYPHDGRDDREVWPLRFFNRTCHCNGN
FSGHNCGTCRPGWRGAACDQRVLIVRRNLLDLSKEEKNHFVRALDMAKRTTHPLFVIATRRSEEILGPDGNTPQFENISI
YNYFVWTHYYSVKKTFLGVGQESFGEVDFSHEGPAFLTWHRYHLLRLEKDMQEMLQEPSFSLPYWNFATGKNVCDICTDD
LMGSRSNFDSTLISPNSVFSQWRVVCDSLEDYDTLGTLCNSTEDGPIRRNPAGNVARPMVQRLPEPQDVAQCLEVGLFDT
PPFYSNSTNSFRNTVEGYSDPTGKYDPAVRSLHNLAHLFLNGTGGQTHLSPNDPIFVLLHTFTDAVFDEWLRRYNADIST
FPLENAPIGHNRQYNMVPFWPPVTNTEMFVTAPDNLGYTYEIQWPS
;
_entity_poly.pdbx_strand_id   A,B,C,D
#
# COMPACT_ATOMS: atom_id res chain seq x y z
N GLN A 1 12.16 -23.18 -16.67
CA GLN A 1 12.67 -24.05 -15.60
C GLN A 1 14.14 -23.79 -15.46
N PHE A 2 14.91 -24.65 -14.90
CA PHE A 2 16.08 -23.90 -14.50
C PHE A 2 17.28 -24.34 -15.30
N PRO A 3 18.24 -23.46 -15.52
CA PRO A 3 19.51 -23.87 -16.11
C PRO A 3 20.12 -25.01 -15.31
N ARG A 4 20.78 -25.94 -16.00
CA ARG A 4 21.29 -27.12 -15.31
C ARG A 4 22.34 -26.76 -14.30
N GLN A 5 23.04 -25.65 -14.49
CA GLN A 5 24.01 -25.19 -13.51
C GLN A 5 23.38 -24.56 -12.28
N CYS A 6 22.07 -24.35 -12.27
CA CYS A 6 21.36 -23.93 -11.07
C CYS A 6 20.59 -25.07 -10.44
N ALA A 7 20.52 -26.23 -11.09
CA ALA A 7 19.82 -27.38 -10.53
C ALA A 7 20.75 -28.25 -9.70
N THR A 8 21.63 -27.62 -8.94
CA THR A 8 22.60 -28.29 -8.07
C THR A 8 22.21 -28.06 -6.62
N VAL A 9 22.88 -28.77 -5.73
CA VAL A 9 22.63 -28.56 -4.30
C VAL A 9 23.10 -27.18 -3.90
N GLU A 10 24.30 -26.81 -4.33
CA GLU A 10 24.86 -25.52 -3.95
C GLU A 10 23.97 -24.37 -4.40
N ALA A 11 23.46 -24.43 -5.62
CA ALA A 11 22.65 -23.32 -6.12
C ALA A 11 21.33 -23.24 -5.38
N LEU A 12 20.67 -24.37 -5.17
CA LEU A 12 19.36 -24.35 -4.54
C LEU A 12 19.46 -23.95 -3.07
N ARG A 13 20.54 -24.31 -2.40
CA ARG A 13 20.74 -23.86 -1.02
C ARG A 13 20.96 -22.36 -0.97
N SER A 14 21.84 -21.84 -1.83
CA SER A 14 22.18 -20.42 -1.80
C SER A 14 21.03 -19.54 -2.24
N GLY A 15 20.01 -20.10 -2.89
CA GLY A 15 18.95 -19.27 -3.41
C GLY A 15 19.33 -18.44 -4.61
N MET A 16 20.50 -18.69 -5.19
CA MET A 16 21.06 -17.86 -6.24
C MET A 16 21.21 -18.67 -7.53
N CYS A 17 20.61 -18.19 -8.60
CA CYS A 17 20.81 -18.75 -9.93
C CYS A 17 21.45 -17.64 -10.76
N CYS A 18 22.76 -17.56 -10.69
CA CYS A 18 23.55 -16.54 -11.37
C CYS A 18 24.79 -17.20 -11.94
N PRO A 19 24.63 -17.99 -12.99
CA PRO A 19 25.76 -18.79 -13.48
C PRO A 19 26.83 -17.95 -14.15
N ASP A 20 28.04 -18.51 -14.16
CA ASP A 20 29.17 -17.92 -14.86
C ASP A 20 28.95 -17.94 -16.38
N LEU A 21 29.57 -16.99 -17.06
CA LEU A 21 29.61 -17.01 -18.51
C LEU A 21 31.02 -17.36 -19.02
N SER A 22 32.01 -16.50 -18.84
CA SER A 22 33.39 -16.80 -19.22
C SER A 22 34.33 -16.48 -18.06
N PRO A 23 34.43 -17.36 -17.11
CA PRO A 23 35.24 -17.08 -15.92
C PRO A 23 36.68 -17.50 -16.12
N VAL A 24 37.58 -16.53 -16.09
CA VAL A 24 39.02 -16.79 -16.17
C VAL A 24 39.73 -16.74 -14.82
N SER A 25 39.10 -16.20 -13.78
CA SER A 25 39.70 -16.15 -12.46
C SER A 25 39.23 -17.28 -11.54
N GLY A 26 38.49 -18.25 -12.06
CA GLY A 26 37.96 -19.33 -11.26
C GLY A 26 36.45 -19.24 -11.15
N PRO A 27 35.83 -20.30 -10.64
CA PRO A 27 34.36 -20.32 -10.50
C PRO A 27 33.83 -19.09 -9.78
N GLY A 28 32.67 -18.61 -10.22
CA GLY A 28 32.01 -17.50 -9.60
C GLY A 28 32.54 -16.14 -9.97
N THR A 29 33.51 -16.07 -10.89
CA THR A 29 34.18 -14.81 -11.17
C THR A 29 33.64 -14.12 -12.41
N ASP A 30 32.68 -14.73 -13.08
CA ASP A 30 32.00 -14.09 -14.20
C ASP A 30 30.51 -14.36 -14.14
N ARG A 31 29.93 -14.26 -12.93
CA ARG A 31 28.50 -14.44 -12.78
C ARG A 31 27.75 -13.43 -13.62
N CYS A 32 26.85 -13.92 -14.46
CA CYS A 32 26.02 -13.10 -15.33
C CYS A 32 26.83 -12.33 -16.35
N GLY A 33 28.07 -12.73 -16.61
CA GLY A 33 28.92 -11.99 -17.51
C GLY A 33 29.29 -10.62 -16.99
N SER A 34 29.51 -10.49 -15.69
CA SER A 34 29.80 -9.17 -15.14
C SER A 34 31.22 -8.71 -15.43
N SER A 35 32.15 -9.61 -15.76
CA SER A 35 33.47 -9.16 -16.16
C SER A 35 33.42 -8.45 -17.50
N SER A 36 32.63 -8.96 -18.44
CA SER A 36 32.25 -8.19 -19.61
C SER A 36 31.22 -7.15 -19.20
N GLY A 37 30.61 -6.46 -20.14
CA GLY A 37 29.65 -5.48 -19.69
C GLY A 37 28.25 -6.04 -19.68
N ARG A 38 28.14 -7.36 -19.60
CA ARG A 38 26.91 -7.97 -20.05
C ARG A 38 25.81 -8.07 -18.99
N GLY A 39 26.14 -8.19 -17.71
CA GLY A 39 25.07 -8.17 -16.72
C GLY A 39 25.57 -8.35 -15.30
N ARG A 40 24.62 -8.51 -14.39
CA ARG A 40 25.00 -8.67 -13.00
C ARG A 40 23.97 -9.51 -12.25
N CYS A 41 24.44 -10.21 -11.23
CA CYS A 41 23.56 -10.88 -10.29
C CYS A 41 22.92 -9.86 -9.36
N GLU A 42 21.63 -10.00 -9.12
CA GLU A 42 20.86 -9.01 -8.38
C GLU A 42 19.62 -9.67 -7.82
N ALA A 43 18.94 -8.96 -6.94
CA ALA A 43 17.73 -9.50 -6.33
C ALA A 43 16.60 -9.61 -7.34
N VAL A 44 15.78 -10.65 -7.18
CA VAL A 44 14.68 -10.93 -8.08
C VAL A 44 13.56 -9.93 -7.86
N THR A 45 13.01 -9.40 -8.94
CA THR A 45 11.79 -8.62 -8.83
C THR A 45 10.62 -9.57 -9.04
N ALA A 46 9.77 -9.68 -8.05
CA ALA A 46 8.64 -10.62 -8.13
C ALA A 46 7.40 -9.93 -7.58
N ASP A 47 6.33 -10.03 -8.34
CA ASP A 47 5.04 -9.46 -7.96
C ASP A 47 4.59 -9.95 -6.60
N SER A 48 4.26 -9.02 -5.71
CA SER A 48 3.70 -9.36 -4.41
C SER A 48 2.25 -8.94 -4.25
N ARG A 49 1.63 -8.41 -5.30
CA ARG A 49 0.29 -7.85 -5.18
C ARG A 49 -0.77 -8.94 -5.05
N PRO A 50 -1.95 -8.61 -4.56
CA PRO A 50 -2.96 -9.63 -4.31
C PRO A 50 -3.57 -10.21 -5.58
N HIS A 51 -4.07 -11.43 -5.42
CA HIS A 51 -4.75 -12.17 -6.47
C HIS A 51 -6.18 -12.41 -6.06
N SER A 52 -6.96 -12.88 -7.02
CA SER A 52 -8.37 -13.17 -6.78
C SER A 52 -8.52 -14.19 -5.66
N PRO A 53 -9.66 -14.19 -4.97
CA PRO A 53 -9.87 -15.13 -3.87
C PRO A 53 -10.12 -16.56 -4.33
N GLN A 54 -10.15 -16.81 -5.63
CA GLN A 54 -10.35 -18.16 -6.14
C GLN A 54 -9.31 -19.12 -5.60
N TYR A 55 -8.09 -18.66 -5.43
CA TYR A 55 -7.02 -19.49 -4.90
C TYR A 55 -6.88 -19.24 -3.40
N PRO A 56 -7.31 -20.15 -2.54
CA PRO A 56 -7.21 -19.92 -1.09
C PRO A 56 -5.95 -20.48 -0.44
N HIS A 57 -5.04 -21.08 -1.19
CA HIS A 57 -3.95 -21.84 -0.61
C HIS A 57 -2.61 -21.12 -0.62
N ASP A 58 -2.58 -19.80 -0.42
CA ASP A 58 -1.33 -19.07 -0.33
C ASP A 58 -0.41 -19.74 0.66
N GLY A 59 0.77 -20.12 0.21
CA GLY A 59 1.77 -20.76 1.02
C GLY A 59 2.04 -22.21 0.68
N ARG A 60 1.20 -22.84 -0.16
CA ARG A 60 1.28 -24.27 -0.42
C ARG A 60 1.90 -24.64 -1.76
N ASP A 61 2.01 -23.71 -2.70
CA ASP A 61 2.35 -24.01 -4.09
C ASP A 61 3.62 -23.28 -4.52
N ASP A 62 4.57 -24.02 -5.08
CA ASP A 62 5.86 -23.45 -5.49
C ASP A 62 5.73 -22.40 -6.59
N ARG A 63 4.58 -22.29 -7.25
CA ARG A 63 4.40 -21.37 -8.36
C ARG A 63 3.96 -19.98 -7.91
N GLU A 64 3.53 -19.84 -6.66
CA GLU A 64 3.22 -18.54 -6.09
C GLU A 64 4.47 -17.69 -6.03
N VAL A 65 4.29 -16.41 -6.35
CA VAL A 65 5.33 -15.38 -6.25
C VAL A 65 6.57 -15.84 -6.98
N TRP A 66 6.37 -16.42 -8.17
CA TRP A 66 7.43 -17.01 -8.99
C TRP A 66 8.50 -15.99 -9.30
N PRO A 67 9.77 -16.37 -9.14
CA PRO A 67 10.37 -17.64 -8.71
C PRO A 67 10.89 -17.76 -7.25
N LEU A 68 10.28 -17.08 -6.29
CA LEU A 68 10.94 -16.90 -4.99
C LEU A 68 11.08 -18.19 -4.18
N ARG A 69 10.24 -19.19 -4.42
CA ARG A 69 10.40 -20.43 -3.69
C ARG A 69 11.59 -21.24 -4.17
N PHE A 70 12.27 -20.82 -5.21
CA PHE A 70 13.47 -21.49 -5.67
C PHE A 70 14.68 -20.58 -5.67
N PHE A 71 14.51 -19.33 -6.10
CA PHE A 71 15.64 -18.43 -6.22
C PHE A 71 15.19 -17.02 -5.88
N ASN A 72 16.06 -16.29 -5.20
CA ASN A 72 15.84 -14.87 -4.93
C ASN A 72 16.93 -14.01 -5.55
N ARG A 73 17.85 -14.60 -6.31
CA ARG A 73 18.84 -13.86 -7.05
C ARG A 73 18.89 -14.35 -8.49
N THR A 74 18.84 -13.42 -9.45
CA THR A 74 18.86 -13.73 -10.87
C THR A 74 19.85 -12.83 -11.58
N CYS A 75 20.12 -13.20 -12.83
CA CYS A 75 20.90 -12.36 -13.72
C CYS A 75 19.99 -11.29 -14.29
N HIS A 76 20.45 -10.05 -14.25
CA HIS A 76 19.84 -8.97 -15.01
C HIS A 76 20.87 -8.57 -16.04
N CYS A 77 20.49 -8.63 -17.30
CA CYS A 77 21.44 -8.39 -18.36
C CYS A 77 21.32 -6.94 -18.81
N ASN A 78 22.45 -6.34 -19.12
CA ASN A 78 22.52 -4.93 -19.46
C ASN A 78 22.27 -4.73 -20.94
N GLY A 79 21.54 -3.67 -21.28
CA GLY A 79 21.35 -3.33 -22.67
C GLY A 79 20.54 -4.39 -23.39
N ASN A 80 21.03 -4.80 -24.56
CA ASN A 80 20.34 -5.80 -25.35
C ASN A 80 20.92 -7.20 -25.17
N PHE A 81 21.70 -7.41 -24.14
CA PHE A 81 22.09 -8.76 -23.78
C PHE A 81 20.91 -9.46 -23.10
N SER A 82 20.94 -10.78 -23.07
CA SER A 82 19.84 -11.55 -22.52
C SER A 82 20.36 -12.93 -22.19
N GLY A 83 19.51 -13.74 -21.57
CA GLY A 83 19.86 -15.10 -21.26
C GLY A 83 20.13 -15.33 -19.78
N HIS A 84 20.13 -16.60 -19.40
CA HIS A 84 20.32 -17.01 -18.02
C HIS A 84 21.66 -16.55 -17.46
N ASN A 85 22.69 -16.49 -18.29
CA ASN A 85 24.00 -16.00 -17.87
C ASN A 85 24.39 -14.74 -18.65
N CYS A 86 23.42 -14.11 -19.30
CA CYS A 86 23.63 -12.97 -20.21
C CYS A 86 24.56 -13.26 -21.37
N GLY A 87 24.62 -14.50 -21.82
CA GLY A 87 25.50 -14.88 -22.90
C GLY A 87 24.90 -14.85 -24.29
N THR A 88 23.68 -14.35 -24.46
CA THR A 88 23.07 -14.26 -25.78
C THR A 88 22.41 -12.88 -25.88
N CYS A 89 21.47 -12.72 -26.79
CA CYS A 89 20.90 -11.40 -27.06
C CYS A 89 19.39 -11.37 -26.87
N ARG A 90 18.91 -10.16 -26.61
CA ARG A 90 17.49 -9.89 -26.59
C ARG A 90 16.85 -10.27 -27.93
N PRO A 91 15.57 -10.60 -27.94
CA PRO A 91 14.91 -10.99 -29.19
C PRO A 91 14.97 -9.86 -30.19
N GLY A 92 15.42 -10.18 -31.39
CA GLY A 92 15.56 -9.21 -32.45
C GLY A 92 16.96 -8.69 -32.65
N TRP A 93 17.96 -9.31 -32.02
CA TRP A 93 19.30 -8.80 -31.98
C TRP A 93 20.29 -9.95 -32.07
N ARG A 94 21.44 -9.69 -32.68
CA ARG A 94 22.44 -10.73 -32.85
C ARG A 94 23.81 -10.08 -32.83
N GLY A 95 24.83 -10.91 -32.72
CA GLY A 95 26.19 -10.45 -32.72
C GLY A 95 26.82 -10.55 -31.35
N ALA A 96 28.15 -10.52 -31.34
CA ALA A 96 28.88 -10.52 -30.08
C ALA A 96 28.43 -9.39 -29.17
N ALA A 97 28.03 -8.28 -29.74
CA ALA A 97 27.61 -7.10 -29.00
C ALA A 97 26.11 -6.92 -29.00
N CYS A 98 25.37 -7.85 -29.58
CA CYS A 98 23.92 -7.78 -29.63
C CYS A 98 23.46 -6.44 -30.21
N ASP A 99 24.09 -6.06 -31.31
CA ASP A 99 23.81 -4.77 -31.93
C ASP A 99 23.36 -4.90 -33.37
N GLN A 100 23.24 -6.10 -33.90
CA GLN A 100 22.79 -6.29 -35.28
C GLN A 100 21.35 -6.74 -35.23
N ARG A 101 20.50 -6.08 -35.99
CA ARG A 101 19.09 -6.39 -35.96
C ARG A 101 18.79 -7.60 -36.83
N VAL A 102 17.78 -8.35 -36.43
CA VAL A 102 17.20 -9.40 -37.24
C VAL A 102 15.71 -9.33 -37.07
N LEU A 103 14.99 -9.69 -38.12
CA LEU A 103 13.54 -9.69 -38.11
C LEU A 103 13.14 -10.92 -38.91
N ILE A 104 12.56 -11.91 -38.23
CA ILE A 104 12.17 -13.13 -38.87
C ILE A 104 10.68 -13.06 -39.17
N VAL A 105 10.23 -13.93 -40.08
CA VAL A 105 8.88 -13.87 -40.62
C VAL A 105 8.21 -15.20 -40.38
N ARG A 106 7.11 -15.17 -39.65
CA ARG A 106 6.29 -16.34 -39.42
C ARG A 106 5.23 -16.38 -40.50
N ARG A 107 5.21 -17.45 -41.28
CA ARG A 107 4.38 -17.54 -42.46
C ARG A 107 3.32 -18.62 -42.30
N ASN A 108 2.29 -18.53 -43.11
CA ASN A 108 1.31 -19.61 -43.20
C ASN A 108 1.99 -20.89 -43.64
N LEU A 109 1.78 -21.98 -42.90
CA LEU A 109 2.45 -23.24 -43.19
C LEU A 109 2.11 -23.76 -44.58
N LEU A 110 0.91 -23.48 -45.06
CA LEU A 110 0.49 -23.99 -46.35
C LEU A 110 1.11 -23.23 -47.51
N ASP A 111 1.69 -22.05 -47.27
CA ASP A 111 2.41 -21.23 -48.24
C ASP A 111 3.89 -21.55 -48.33
N LEU A 112 4.40 -22.45 -47.50
CA LEU A 112 5.81 -22.74 -47.58
C LEU A 112 6.08 -23.62 -48.80
N SER A 113 7.33 -23.58 -49.26
CA SER A 113 7.73 -24.44 -50.36
C SER A 113 7.73 -25.88 -49.90
N LYS A 114 7.82 -26.79 -50.87
CA LYS A 114 7.87 -28.19 -50.52
C LYS A 114 9.13 -28.48 -49.71
N GLU A 115 10.22 -27.80 -50.03
CA GLU A 115 11.45 -28.01 -49.27
C GLU A 115 11.34 -27.43 -47.87
N GLU A 116 10.70 -26.27 -47.74
CA GLU A 116 10.49 -25.67 -46.44
C GLU A 116 9.54 -26.50 -45.57
N LYS A 117 8.47 -27.03 -46.16
CA LYS A 117 7.56 -27.87 -45.39
C LYS A 117 8.27 -29.07 -44.82
N ASN A 118 9.15 -29.68 -45.62
CA ASN A 118 9.93 -30.82 -45.14
C ASN A 118 10.98 -30.40 -44.12
N HIS A 119 11.57 -29.22 -44.29
CA HIS A 119 12.54 -28.73 -43.31
C HIS A 119 11.88 -28.51 -41.96
N PHE A 120 10.65 -28.02 -41.93
CA PHE A 120 9.97 -27.74 -40.68
C PHE A 120 9.58 -29.02 -39.95
N VAL A 121 9.04 -30.02 -40.68
CA VAL A 121 8.64 -31.28 -40.06
C VAL A 121 9.85 -31.97 -39.45
N ARG A 122 10.97 -31.99 -40.16
CA ARG A 122 12.17 -32.62 -39.63
C ARG A 122 12.78 -31.83 -38.48
N ALA A 123 12.68 -30.50 -38.49
CA ALA A 123 13.15 -29.70 -37.37
C ALA A 123 12.39 -30.03 -36.09
N LEU A 124 11.06 -30.06 -36.17
CA LEU A 124 10.24 -30.45 -35.04
C LEU A 124 10.67 -31.79 -34.49
N ASP A 125 10.91 -32.75 -35.39
CA ASP A 125 11.23 -34.10 -34.98
C ASP A 125 12.60 -34.16 -34.35
N MET A 126 13.55 -33.37 -34.85
CA MET A 126 14.85 -33.28 -34.20
C MET A 126 14.72 -32.64 -32.82
N ALA A 127 13.82 -31.67 -32.65
CA ALA A 127 13.59 -31.06 -31.35
C ALA A 127 12.98 -32.05 -30.36
N LYS A 128 12.14 -32.96 -30.83
CA LYS A 128 11.53 -33.97 -29.99
C LYS A 128 12.55 -34.97 -29.47
N ARG A 129 13.67 -35.14 -30.16
CA ARG A 129 14.69 -36.12 -29.82
C ARG A 129 15.95 -35.52 -29.24
N THR A 130 16.18 -34.23 -29.38
CA THR A 130 17.42 -33.58 -28.97
C THR A 130 17.33 -33.05 -27.56
N THR A 131 18.28 -33.44 -26.73
CA THR A 131 18.31 -32.99 -25.34
C THR A 131 18.43 -31.46 -25.28
N HIS A 132 17.63 -30.83 -24.46
CA HIS A 132 17.74 -29.39 -24.30
C HIS A 132 19.12 -29.06 -23.75
N PRO A 133 19.89 -28.19 -24.39
CA PRO A 133 21.24 -27.94 -23.91
C PRO A 133 21.28 -27.21 -22.58
N LEU A 134 20.22 -26.49 -22.21
CA LEU A 134 20.31 -25.62 -21.06
C LEU A 134 19.41 -26.05 -19.90
N PHE A 135 18.16 -26.40 -20.15
CA PHE A 135 17.19 -26.57 -19.08
C PHE A 135 17.01 -28.01 -18.65
N VAL A 136 16.87 -28.19 -17.34
CA VAL A 136 16.42 -29.44 -16.77
C VAL A 136 15.10 -29.18 -16.06
N ILE A 137 14.29 -30.21 -15.92
CA ILE A 137 12.96 -30.11 -15.35
C ILE A 137 12.92 -30.84 -14.02
N ALA A 138 12.15 -30.33 -13.09
CA ALA A 138 11.97 -30.96 -11.79
C ALA A 138 10.99 -32.12 -11.87
N THR A 139 11.30 -33.19 -11.15
CA THR A 139 10.36 -34.28 -10.99
C THR A 139 9.68 -34.28 -9.63
N ARG A 140 10.12 -33.43 -8.72
CA ARG A 140 9.53 -33.32 -7.40
C ARG A 140 9.29 -31.85 -7.07
N ARG A 141 8.38 -31.62 -6.14
CA ARG A 141 8.14 -30.29 -5.65
C ARG A 141 9.33 -29.87 -4.79
N SER A 142 9.35 -28.60 -4.38
CA SER A 142 10.56 -28.06 -3.76
C SER A 142 10.89 -28.77 -2.46
N GLU A 143 9.85 -29.12 -1.68
CA GLU A 143 10.06 -29.84 -0.43
C GLU A 143 10.93 -31.06 -0.63
N GLU A 144 10.76 -31.77 -1.75
CA GLU A 144 11.51 -32.98 -2.01
C GLU A 144 12.58 -32.78 -3.08
N ILE A 145 12.88 -31.53 -3.43
CA ILE A 145 13.65 -31.26 -4.64
C ILE A 145 15.06 -31.80 -4.57
N LEU A 146 15.60 -32.01 -3.38
CA LEU A 146 16.97 -32.43 -3.22
C LEU A 146 17.10 -33.91 -2.92
N GLY A 147 16.02 -34.66 -3.12
CA GLY A 147 16.08 -36.09 -3.10
C GLY A 147 15.86 -36.70 -1.74
N PRO A 148 15.96 -38.01 -1.68
CA PRO A 148 15.77 -38.73 -0.42
C PRO A 148 16.92 -38.50 0.56
N ASP A 149 18.14 -38.60 0.07
CA ASP A 149 19.33 -38.37 0.88
C ASP A 149 19.66 -36.89 1.04
N GLY A 150 18.80 -36.00 0.55
CA GLY A 150 19.01 -34.57 0.67
C GLY A 150 20.16 -34.02 -0.15
N ASN A 151 20.81 -34.86 -0.96
CA ASN A 151 21.97 -34.45 -1.70
C ASN A 151 21.90 -34.88 -3.17
N THR A 152 20.72 -35.23 -3.65
CA THR A 152 20.55 -35.69 -5.03
C THR A 152 19.39 -34.90 -5.65
N PRO A 153 19.68 -33.82 -6.37
CA PRO A 153 18.61 -32.98 -6.89
C PRO A 153 17.74 -33.70 -7.92
N GLN A 154 16.43 -33.52 -7.76
CA GLN A 154 15.44 -34.25 -8.56
C GLN A 154 15.14 -33.49 -9.85
N PHE A 155 16.13 -33.46 -10.72
CA PHE A 155 15.98 -32.88 -12.04
C PHE A 155 16.37 -33.91 -13.09
N GLU A 156 15.73 -33.81 -14.24
CA GLU A 156 16.00 -34.70 -15.34
C GLU A 156 16.24 -33.89 -16.61
N ASN A 157 17.09 -34.42 -17.45
CA ASN A 157 17.18 -33.91 -18.80
C ASN A 157 15.88 -34.17 -19.53
N ILE A 158 15.63 -33.33 -20.54
CA ILE A 158 14.40 -33.40 -21.29
C ILE A 158 14.68 -32.82 -22.66
N SER A 159 13.91 -33.25 -23.64
CA SER A 159 14.23 -32.79 -24.97
C SER A 159 13.72 -31.36 -25.17
N ILE A 160 14.21 -30.74 -26.24
CA ILE A 160 13.82 -29.38 -26.58
C ILE A 160 12.31 -29.26 -26.67
N TYR A 161 11.67 -30.15 -27.42
CA TYR A 161 10.22 -30.08 -27.55
C TYR A 161 9.50 -30.55 -26.28
N ASN A 162 10.02 -31.53 -25.57
CA ASN A 162 9.33 -31.99 -24.35
C ASN A 162 9.41 -30.95 -23.24
N TYR A 163 10.50 -30.17 -23.18
CA TYR A 163 10.54 -29.01 -22.30
C TYR A 163 9.38 -28.07 -22.57
N PHE A 164 9.12 -27.81 -23.84
CA PHE A 164 7.95 -27.04 -24.28
C PHE A 164 6.65 -27.67 -23.80
N VAL A 165 6.56 -29.01 -23.79
CA VAL A 165 5.36 -29.65 -23.25
C VAL A 165 5.29 -29.48 -21.75
N TRP A 166 6.43 -29.59 -21.09
CA TRP A 166 6.51 -29.59 -19.63
C TRP A 166 6.15 -28.23 -19.02
N THR A 167 6.74 -27.13 -19.51
CA THR A 167 6.46 -25.83 -18.90
C THR A 167 4.98 -25.49 -18.97
N HIS A 168 4.31 -25.88 -20.05
CA HIS A 168 2.86 -25.74 -20.15
C HIS A 168 2.14 -26.60 -19.11
N TYR A 169 2.59 -27.85 -18.92
CA TYR A 169 1.99 -28.70 -17.91
C TYR A 169 2.14 -28.09 -16.52
N TYR A 170 3.37 -27.69 -16.18
CA TYR A 170 3.66 -27.16 -14.85
C TYR A 170 2.83 -25.93 -14.56
N SER A 171 2.48 -25.16 -15.59
CA SER A 171 1.70 -23.96 -15.40
C SER A 171 0.23 -24.24 -15.16
N VAL A 172 -0.27 -25.43 -15.50
CA VAL A 172 -1.69 -25.74 -15.37
C VAL A 172 -1.99 -26.81 -14.33
N LYS A 173 -0.97 -27.41 -13.73
CA LYS A 173 -1.13 -28.53 -12.81
C LYS A 173 -1.88 -28.13 -11.54
N LYS A 174 -2.44 -29.13 -10.89
CA LYS A 174 -3.20 -28.88 -9.68
C LYS A 174 -2.28 -28.64 -8.50
N THR A 175 -2.72 -27.81 -7.57
CA THR A 175 -1.98 -27.62 -6.33
C THR A 175 -2.13 -28.84 -5.44
N PHE A 176 -1.03 -29.50 -5.15
CA PHE A 176 -1.02 -30.65 -4.27
C PHE A 176 -1.11 -30.19 -2.83
N LEU A 177 -2.07 -30.75 -2.10
CA LEU A 177 -2.30 -30.39 -0.70
C LEU A 177 -1.85 -31.46 0.28
N GLY A 178 -1.48 -32.64 -0.18
CA GLY A 178 -0.99 -33.67 0.70
C GLY A 178 -1.62 -35.00 0.40
N VAL A 179 -0.95 -36.09 0.73
CA VAL A 179 -1.46 -37.41 0.42
C VAL A 179 -2.80 -37.61 1.12
N GLY A 180 -3.75 -38.22 0.42
CA GLY A 180 -5.09 -38.38 0.95
C GLY A 180 -5.96 -37.15 0.85
N GLN A 181 -5.44 -36.02 0.40
CA GLN A 181 -6.28 -34.86 0.16
C GLN A 181 -6.50 -34.70 -1.33
N GLU A 182 -7.63 -34.09 -1.68
CA GLU A 182 -7.96 -33.89 -3.07
C GLU A 182 -7.26 -32.63 -3.56
N SER A 183 -6.48 -32.77 -4.63
CA SER A 183 -5.68 -31.65 -5.12
C SER A 183 -6.55 -30.53 -5.64
N PHE A 184 -6.06 -29.31 -5.48
CA PHE A 184 -6.86 -28.14 -5.82
C PHE A 184 -6.63 -27.76 -7.27
N GLY A 185 -7.73 -27.57 -8.01
CA GLY A 185 -7.67 -27.41 -9.44
C GLY A 185 -8.30 -26.16 -10.00
N GLU A 186 -8.80 -25.28 -9.14
CA GLU A 186 -9.39 -24.01 -9.58
C GLU A 186 -8.30 -22.96 -9.76
N VAL A 187 -7.23 -23.35 -10.44
CA VAL A 187 -6.04 -22.53 -10.61
C VAL A 187 -5.43 -22.84 -11.97
N ASP A 188 -4.92 -21.81 -12.63
CA ASP A 188 -4.31 -21.98 -13.95
C ASP A 188 -3.46 -20.75 -14.23
N PHE A 189 -2.15 -20.93 -14.25
CA PHE A 189 -1.22 -19.82 -14.39
C PHE A 189 -1.03 -19.35 -15.83
N SER A 190 -1.66 -20.00 -16.82
CA SER A 190 -1.49 -19.61 -18.21
C SER A 190 -2.78 -19.58 -19.01
N HIS A 191 -3.92 -19.89 -18.40
CA HIS A 191 -5.20 -19.85 -19.07
C HIS A 191 -6.23 -19.20 -18.16
N GLU A 192 -7.37 -18.85 -18.73
CA GLU A 192 -8.51 -18.31 -18.00
C GLU A 192 -8.09 -17.11 -17.14
N GLY A 193 -7.46 -16.14 -17.78
CA GLY A 193 -6.93 -14.97 -17.12
C GLY A 193 -6.14 -14.12 -18.10
N PRO A 194 -5.79 -12.90 -17.72
CA PRO A 194 -5.16 -11.97 -18.66
C PRO A 194 -3.81 -12.42 -19.20
N ALA A 195 -3.10 -13.27 -18.48
CA ALA A 195 -1.77 -13.69 -18.93
C ALA A 195 -1.80 -14.76 -20.02
N PHE A 196 -2.98 -15.15 -20.49
CA PHE A 196 -3.08 -16.22 -21.49
C PHE A 196 -2.27 -15.88 -22.75
N LEU A 197 -2.47 -14.68 -23.30
CA LEU A 197 -1.83 -14.34 -24.57
C LEU A 197 -0.34 -14.11 -24.40
N THR A 198 0.06 -13.46 -23.31
CA THR A 198 1.47 -13.19 -23.13
C THR A 198 2.24 -14.41 -22.69
N TRP A 199 1.64 -15.29 -21.88
CA TRP A 199 2.30 -16.55 -21.53
C TRP A 199 2.58 -17.36 -22.79
N HIS A 200 1.58 -17.57 -23.62
CA HIS A 200 1.78 -18.40 -24.79
C HIS A 200 2.66 -17.72 -25.83
N ARG A 201 2.74 -16.39 -25.80
CA ARG A 201 3.70 -15.70 -26.64
C ARG A 201 5.12 -16.04 -26.24
N TYR A 202 5.45 -15.96 -24.95
CA TYR A 202 6.80 -16.28 -24.54
C TYR A 202 7.12 -17.74 -24.82
N HIS A 203 6.16 -18.62 -24.54
CA HIS A 203 6.24 -20.05 -24.82
C HIS A 203 6.70 -20.33 -26.24
N LEU A 204 6.06 -19.69 -27.22
CA LEU A 204 6.47 -19.85 -28.60
C LEU A 204 7.85 -19.26 -28.82
N LEU A 205 8.11 -18.09 -28.27
CA LEU A 205 9.38 -17.43 -28.49
C LEU A 205 10.54 -18.27 -27.99
N ARG A 206 10.34 -18.97 -26.87
CA ARG A 206 11.39 -19.81 -26.29
C ARG A 206 11.68 -21.02 -27.18
N LEU A 207 10.63 -21.65 -27.73
CA LEU A 207 10.82 -22.77 -28.64
C LEU A 207 11.48 -22.34 -29.95
N GLU A 208 11.07 -21.21 -30.51
CA GLU A 208 11.69 -20.73 -31.75
C GLU A 208 13.18 -20.49 -31.55
N LYS A 209 13.55 -19.89 -30.43
CA LYS A 209 14.95 -19.65 -30.12
C LYS A 209 15.73 -20.94 -29.93
N ASP A 210 15.16 -21.89 -29.18
CA ASP A 210 15.80 -23.18 -28.98
C ASP A 210 16.01 -23.91 -30.30
N MET A 211 15.04 -23.80 -31.21
CA MET A 211 15.17 -24.48 -32.49
C MET A 211 16.15 -23.76 -33.42
N GLN A 212 16.20 -22.43 -33.37
CA GLN A 212 17.24 -21.71 -34.11
C GLN A 212 18.62 -22.20 -33.72
N GLU A 213 18.87 -22.40 -32.41
CA GLU A 213 20.16 -22.86 -31.94
C GLU A 213 20.37 -24.35 -32.21
N MET A 214 19.31 -25.14 -32.07
CA MET A 214 19.39 -26.55 -32.45
C MET A 214 19.77 -26.71 -33.92
N LEU A 215 19.17 -25.91 -34.80
CA LEU A 215 19.42 -25.96 -36.23
C LEU A 215 20.66 -25.18 -36.67
N GLN A 216 21.23 -24.36 -35.81
CA GLN A 216 22.23 -23.39 -36.19
C GLN A 216 21.74 -22.54 -37.36
N GLU A 217 20.45 -22.21 -37.33
CA GLU A 217 19.77 -21.39 -38.36
C GLU A 217 19.12 -20.20 -37.67
N PRO A 218 19.83 -19.07 -37.59
CA PRO A 218 19.31 -17.92 -36.85
C PRO A 218 17.98 -17.38 -37.34
N SER A 219 17.63 -17.56 -38.60
CA SER A 219 16.41 -16.99 -39.14
C SER A 219 15.28 -18.00 -39.20
N PHE A 220 15.49 -19.20 -38.69
CA PHE A 220 14.40 -20.16 -38.56
C PHE A 220 13.21 -19.55 -37.85
N SER A 221 12.02 -19.83 -38.34
CA SER A 221 10.83 -19.23 -37.79
C SER A 221 9.72 -20.27 -37.67
N LEU A 222 8.84 -20.06 -36.70
CA LEU A 222 7.72 -20.93 -36.50
C LEU A 222 6.57 -20.51 -37.40
N PRO A 223 6.07 -21.39 -38.27
CA PRO A 223 4.92 -21.06 -39.11
C PRO A 223 3.64 -21.11 -38.28
N TYR A 224 2.52 -20.79 -38.92
CA TYR A 224 1.23 -20.76 -38.25
C TYR A 224 0.20 -21.51 -39.07
N TRP A 225 -0.88 -21.84 -38.40
CA TRP A 225 -2.01 -22.55 -39.00
C TRP A 225 -3.21 -21.64 -38.93
N ASN A 226 -3.69 -21.20 -40.09
CA ASN A 226 -4.95 -20.45 -40.11
C ASN A 226 -6.06 -21.46 -39.91
N PHE A 227 -6.47 -21.65 -38.67
CA PHE A 227 -7.55 -22.57 -38.34
C PHE A 227 -8.92 -21.92 -38.46
N ALA A 228 -9.00 -20.67 -38.84
CA ALA A 228 -10.26 -19.94 -38.89
C ALA A 228 -10.85 -19.95 -40.29
N THR A 229 -11.05 -21.14 -40.81
CA THR A 229 -11.56 -21.37 -42.15
C THR A 229 -12.96 -21.97 -42.18
N GLY A 230 -13.57 -22.25 -41.04
CA GLY A 230 -14.87 -22.87 -41.06
C GLY A 230 -14.91 -24.27 -41.61
N LYS A 231 -13.77 -24.94 -41.71
CA LYS A 231 -13.72 -26.23 -42.38
C LYS A 231 -14.18 -27.35 -41.46
N ASN A 232 -14.57 -28.44 -42.12
CA ASN A 232 -14.96 -29.74 -41.57
C ASN A 232 -13.76 -30.59 -41.24
N VAL A 233 -12.59 -30.22 -41.74
CA VAL A 233 -11.41 -31.06 -41.72
C VAL A 233 -10.21 -30.22 -41.28
N CYS A 234 -9.12 -30.91 -41.00
CA CYS A 234 -7.84 -30.30 -40.63
C CYS A 234 -6.99 -30.20 -41.90
N ASP A 235 -6.88 -29.00 -42.45
CA ASP A 235 -6.16 -28.87 -43.72
C ASP A 235 -4.66 -28.96 -43.59
N ILE A 236 -4.11 -29.07 -42.37
CA ILE A 236 -2.68 -29.32 -42.19
C ILE A 236 -2.42 -30.74 -41.74
N CYS A 237 -3.44 -31.56 -41.62
CA CYS A 237 -3.30 -32.95 -41.19
C CYS A 237 -3.07 -33.84 -42.41
N THR A 238 -1.92 -33.64 -43.04
CA THR A 238 -1.50 -34.42 -44.18
C THR A 238 -0.09 -34.92 -43.91
N ASP A 239 0.31 -35.94 -44.67
CA ASP A 239 1.54 -36.63 -44.35
C ASP A 239 2.79 -35.90 -44.78
N ASP A 240 2.69 -34.85 -45.59
CA ASP A 240 3.83 -33.95 -45.76
C ASP A 240 3.89 -32.86 -44.68
N LEU A 241 2.91 -32.78 -43.80
CA LEU A 241 2.86 -31.80 -42.71
C LEU A 241 2.67 -32.45 -41.35
N MET A 242 1.52 -32.27 -40.72
CA MET A 242 1.35 -32.70 -39.33
C MET A 242 0.77 -34.11 -39.21
N GLY A 243 0.62 -34.83 -40.32
CA GLY A 243 0.16 -36.19 -40.30
C GLY A 243 -1.31 -36.34 -40.59
N SER A 244 -1.67 -37.20 -41.52
CA SER A 244 -3.07 -37.45 -41.77
C SER A 244 -3.58 -38.56 -40.86
N ARG A 245 -4.87 -38.85 -40.93
CA ARG A 245 -5.45 -39.89 -40.11
C ARG A 245 -4.95 -41.27 -40.51
N SER A 246 -4.64 -42.09 -39.51
CA SER A 246 -4.26 -43.47 -39.77
C SER A 246 -5.43 -44.27 -40.32
N ASN A 247 -5.15 -45.10 -41.31
CA ASN A 247 -6.21 -45.95 -41.82
C ASN A 247 -6.49 -47.15 -40.95
N PHE A 248 -5.64 -47.44 -39.97
CA PHE A 248 -5.83 -48.59 -39.10
C PHE A 248 -6.45 -48.23 -37.76
N ASP A 249 -6.42 -46.95 -37.37
CA ASP A 249 -6.98 -46.49 -36.11
C ASP A 249 -7.31 -45.01 -36.31
N SER A 250 -8.60 -44.68 -36.27
CA SER A 250 -9.05 -43.33 -36.54
C SER A 250 -8.59 -42.30 -35.52
N THR A 251 -8.02 -42.73 -34.39
CA THR A 251 -7.55 -41.80 -33.38
C THR A 251 -6.04 -41.65 -33.38
N LEU A 252 -5.35 -42.29 -34.31
CA LEU A 252 -3.90 -42.23 -34.40
C LEU A 252 -3.49 -41.51 -35.67
N ILE A 253 -2.22 -41.20 -35.74
CA ILE A 253 -1.64 -40.51 -36.88
C ILE A 253 -1.07 -41.53 -37.86
N SER A 254 -1.26 -41.24 -39.14
CA SER A 254 -0.80 -42.08 -40.24
C SER A 254 0.64 -42.52 -40.02
N PRO A 255 0.94 -43.80 -40.15
CA PRO A 255 2.34 -44.27 -40.02
C PRO A 255 3.27 -43.68 -41.05
N ASN A 256 2.78 -43.04 -42.09
CA ASN A 256 3.64 -42.39 -43.07
C ASN A 256 4.06 -40.98 -42.63
N SER A 257 3.74 -40.56 -41.41
CA SER A 257 4.22 -39.31 -40.86
C SER A 257 5.12 -39.61 -39.67
N VAL A 258 6.20 -38.84 -39.51
CA VAL A 258 7.07 -39.03 -38.35
C VAL A 258 6.31 -38.86 -37.05
N PHE A 259 5.22 -38.10 -37.05
CA PHE A 259 4.55 -37.81 -35.77
C PHE A 259 3.79 -39.01 -35.23
N SER A 260 3.61 -40.06 -36.02
CA SER A 260 3.05 -41.30 -35.47
C SER A 260 4.02 -41.99 -34.54
N GLN A 261 5.28 -41.61 -34.57
CA GLN A 261 6.29 -42.17 -33.69
C GLN A 261 6.42 -41.42 -32.37
N TRP A 262 5.86 -40.22 -32.26
CA TRP A 262 6.02 -39.47 -31.03
C TRP A 262 5.34 -40.18 -29.87
N ARG A 263 5.97 -40.12 -28.71
CA ARG A 263 5.38 -40.60 -27.47
C ARG A 263 5.31 -39.45 -26.47
N VAL A 264 4.17 -39.31 -25.81
CA VAL A 264 3.85 -38.09 -25.08
C VAL A 264 4.45 -38.13 -23.68
N VAL A 265 4.70 -36.93 -23.14
CA VAL A 265 5.10 -36.75 -21.75
C VAL A 265 3.95 -36.12 -21.00
N CYS A 266 3.92 -36.37 -19.68
CA CYS A 266 3.03 -35.77 -18.70
C CYS A 266 1.60 -36.27 -18.70
N ASP A 267 1.33 -37.50 -19.13
CA ASP A 267 -0.04 -37.99 -19.19
C ASP A 267 -0.48 -38.73 -17.93
N SER A 268 0.31 -38.70 -16.86
CA SER A 268 -0.01 -39.50 -15.68
C SER A 268 -0.48 -38.64 -14.52
N LEU A 269 -1.57 -37.87 -14.73
CA LEU A 269 -2.02 -36.93 -13.71
C LEU A 269 -2.41 -37.63 -12.40
N GLU A 270 -3.00 -38.82 -12.49
CA GLU A 270 -3.41 -39.51 -11.27
C GLU A 270 -2.21 -39.85 -10.40
N ASP A 271 -1.06 -40.10 -11.00
CA ASP A 271 0.16 -40.27 -10.20
C ASP A 271 0.60 -38.93 -9.61
N TYR A 272 0.59 -37.86 -10.41
CA TYR A 272 1.13 -36.58 -9.94
C TYR A 272 0.27 -35.97 -8.84
N ASP A 273 -1.05 -36.02 -9.00
CA ASP A 273 -2.01 -35.36 -8.13
C ASP A 273 -2.34 -36.14 -6.86
N THR A 274 -1.85 -37.36 -6.72
CA THR A 274 -2.06 -38.13 -5.51
C THR A 274 -0.78 -38.41 -4.76
N LEU A 275 0.33 -38.58 -5.45
CA LEU A 275 1.62 -38.77 -4.80
C LEU A 275 2.41 -37.47 -4.64
N GLY A 276 2.01 -36.40 -5.29
CA GLY A 276 2.72 -35.15 -5.16
C GLY A 276 3.96 -34.98 -6.01
N THR A 277 4.15 -35.80 -7.04
CA THR A 277 5.29 -35.67 -7.94
C THR A 277 4.90 -34.76 -9.11
N LEU A 278 5.83 -34.58 -10.03
CA LEU A 278 5.64 -33.79 -11.23
C LEU A 278 5.96 -34.63 -12.46
N CYS A 279 5.39 -34.23 -13.59
CA CYS A 279 5.73 -34.81 -14.88
C CYS A 279 7.24 -34.87 -15.07
N ASN A 280 7.73 -36.03 -15.52
CA ASN A 280 9.14 -36.25 -15.79
C ASN A 280 9.35 -36.51 -17.29
N SER A 281 10.56 -36.89 -17.67
CA SER A 281 10.95 -36.99 -19.07
C SER A 281 10.63 -38.34 -19.71
N THR A 282 9.99 -39.25 -19.00
CA THR A 282 9.69 -40.56 -19.54
C THR A 282 8.40 -40.50 -20.36
N GLU A 283 8.51 -40.85 -21.64
CA GLU A 283 7.40 -40.82 -22.57
C GLU A 283 6.51 -42.06 -22.42
N ASP A 284 5.29 -41.96 -22.93
CA ASP A 284 4.31 -43.01 -22.66
C ASP A 284 3.48 -43.33 -23.90
N GLY A 285 2.20 -42.97 -23.93
CA GLY A 285 1.38 -43.29 -25.06
C GLY A 285 1.70 -42.47 -26.31
N PRO A 286 1.01 -42.78 -27.40
CA PRO A 286 1.19 -42.01 -28.63
C PRO A 286 0.22 -40.83 -28.69
N ILE A 287 0.42 -39.98 -29.70
CA ILE A 287 -0.50 -38.89 -29.94
C ILE A 287 -1.84 -39.43 -30.40
N ARG A 288 -2.91 -38.94 -29.79
CA ARG A 288 -4.27 -39.19 -30.23
C ARG A 288 -4.81 -37.95 -30.89
N ARG A 289 -5.38 -38.11 -32.07
CA ARG A 289 -5.95 -37.00 -32.82
C ARG A 289 -7.05 -37.57 -33.68
N ASN A 290 -8.19 -36.87 -33.73
CA ASN A 290 -9.35 -37.33 -34.50
C ASN A 290 -10.16 -36.12 -34.92
N PRO A 291 -9.65 -35.33 -35.86
CA PRO A 291 -10.30 -34.07 -36.20
C PRO A 291 -11.76 -34.22 -36.57
N ALA A 292 -12.57 -33.32 -36.07
CA ALA A 292 -14.02 -33.29 -36.24
C ALA A 292 -14.72 -34.52 -35.66
N GLY A 293 -14.02 -35.33 -34.89
CA GLY A 293 -14.56 -36.60 -34.46
C GLY A 293 -15.29 -36.63 -33.14
N ASN A 294 -15.57 -35.50 -32.51
CA ASN A 294 -16.28 -35.51 -31.24
C ASN A 294 -17.78 -35.53 -31.50
N VAL A 295 -18.31 -36.71 -31.82
CA VAL A 295 -19.71 -36.80 -32.22
C VAL A 295 -20.61 -36.45 -31.07
N ALA A 296 -20.15 -36.64 -29.83
CA ALA A 296 -20.97 -36.27 -28.68
C ALA A 296 -21.11 -34.77 -28.51
N ARG A 297 -20.37 -33.96 -29.26
CA ARG A 297 -20.32 -32.52 -29.02
C ARG A 297 -20.24 -31.80 -30.35
N PRO A 298 -21.37 -31.69 -31.06
CA PRO A 298 -21.36 -31.11 -32.40
C PRO A 298 -20.74 -29.72 -32.48
N MET A 299 -20.76 -28.96 -31.39
CA MET A 299 -20.24 -27.61 -31.48
C MET A 299 -18.73 -27.60 -31.71
N VAL A 300 -18.03 -28.69 -31.40
CA VAL A 300 -16.60 -28.75 -31.64
C VAL A 300 -16.27 -29.68 -32.81
N GLN A 301 -17.17 -29.80 -33.78
CA GLN A 301 -16.91 -30.60 -34.98
C GLN A 301 -16.66 -29.73 -36.20
N ARG A 302 -16.54 -28.42 -36.02
CA ARG A 302 -16.22 -27.51 -37.10
C ARG A 302 -15.37 -26.40 -36.53
N LEU A 303 -14.42 -25.92 -37.31
CA LEU A 303 -13.47 -24.90 -36.88
C LEU A 303 -14.12 -23.53 -36.87
N PRO A 304 -13.47 -22.53 -36.27
CA PRO A 304 -14.04 -21.18 -36.28
C PRO A 304 -14.15 -20.63 -37.69
N GLU A 305 -15.16 -19.78 -37.91
CA GLU A 305 -15.36 -19.17 -39.21
C GLU A 305 -14.46 -17.96 -39.36
N PRO A 306 -14.14 -17.56 -40.59
CA PRO A 306 -13.27 -16.39 -40.77
C PRO A 306 -13.79 -15.13 -40.12
N GLN A 307 -15.10 -14.92 -40.15
CA GLN A 307 -15.66 -13.74 -39.49
C GLN A 307 -15.45 -13.76 -37.99
N ASP A 308 -15.23 -14.94 -37.39
CA ASP A 308 -14.91 -14.99 -35.96
C ASP A 308 -13.63 -14.23 -35.66
N VAL A 309 -12.65 -14.26 -36.56
CA VAL A 309 -11.42 -13.52 -36.32
C VAL A 309 -11.65 -12.03 -36.47
N ALA A 310 -12.42 -11.62 -37.48
CA ALA A 310 -12.68 -10.20 -37.65
C ALA A 310 -13.49 -9.65 -36.49
N GLN A 311 -14.45 -10.43 -35.98
CA GLN A 311 -15.27 -9.94 -34.90
C GLN A 311 -14.48 -9.78 -33.62
N CYS A 312 -13.59 -10.72 -33.32
CA CYS A 312 -12.86 -10.61 -32.06
C CYS A 312 -11.88 -9.45 -32.08
N LEU A 313 -11.39 -9.06 -33.24
CA LEU A 313 -10.53 -7.89 -33.31
C LEU A 313 -11.32 -6.59 -33.19
N GLU A 314 -12.64 -6.62 -33.13
CA GLU A 314 -13.45 -5.45 -32.85
C GLU A 314 -13.61 -5.18 -31.36
N VAL A 315 -13.13 -6.07 -30.52
CA VAL A 315 -13.21 -5.94 -29.07
C VAL A 315 -12.02 -5.11 -28.59
N GLY A 316 -12.29 -3.93 -28.05
CA GLY A 316 -11.26 -2.94 -27.84
C GLY A 316 -10.57 -2.98 -26.51
N LEU A 317 -11.18 -3.60 -25.51
CA LEU A 317 -10.53 -3.75 -24.22
C LEU A 317 -9.77 -5.06 -24.18
N PHE A 318 -8.51 -5.02 -23.75
CA PHE A 318 -7.75 -6.25 -23.71
C PHE A 318 -8.40 -7.24 -22.76
N ASP A 319 -8.77 -6.79 -21.58
CA ASP A 319 -9.46 -7.68 -20.66
C ASP A 319 -10.42 -6.86 -19.80
N THR A 320 -11.39 -7.55 -19.23
CA THR A 320 -12.41 -6.92 -18.42
C THR A 320 -12.60 -7.71 -17.15
N PRO A 321 -13.02 -7.07 -16.05
CA PRO A 321 -13.26 -7.84 -14.85
C PRO A 321 -14.37 -8.84 -15.06
N PRO A 322 -14.33 -9.98 -14.36
CA PRO A 322 -13.33 -10.30 -13.34
C PRO A 322 -12.02 -10.91 -13.84
N PHE A 323 -11.66 -10.68 -15.09
CA PHE A 323 -10.39 -11.17 -15.65
C PHE A 323 -10.31 -12.69 -15.56
N TYR A 324 -11.30 -13.37 -16.10
CA TYR A 324 -11.45 -14.81 -15.94
C TYR A 324 -12.09 -15.37 -17.21
N SER A 325 -12.40 -16.65 -17.19
CA SER A 325 -13.05 -17.26 -18.34
C SER A 325 -14.50 -16.83 -18.49
N ASN A 326 -15.05 -16.07 -17.53
CA ASN A 326 -16.39 -15.52 -17.68
C ASN A 326 -16.38 -14.01 -17.85
N SER A 327 -15.25 -13.41 -18.24
CA SER A 327 -15.25 -12.02 -18.65
C SER A 327 -16.04 -11.81 -19.92
N THR A 328 -16.66 -10.66 -20.04
CA THR A 328 -17.40 -10.30 -21.24
C THR A 328 -16.80 -9.03 -21.82
N ASN A 329 -16.93 -8.86 -23.12
CA ASN A 329 -16.27 -7.79 -23.88
C ASN A 329 -14.78 -7.74 -23.58
N SER A 330 -14.17 -8.89 -23.36
CA SER A 330 -12.74 -9.01 -23.14
C SER A 330 -12.13 -9.59 -24.41
N PHE A 331 -11.17 -8.88 -25.01
CA PHE A 331 -10.48 -9.42 -26.16
C PHE A 331 -9.74 -10.69 -25.80
N ARG A 332 -9.01 -10.67 -24.68
CA ARG A 332 -8.29 -11.86 -24.24
C ARG A 332 -9.22 -13.05 -24.11
N ASN A 333 -10.38 -12.87 -23.48
CA ASN A 333 -11.30 -13.99 -23.31
C ASN A 333 -12.00 -14.35 -24.62
N THR A 334 -12.12 -13.42 -25.54
CA THR A 334 -12.77 -13.73 -26.80
C THR A 334 -11.86 -14.61 -27.66
N VAL A 335 -10.62 -14.19 -27.85
CA VAL A 335 -9.72 -15.01 -28.67
C VAL A 335 -9.30 -16.28 -27.93
N GLU A 336 -9.20 -16.26 -26.60
CA GLU A 336 -8.94 -17.50 -25.89
C GLU A 336 -10.06 -18.50 -26.15
N GLY A 337 -11.29 -18.02 -26.25
CA GLY A 337 -12.40 -18.80 -26.71
C GLY A 337 -13.50 -19.12 -25.72
N TYR A 338 -13.64 -18.35 -24.65
CA TYR A 338 -14.72 -18.57 -23.71
C TYR A 338 -15.90 -17.65 -23.96
N SER A 339 -15.74 -16.66 -24.82
CA SER A 339 -16.83 -15.83 -25.29
C SER A 339 -17.10 -16.15 -26.75
N ASP A 340 -18.25 -15.75 -27.22
CA ASP A 340 -18.44 -15.83 -28.66
C ASP A 340 -17.65 -14.67 -29.29
N PRO A 341 -17.38 -14.74 -30.58
CA PRO A 341 -16.43 -13.77 -31.16
C PRO A 341 -16.75 -12.30 -30.92
N THR A 342 -17.99 -11.97 -30.59
CA THR A 342 -18.31 -10.57 -30.33
C THR A 342 -17.99 -10.15 -28.91
N GLY A 343 -17.73 -11.09 -28.01
CA GLY A 343 -17.46 -10.76 -26.63
C GLY A 343 -18.51 -11.22 -25.64
N LYS A 344 -19.56 -11.90 -26.09
CA LYS A 344 -20.69 -12.24 -25.23
C LYS A 344 -20.40 -13.55 -24.49
N TYR A 345 -20.30 -13.46 -23.17
CA TYR A 345 -20.00 -14.65 -22.41
C TYR A 345 -21.21 -15.58 -22.39
N ASP A 346 -20.92 -16.85 -22.39
CA ASP A 346 -21.89 -17.93 -22.40
C ASP A 346 -21.15 -19.16 -21.91
N PRO A 347 -21.59 -19.79 -20.83
CA PRO A 347 -20.82 -20.94 -20.33
C PRO A 347 -20.71 -22.06 -21.34
N ALA A 348 -21.61 -22.13 -22.30
CA ALA A 348 -21.66 -23.21 -23.26
C ALA A 348 -20.83 -22.96 -24.50
N VAL A 349 -20.45 -21.71 -24.79
CA VAL A 349 -19.82 -21.39 -26.07
C VAL A 349 -18.36 -21.77 -26.01
N ARG A 350 -17.83 -22.26 -27.12
CA ARG A 350 -16.39 -22.42 -27.31
C ARG A 350 -16.01 -21.91 -28.69
N SER A 351 -15.15 -20.91 -28.75
CA SER A 351 -14.84 -20.27 -30.00
C SER A 351 -13.34 -20.18 -30.19
N LEU A 352 -12.93 -19.79 -31.39
CA LEU A 352 -11.55 -19.53 -31.80
C LEU A 352 -10.52 -20.46 -31.13
N HIS A 353 -9.61 -19.96 -30.30
CA HIS A 353 -8.51 -20.79 -29.79
C HIS A 353 -9.00 -22.05 -29.09
N ASN A 354 -10.02 -21.93 -28.23
CA ASN A 354 -10.54 -23.11 -27.57
C ASN A 354 -11.18 -24.06 -28.58
N LEU A 355 -11.92 -23.51 -29.54
CA LEU A 355 -12.57 -24.34 -30.53
C LEU A 355 -11.56 -25.15 -31.33
N ALA A 356 -10.45 -24.52 -31.69
CA ALA A 356 -9.44 -25.22 -32.48
C ALA A 356 -8.82 -26.39 -31.72
N HIS A 357 -8.60 -26.23 -30.42
CA HIS A 357 -8.09 -27.32 -29.58
C HIS A 357 -9.08 -28.49 -29.52
N LEU A 358 -10.34 -28.20 -29.26
CA LEU A 358 -11.32 -29.26 -29.06
C LEU A 358 -11.70 -29.94 -30.37
N PHE A 359 -11.56 -29.21 -31.48
CA PHE A 359 -11.77 -29.79 -32.79
C PHE A 359 -10.91 -31.02 -32.99
N LEU A 360 -9.72 -31.04 -32.40
CA LEU A 360 -8.79 -32.14 -32.60
C LEU A 360 -9.26 -33.42 -31.94
N ASN A 361 -10.16 -33.33 -30.96
CA ASN A 361 -10.78 -34.48 -30.31
C ASN A 361 -9.74 -35.52 -29.92
N GLY A 362 -8.78 -35.08 -29.13
CA GLY A 362 -7.72 -35.97 -28.73
C GLY A 362 -6.74 -35.33 -27.77
N THR A 363 -5.48 -35.72 -27.92
CA THR A 363 -4.42 -35.16 -27.10
C THR A 363 -4.42 -33.65 -27.13
N GLY A 364 -4.69 -33.06 -28.30
CA GLY A 364 -4.62 -31.63 -28.45
C GLY A 364 -5.70 -30.85 -27.73
N GLY A 365 -6.71 -31.53 -27.21
CA GLY A 365 -7.78 -30.84 -26.52
C GLY A 365 -7.76 -31.05 -25.04
N GLN A 366 -6.63 -31.48 -24.50
CA GLN A 366 -6.44 -31.69 -23.07
C GLN A 366 -5.35 -30.78 -22.55
N THR A 367 -5.69 -29.96 -21.55
CA THR A 367 -4.85 -28.83 -21.14
C THR A 367 -3.48 -29.28 -20.65
N HIS A 368 -3.41 -30.34 -19.86
CA HIS A 368 -2.11 -30.78 -19.37
C HIS A 368 -1.26 -31.44 -20.46
N LEU A 369 -1.86 -31.85 -21.58
CA LEU A 369 -1.14 -32.63 -22.58
C LEU A 369 -1.02 -31.97 -23.93
N SER A 370 -1.83 -30.95 -24.23
CA SER A 370 -2.04 -30.55 -25.62
C SER A 370 -0.78 -30.16 -26.40
N PRO A 371 0.30 -29.65 -25.80
CA PRO A 371 1.49 -29.39 -26.61
C PRO A 371 2.12 -30.65 -27.17
N ASN A 372 1.74 -31.83 -26.66
CA ASN A 372 2.28 -33.07 -27.21
C ASN A 372 1.89 -33.24 -28.68
N ASP A 373 0.74 -32.76 -29.07
CA ASP A 373 0.39 -32.74 -30.48
C ASP A 373 1.05 -31.52 -31.11
N PRO A 374 1.98 -31.70 -32.05
CA PRO A 374 2.71 -30.53 -32.57
C PRO A 374 1.84 -29.55 -33.30
N ILE A 375 0.57 -29.86 -33.57
CA ILE A 375 -0.34 -28.85 -34.10
C ILE A 375 -0.48 -27.67 -33.15
N PHE A 376 -0.30 -27.91 -31.84
CA PHE A 376 -0.25 -26.87 -30.83
C PHE A 376 0.60 -25.65 -31.25
N VAL A 377 1.81 -25.91 -31.76
CA VAL A 377 2.73 -24.83 -32.11
C VAL A 377 2.08 -23.88 -33.10
N LEU A 378 1.47 -24.42 -34.14
CA LEU A 378 0.86 -23.65 -35.21
C LEU A 378 -0.48 -23.07 -34.81
N LEU A 379 -1.22 -23.78 -33.97
CA LEU A 379 -2.43 -23.23 -33.39
C LEU A 379 -2.12 -21.97 -32.59
N HIS A 380 -1.01 -21.95 -31.90
CA HIS A 380 -0.65 -20.83 -31.05
C HIS A 380 0.12 -19.73 -31.76
N THR A 381 0.88 -20.01 -32.81
CA THR A 381 1.45 -18.90 -33.55
C THR A 381 0.36 -18.12 -34.24
N PHE A 382 -0.73 -18.77 -34.68
CA PHE A 382 -1.84 -18.04 -35.25
C PHE A 382 -2.59 -17.23 -34.18
N THR A 383 -2.86 -17.83 -33.02
CA THR A 383 -3.43 -17.08 -31.91
C THR A 383 -2.56 -15.90 -31.53
N ASP A 384 -1.24 -16.07 -31.57
CA ASP A 384 -0.33 -14.97 -31.31
C ASP A 384 -0.35 -13.95 -32.43
N ALA A 385 -0.62 -14.35 -33.67
CA ALA A 385 -0.74 -13.38 -34.74
C ALA A 385 -1.96 -12.50 -34.55
N VAL A 386 -3.09 -13.08 -34.14
CA VAL A 386 -4.28 -12.28 -33.81
C VAL A 386 -3.96 -11.30 -32.69
N PHE A 387 -3.23 -11.75 -31.69
CA PHE A 387 -2.81 -10.88 -30.60
C PHE A 387 -1.91 -9.77 -31.11
N ASP A 388 -0.98 -10.09 -32.00
CA ASP A 388 -0.08 -9.07 -32.52
C ASP A 388 -0.83 -8.05 -33.37
N GLU A 389 -1.83 -8.48 -34.13
CA GLU A 389 -2.66 -7.54 -34.87
C GLU A 389 -3.48 -6.66 -33.93
N TRP A 390 -3.98 -7.23 -32.85
CA TRP A 390 -4.65 -6.42 -31.84
C TRP A 390 -3.69 -5.39 -31.26
N LEU A 391 -2.45 -5.78 -31.00
CA LEU A 391 -1.51 -4.84 -30.40
C LEU A 391 -1.21 -3.66 -31.33
N ARG A 392 -1.10 -3.91 -32.63
CA ARG A 392 -0.91 -2.82 -33.57
C ARG A 392 -2.16 -1.96 -33.65
N ARG A 393 -3.32 -2.60 -33.77
CA ARG A 393 -4.55 -1.90 -34.07
C ARG A 393 -5.01 -1.02 -32.93
N TYR A 394 -4.68 -1.35 -31.69
CA TYR A 394 -5.12 -0.59 -30.53
C TYR A 394 -3.95 -0.01 -29.75
N ASN A 395 -2.79 0.12 -30.41
CA ASN A 395 -1.62 0.80 -29.86
C ASN A 395 -1.16 0.20 -28.55
N ALA A 396 -1.22 -1.14 -28.44
CA ALA A 396 -0.65 -1.86 -27.32
C ALA A 396 -1.18 -1.36 -25.99
N ASP A 397 -2.49 -1.14 -25.91
CA ASP A 397 -3.10 -0.53 -24.75
C ASP A 397 -3.19 -1.54 -23.63
N ILE A 398 -2.21 -1.48 -22.72
CA ILE A 398 -2.13 -2.39 -21.58
C ILE A 398 -2.95 -1.93 -20.38
N SER A 399 -3.70 -0.83 -20.51
CA SER A 399 -4.34 -0.21 -19.34
C SER A 399 -5.35 -1.14 -18.67
N THR A 400 -5.98 -2.03 -19.41
CA THR A 400 -6.95 -2.95 -18.81
C THR A 400 -6.31 -4.23 -18.30
N PHE A 401 -5.05 -4.45 -18.56
CA PHE A 401 -4.36 -5.61 -18.02
C PHE A 401 -4.13 -5.37 -16.54
N PRO A 402 -4.88 -6.03 -15.66
CA PRO A 402 -4.92 -5.62 -14.26
C PRO A 402 -3.60 -5.85 -13.56
N LEU A 403 -3.32 -4.96 -12.62
CA LEU A 403 -2.17 -5.10 -11.75
C LEU A 403 -2.47 -5.94 -10.52
N GLU A 404 -3.74 -6.09 -10.16
CA GLU A 404 -4.09 -6.85 -8.99
C GLU A 404 -5.50 -7.41 -9.14
N ASN A 405 -5.79 -8.40 -8.30
CA ASN A 405 -7.08 -9.07 -8.20
C ASN A 405 -7.39 -9.97 -9.39
N ALA A 406 -6.43 -10.20 -10.28
CA ALA A 406 -6.59 -11.22 -11.31
C ALA A 406 -6.38 -12.60 -10.70
N PRO A 407 -6.80 -13.66 -11.37
CA PRO A 407 -6.47 -15.00 -10.92
C PRO A 407 -4.97 -15.13 -10.70
N ILE A 408 -4.58 -15.97 -9.76
CA ILE A 408 -3.17 -16.03 -9.39
C ILE A 408 -2.35 -16.45 -10.60
N GLY A 409 -1.24 -15.75 -10.82
CA GLY A 409 -0.41 -15.91 -11.98
C GLY A 409 -0.68 -14.91 -13.08
N HIS A 410 -1.78 -14.19 -13.02
CA HIS A 410 -2.21 -13.32 -14.10
C HIS A 410 -2.13 -11.83 -13.80
N ASN A 411 -1.62 -11.43 -12.65
CA ASN A 411 -1.31 -10.02 -12.46
C ASN A 411 -0.28 -9.58 -13.49
N ARG A 412 -0.42 -8.34 -13.97
CA ARG A 412 0.43 -7.85 -15.05
C ARG A 412 1.91 -8.05 -14.77
N GLN A 413 2.35 -7.85 -13.53
CA GLN A 413 3.77 -7.89 -13.21
C GLN A 413 4.20 -9.23 -12.65
N TYR A 414 3.31 -10.22 -12.65
CA TYR A 414 3.66 -11.58 -12.29
C TYR A 414 4.70 -12.12 -13.27
N ASN A 415 5.69 -12.81 -12.75
CA ASN A 415 6.60 -13.53 -13.61
C ASN A 415 5.91 -14.78 -14.17
N MET A 416 5.82 -14.87 -15.49
CA MET A 416 5.03 -15.93 -16.11
C MET A 416 5.62 -17.30 -15.78
N VAL A 417 4.79 -18.18 -15.25
CA VAL A 417 5.23 -19.43 -14.64
C VAL A 417 5.33 -20.62 -15.63
N PRO A 418 6.45 -21.33 -15.65
CA PRO A 418 7.72 -21.23 -14.94
C PRO A 418 8.92 -20.74 -15.77
N PHE A 419 8.81 -19.65 -16.50
CA PHE A 419 9.86 -19.31 -17.45
C PHE A 419 11.07 -18.75 -16.75
N TRP A 420 12.25 -19.08 -17.29
CA TRP A 420 13.50 -18.58 -16.75
C TRP A 420 14.38 -17.96 -17.81
N PRO A 421 14.99 -16.80 -17.52
CA PRO A 421 14.89 -15.96 -16.32
C PRO A 421 13.49 -15.34 -16.12
N PRO A 422 13.23 -14.78 -14.95
CA PRO A 422 11.91 -14.17 -14.72
C PRO A 422 11.53 -13.20 -15.82
N VAL A 423 10.31 -13.34 -16.32
CA VAL A 423 9.81 -12.52 -17.41
C VAL A 423 8.35 -12.24 -17.15
N THR A 424 7.99 -10.96 -17.15
CA THR A 424 6.65 -10.51 -16.79
C THR A 424 5.76 -10.49 -18.02
N ASN A 425 4.46 -10.46 -17.78
CA ASN A 425 3.52 -10.28 -18.88
C ASN A 425 3.76 -8.96 -19.59
N THR A 426 4.21 -7.94 -18.88
CA THR A 426 4.44 -6.64 -19.49
C THR A 426 5.50 -6.73 -20.57
N GLU A 427 6.53 -7.55 -20.35
CA GLU A 427 7.62 -7.63 -21.31
C GLU A 427 7.19 -8.21 -22.65
N MET A 428 6.11 -8.97 -22.69
CA MET A 428 5.55 -9.53 -23.90
C MET A 428 4.43 -8.70 -24.49
N PHE A 429 3.90 -7.73 -23.76
CA PHE A 429 2.77 -6.93 -24.22
C PHE A 429 3.27 -5.76 -25.08
N VAL A 430 3.91 -6.14 -26.19
CA VAL A 430 4.51 -5.21 -27.12
C VAL A 430 4.26 -5.72 -28.53
N THR A 431 4.12 -4.81 -29.49
CA THR A 431 4.03 -5.21 -30.88
C THR A 431 5.32 -5.92 -31.29
N ALA A 432 5.19 -7.10 -31.85
CA ALA A 432 6.33 -7.98 -32.08
C ALA A 432 7.37 -7.49 -33.09
N PRO A 433 6.99 -6.90 -34.23
CA PRO A 433 8.02 -6.49 -35.21
C PRO A 433 9.03 -5.49 -34.68
N ASP A 434 8.56 -4.46 -33.99
CA ASP A 434 9.48 -3.45 -33.44
C ASP A 434 10.23 -3.94 -32.21
N ASN A 435 9.67 -4.88 -31.46
CA ASN A 435 10.18 -5.15 -30.13
C ASN A 435 10.67 -6.57 -29.86
N LEU A 436 10.22 -7.56 -30.62
CA LEU A 436 10.58 -8.94 -30.36
C LEU A 436 11.20 -9.63 -31.58
N GLY A 437 11.41 -8.91 -32.67
CA GLY A 437 12.18 -9.43 -33.77
C GLY A 437 11.48 -10.44 -34.66
N TYR A 438 10.16 -10.38 -34.74
CA TYR A 438 9.43 -11.24 -35.66
C TYR A 438 8.13 -10.57 -36.03
N THR A 439 7.61 -10.94 -37.20
CA THR A 439 6.36 -10.42 -37.71
C THR A 439 5.65 -11.55 -38.43
N TYR A 440 4.36 -11.37 -38.67
CA TYR A 440 3.56 -12.36 -39.36
C TYR A 440 3.25 -11.89 -40.77
N GLU A 441 3.54 -12.75 -41.75
CA GLU A 441 3.03 -12.59 -43.10
C GLU A 441 1.59 -13.09 -43.09
N ILE A 442 0.63 -12.18 -43.10
CA ILE A 442 -0.76 -12.55 -42.90
C ILE A 442 -1.64 -11.38 -43.33
N GLN A 443 -2.87 -11.68 -43.74
CA GLN A 443 -3.86 -10.66 -44.04
C GLN A 443 -5.16 -11.02 -43.34
N TRP A 444 -5.87 -10.00 -42.89
CA TRP A 444 -7.01 -10.15 -42.03
C TRP A 444 -8.31 -9.86 -42.77
N PRO A 445 -9.39 -10.55 -42.43
CA PRO A 445 -10.65 -10.35 -43.17
C PRO A 445 -11.22 -8.95 -42.95
N SER A 446 -11.73 -8.37 -44.03
CA SER A 446 -12.40 -7.08 -43.99
C SER A 446 -13.05 -6.80 -45.35
N GLN B 1 19.48 10.79 2.58
CA GLN B 1 18.07 10.68 2.24
C GLN B 1 17.75 10.67 0.77
N PHE B 2 16.50 10.99 0.48
CA PHE B 2 15.81 10.57 -0.72
C PHE B 2 15.44 11.73 -1.64
N PRO B 3 15.27 11.46 -2.92
CA PRO B 3 14.71 12.47 -3.81
C PRO B 3 13.40 13.03 -3.27
N ARG B 4 13.16 14.30 -3.57
CA ARG B 4 11.94 14.92 -3.08
C ARG B 4 10.69 14.27 -3.66
N GLN B 5 10.78 13.67 -4.85
CA GLN B 5 9.63 12.96 -5.39
C GLN B 5 9.41 11.58 -4.75
N CYS B 6 10.34 11.09 -3.95
CA CYS B 6 10.13 9.88 -3.18
C CYS B 6 9.81 10.15 -1.71
N ALA B 7 9.84 11.41 -1.30
CA ALA B 7 9.53 11.81 0.08
C ALA B 7 8.06 12.11 0.29
N THR B 8 7.18 11.36 -0.35
CA THR B 8 5.74 11.57 -0.29
C THR B 8 5.07 10.42 0.46
N VAL B 9 3.77 10.60 0.72
CA VAL B 9 2.98 9.53 1.31
C VAL B 9 2.81 8.39 0.31
N GLU B 10 2.57 8.72 -0.96
CA GLU B 10 2.45 7.68 -1.99
C GLU B 10 3.72 6.83 -2.04
N ALA B 11 4.88 7.45 -2.19
CA ALA B 11 6.10 6.69 -2.39
C ALA B 11 6.48 5.91 -1.14
N LEU B 12 6.37 6.53 0.03
CA LEU B 12 6.78 5.85 1.25
C LEU B 12 5.87 4.68 1.57
N ARG B 13 4.61 4.74 1.17
CA ARG B 13 3.71 3.62 1.44
C ARG B 13 3.82 2.53 0.39
N SER B 14 4.18 2.87 -0.86
CA SER B 14 4.34 1.90 -1.93
C SER B 14 5.68 1.18 -1.87
N GLY B 15 6.64 1.67 -1.10
CA GLY B 15 7.95 1.08 -1.07
C GLY B 15 8.79 1.31 -2.30
N MET B 16 8.38 2.20 -3.19
CA MET B 16 9.03 2.38 -4.48
C MET B 16 9.56 3.79 -4.60
N CYS B 17 10.86 3.92 -4.82
CA CYS B 17 11.50 5.19 -5.16
C CYS B 17 12.10 5.01 -6.56
N CYS B 18 11.27 5.27 -7.56
CA CYS B 18 11.62 5.12 -8.98
C CYS B 18 11.05 6.31 -9.72
N PRO B 19 11.66 7.47 -9.60
CA PRO B 19 11.04 8.68 -10.14
C PRO B 19 11.02 8.68 -11.65
N ASP B 20 10.07 9.45 -12.19
CA ASP B 20 10.03 9.65 -13.62
C ASP B 20 11.24 10.46 -14.03
N LEU B 21 11.67 10.25 -15.26
CA LEU B 21 12.71 11.02 -15.83
C LEU B 21 12.08 11.99 -16.77
N SER B 22 11.59 11.48 -17.89
CA SER B 22 10.88 12.29 -18.86
C SER B 22 9.45 11.81 -18.98
N PRO B 23 8.53 12.48 -18.20
CA PRO B 23 7.22 11.83 -18.14
C PRO B 23 6.09 12.47 -18.97
N VAL B 24 6.25 12.48 -20.28
CA VAL B 24 5.36 13.26 -21.12
C VAL B 24 3.97 12.69 -21.27
N SER B 25 3.80 11.42 -20.95
CA SER B 25 2.48 10.84 -21.00
C SER B 25 1.86 10.90 -19.63
N GLY B 26 2.57 11.43 -18.65
CA GLY B 26 2.03 11.63 -17.34
C GLY B 26 2.70 10.80 -16.27
N PRO B 27 2.39 11.16 -14.93
CA PRO B 27 3.02 10.32 -13.88
C PRO B 27 3.19 8.86 -14.14
N GLY B 28 4.18 8.27 -13.52
CA GLY B 28 4.42 6.85 -13.63
C GLY B 28 4.83 6.29 -14.97
N THR B 29 4.98 7.12 -15.97
CA THR B 29 5.26 6.60 -17.30
C THR B 29 6.68 6.63 -17.81
N ASP B 30 7.61 7.12 -17.03
CA ASP B 30 8.99 7.07 -17.43
C ASP B 30 9.85 6.74 -16.26
N ARG B 31 9.38 5.84 -15.44
CA ARG B 31 10.13 5.51 -14.25
C ARG B 31 11.53 5.07 -14.63
N CYS B 32 12.53 5.74 -14.06
CA CYS B 32 13.95 5.45 -14.27
C CYS B 32 14.38 5.71 -15.70
N GLY B 33 13.61 6.47 -16.45
CA GLY B 33 13.91 6.70 -17.85
C GLY B 33 13.78 5.47 -18.73
N SER B 34 12.80 4.60 -18.43
CA SER B 34 12.61 3.36 -19.17
C SER B 34 11.97 3.54 -20.53
N SER B 35 11.37 4.71 -20.82
CA SER B 35 10.81 4.89 -22.16
C SER B 35 11.94 4.95 -23.19
N SER B 36 12.99 5.71 -22.89
CA SER B 36 14.25 5.52 -23.60
C SER B 36 14.93 4.32 -22.94
N GLY B 37 16.17 4.04 -23.28
CA GLY B 37 16.77 2.82 -22.74
C GLY B 37 17.57 2.93 -21.47
N ARG B 38 17.26 3.92 -20.61
CA ARG B 38 18.24 4.37 -19.63
C ARG B 38 18.20 3.58 -18.33
N GLY B 39 17.07 3.02 -17.94
CA GLY B 39 17.06 2.16 -16.78
C GLY B 39 15.70 1.60 -16.51
N ARG B 40 15.57 0.94 -15.38
CA ARG B 40 14.29 0.34 -15.02
C ARG B 40 14.11 0.37 -13.52
N CYS B 41 12.85 0.42 -13.11
CA CYS B 41 12.51 0.20 -11.72
C CYS B 41 12.72 -1.28 -11.40
N GLU B 42 13.27 -1.55 -10.23
CA GLU B 42 13.82 -2.88 -9.98
C GLU B 42 13.85 -3.11 -8.49
N ALA B 43 13.98 -4.37 -8.08
CA ALA B 43 14.09 -4.67 -6.67
C ALA B 43 15.45 -4.24 -6.13
N VAL B 44 15.46 -3.79 -4.88
CA VAL B 44 16.69 -3.38 -4.22
C VAL B 44 17.46 -4.63 -3.83
N THR B 45 18.74 -4.64 -4.11
CA THR B 45 19.68 -5.63 -3.61
C THR B 45 20.37 -5.11 -2.35
N ALA B 46 20.29 -5.87 -1.27
CA ALA B 46 20.84 -5.46 0.02
C ALA B 46 21.55 -6.61 0.70
N ASP B 47 22.72 -6.32 1.28
CA ASP B 47 23.49 -7.30 2.03
C ASP B 47 22.65 -7.95 3.10
N SER B 48 22.63 -9.29 3.09
CA SER B 48 21.95 -10.06 4.12
C SER B 48 22.92 -10.82 4.99
N ARG B 49 24.20 -10.60 4.84
CA ARG B 49 25.18 -11.36 5.57
C ARG B 49 25.21 -10.88 7.03
N PRO B 50 25.70 -11.71 7.93
CA PRO B 50 25.72 -11.31 9.35
C PRO B 50 26.77 -10.25 9.64
N HIS B 51 26.51 -9.50 10.70
CA HIS B 51 27.43 -8.51 11.20
C HIS B 51 27.95 -8.90 12.57
N SER B 52 28.98 -8.21 13.02
CA SER B 52 29.61 -8.49 14.29
C SER B 52 28.57 -8.41 15.40
N PRO B 53 28.76 -9.15 16.49
CA PRO B 53 27.77 -9.13 17.57
C PRO B 53 27.77 -7.84 18.37
N GLN B 54 28.67 -6.91 18.05
CA GLN B 54 28.75 -5.64 18.75
C GLN B 54 27.42 -4.89 18.70
N TYR B 55 26.72 -4.98 17.59
CA TYR B 55 25.43 -4.33 17.46
C TYR B 55 24.35 -5.32 17.83
N PRO B 56 23.71 -5.18 18.99
CA PRO B 56 22.71 -6.17 19.45
C PRO B 56 21.26 -5.83 19.13
N HIS B 57 20.97 -4.70 18.50
CA HIS B 57 19.60 -4.22 18.38
C HIS B 57 18.99 -4.42 17.00
N ASP B 58 19.24 -5.54 16.33
CA ASP B 58 18.55 -5.82 15.08
C ASP B 58 17.05 -5.67 15.27
N GLY B 59 16.45 -4.85 14.43
CA GLY B 59 15.04 -4.57 14.46
C GLY B 59 14.70 -3.16 14.88
N ARG B 60 15.66 -2.40 15.41
CA ARG B 60 15.35 -1.10 15.98
C ARG B 60 15.79 0.10 15.14
N ASP B 61 16.67 -0.07 14.17
CA ASP B 61 17.30 1.06 13.50
C ASP B 61 17.01 1.06 12.01
N ASP B 62 16.53 2.20 11.51
CA ASP B 62 16.17 2.32 10.10
C ASP B 62 17.36 2.12 9.17
N ARG B 63 18.58 2.13 9.67
CA ARG B 63 19.76 2.00 8.84
C ARG B 63 20.16 0.56 8.60
N GLU B 64 19.61 -0.38 9.37
CA GLU B 64 19.88 -1.78 9.13
C GLU B 64 19.37 -2.17 7.77
N VAL B 65 20.17 -2.96 7.05
CA VAL B 65 19.81 -3.49 5.75
C VAL B 65 19.42 -2.35 4.80
N TRP B 66 20.23 -1.30 4.79
CA TRP B 66 19.92 -0.11 4.00
C TRP B 66 19.72 -0.48 2.52
N PRO B 67 18.65 0.02 1.88
CA PRO B 67 17.61 0.92 2.35
C PRO B 67 16.27 0.26 2.64
N LEU B 68 16.25 -1.01 3.04
CA LEU B 68 15.00 -1.76 2.97
C LEU B 68 13.94 -1.29 3.95
N ARG B 69 14.28 -0.54 5.01
CA ARG B 69 13.21 -0.04 5.88
C ARG B 69 12.45 1.12 5.28
N PHE B 70 12.87 1.66 4.15
CA PHE B 70 12.14 2.71 3.48
C PHE B 70 11.67 2.36 2.09
N PHE B 71 12.51 1.71 1.29
CA PHE B 71 12.16 1.39 -0.07
C PHE B 71 12.77 0.05 -0.46
N ASN B 72 12.03 -0.73 -1.23
CA ASN B 72 12.58 -1.94 -1.82
C ASN B 72 12.56 -1.93 -3.34
N ARG B 73 12.20 -0.81 -3.96
CA ARG B 73 12.35 -0.65 -5.40
C ARG B 73 13.10 0.63 -5.69
N THR B 74 14.12 0.51 -6.54
CA THR B 74 15.02 1.59 -6.89
C THR B 74 15.23 1.60 -8.40
N CYS B 75 15.83 2.67 -8.90
CA CYS B 75 16.26 2.72 -10.28
C CYS B 75 17.59 2.01 -10.42
N HIS B 76 17.70 1.14 -11.42
CA HIS B 76 18.96 0.57 -11.82
C HIS B 76 19.24 1.10 -13.21
N CYS B 77 20.35 1.78 -13.36
CA CYS B 77 20.57 2.49 -14.62
C CYS B 77 21.39 1.66 -15.59
N ASN B 78 21.05 1.83 -16.86
CA ASN B 78 21.58 1.01 -17.93
C ASN B 78 22.87 1.62 -18.46
N GLY B 79 23.80 0.76 -18.84
CA GLY B 79 25.02 1.27 -19.46
C GLY B 79 25.78 2.14 -18.49
N ASN B 80 26.21 3.29 -18.99
CA ASN B 80 26.93 4.28 -18.19
C ASN B 80 26.02 5.40 -17.73
N PHE B 81 24.71 5.20 -17.75
CA PHE B 81 23.82 6.15 -17.11
C PHE B 81 23.85 5.98 -15.60
N SER B 82 23.41 7.02 -14.90
CA SER B 82 23.45 7.05 -13.44
C SER B 82 22.47 8.10 -12.95
N GLY B 83 22.33 8.16 -11.64
CA GLY B 83 21.45 9.10 -10.98
C GLY B 83 20.20 8.42 -10.43
N HIS B 84 19.52 9.12 -9.53
CA HIS B 84 18.28 8.60 -8.95
C HIS B 84 17.26 8.35 -10.04
N ASN B 85 17.41 9.05 -11.16
CA ASN B 85 16.50 9.09 -12.28
C ASN B 85 17.03 8.37 -13.50
N CYS B 86 18.24 7.82 -13.42
CA CYS B 86 19.00 7.47 -14.61
C CYS B 86 19.09 8.66 -15.56
N GLY B 87 18.97 9.86 -15.02
CA GLY B 87 18.96 11.09 -15.78
C GLY B 87 20.28 11.82 -15.91
N THR B 88 21.38 11.23 -15.46
CA THR B 88 22.70 11.84 -15.61
C THR B 88 23.67 10.70 -15.93
N CYS B 89 24.97 10.91 -15.73
CA CYS B 89 25.93 9.90 -16.14
C CYS B 89 26.75 9.40 -14.96
N ARG B 90 27.21 8.17 -15.09
CA ARG B 90 28.15 7.58 -14.14
C ARG B 90 29.39 8.45 -14.03
N PRO B 91 30.11 8.42 -12.91
CA PRO B 91 31.31 9.27 -12.80
C PRO B 91 32.32 8.95 -13.90
N GLY B 92 32.79 9.99 -14.56
CA GLY B 92 33.76 9.82 -15.62
C GLY B 92 33.21 9.83 -17.03
N TRP B 93 31.97 10.27 -17.22
CA TRP B 93 31.28 10.17 -18.50
C TRP B 93 30.42 11.40 -18.72
N ARG B 94 30.52 11.93 -19.92
CA ARG B 94 29.85 13.12 -20.36
C ARG B 94 29.20 12.80 -21.72
N GLY B 95 28.10 13.50 -21.94
CA GLY B 95 27.21 13.55 -23.07
C GLY B 95 25.78 13.17 -22.72
N ALA B 96 24.83 13.68 -23.51
CA ALA B 96 23.65 12.87 -23.68
C ALA B 96 24.18 11.59 -24.30
N ALA B 97 23.61 10.48 -23.89
CA ALA B 97 24.05 9.14 -24.23
C ALA B 97 25.29 8.75 -23.43
N CYS B 98 25.90 9.66 -22.66
CA CYS B 98 26.96 9.31 -21.72
C CYS B 98 28.06 8.48 -22.37
N ASP B 99 28.59 8.98 -23.48
CA ASP B 99 29.58 8.22 -24.24
C ASP B 99 30.92 8.93 -24.39
N GLN B 100 31.10 10.09 -23.76
CA GLN B 100 32.36 10.82 -23.81
C GLN B 100 33.09 10.64 -22.47
N ARG B 101 34.29 10.07 -22.52
CA ARG B 101 35.06 9.89 -21.30
C ARG B 101 35.66 11.20 -20.83
N VAL B 102 35.58 11.45 -19.52
CA VAL B 102 36.09 12.66 -18.91
C VAL B 102 36.93 12.26 -17.70
N LEU B 103 37.93 13.09 -17.39
CA LEU B 103 38.81 12.81 -16.25
C LEU B 103 39.18 14.14 -15.63
N ILE B 104 38.72 14.38 -14.40
CA ILE B 104 39.05 15.61 -13.68
C ILE B 104 40.19 15.31 -12.71
N VAL B 105 40.85 16.36 -12.24
CA VAL B 105 42.07 16.20 -11.47
C VAL B 105 41.91 16.96 -10.17
N ARG B 106 42.01 16.26 -9.05
CA ARG B 106 41.95 16.85 -7.72
C ARG B 106 43.34 17.28 -7.32
N ARG B 107 43.51 18.56 -7.04
CA ARG B 107 44.82 19.15 -6.85
C ARG B 107 45.01 19.67 -5.44
N ASN B 108 46.27 19.82 -5.05
CA ASN B 108 46.61 20.45 -3.79
C ASN B 108 46.07 21.87 -3.77
N LEU B 109 45.38 22.23 -2.69
CA LEU B 109 44.78 23.55 -2.63
C LEU B 109 45.82 24.64 -2.71
N LEU B 110 47.01 24.40 -2.16
CA LEU B 110 48.04 25.43 -2.15
C LEU B 110 48.71 25.61 -3.50
N ASP B 111 48.55 24.67 -4.42
CA ASP B 111 49.06 24.78 -5.78
C ASP B 111 48.06 25.46 -6.70
N LEU B 112 46.89 25.82 -6.21
CA LEU B 112 45.90 26.46 -7.06
C LEU B 112 46.31 27.90 -7.32
N SER B 113 45.84 28.44 -8.45
CA SER B 113 46.08 29.83 -8.71
C SER B 113 45.25 30.68 -7.75
N LYS B 114 45.59 31.96 -7.67
CA LYS B 114 44.82 32.84 -6.80
C LYS B 114 43.37 32.95 -7.26
N GLU B 115 43.14 32.91 -8.57
CA GLU B 115 41.77 32.96 -9.07
C GLU B 115 41.04 31.65 -8.80
N GLU B 116 41.73 30.52 -8.91
CA GLU B 116 41.14 29.23 -8.59
C GLU B 116 40.84 29.10 -7.09
N LYS B 117 41.75 29.57 -6.23
CA LYS B 117 41.50 29.56 -4.79
C LYS B 117 40.24 30.33 -4.44
N ASN B 118 40.01 31.46 -5.09
CA ASN B 118 38.80 32.23 -4.81
C ASN B 118 37.57 31.53 -5.36
N HIS B 119 37.69 30.86 -6.49
CA HIS B 119 36.55 30.14 -7.06
C HIS B 119 36.13 28.97 -6.15
N PHE B 120 37.08 28.24 -5.61
CA PHE B 120 36.74 27.11 -4.75
C PHE B 120 36.08 27.58 -3.48
N VAL B 121 36.57 28.69 -2.89
CA VAL B 121 35.99 29.22 -1.66
C VAL B 121 34.56 29.69 -1.89
N ARG B 122 34.33 30.45 -2.96
CA ARG B 122 32.98 30.96 -3.18
C ARG B 122 32.02 29.86 -3.62
N ALA B 123 32.52 28.85 -4.34
CA ALA B 123 31.68 27.69 -4.64
C ALA B 123 31.25 26.98 -3.36
N LEU B 124 32.19 26.75 -2.44
CA LEU B 124 31.87 26.18 -1.15
C LEU B 124 30.76 26.96 -0.47
N ASP B 125 30.87 28.28 -0.50
CA ASP B 125 29.88 29.12 0.18
C ASP B 125 28.56 29.10 -0.55
N MET B 126 28.57 28.98 -1.87
CA MET B 126 27.33 28.85 -2.60
C MET B 126 26.67 27.51 -2.30
N ALA B 127 27.48 26.46 -2.15
CA ALA B 127 26.91 25.18 -1.77
C ALA B 127 26.27 25.24 -0.40
N LYS B 128 26.82 26.06 0.49
CA LYS B 128 26.26 26.20 1.82
C LYS B 128 24.91 26.91 1.82
N ARG B 129 24.63 27.73 0.80
CA ARG B 129 23.43 28.55 0.81
C ARG B 129 22.35 28.09 -0.13
N THR B 130 22.68 27.26 -1.11
CA THR B 130 21.74 26.88 -2.15
C THR B 130 20.99 25.61 -1.76
N THR B 131 19.67 25.66 -1.82
CA THR B 131 18.87 24.49 -1.54
C THR B 131 19.25 23.36 -2.49
N HIS B 132 19.45 22.16 -1.94
CA HIS B 132 19.79 21.02 -2.76
C HIS B 132 18.64 20.75 -3.72
N PRO B 133 18.90 20.66 -5.01
CA PRO B 133 17.80 20.53 -5.97
C PRO B 133 17.06 19.23 -5.87
N LEU B 134 17.70 18.19 -5.34
CA LEU B 134 17.16 16.84 -5.45
C LEU B 134 16.81 16.21 -4.11
N PHE B 135 17.67 16.30 -3.11
CA PHE B 135 17.52 15.55 -1.87
C PHE B 135 16.87 16.39 -0.77
N VAL B 136 15.99 15.76 -0.01
CA VAL B 136 15.46 16.29 1.23
C VAL B 136 15.87 15.35 2.35
N ILE B 137 15.91 15.87 3.58
CA ILE B 137 16.37 15.08 4.73
C ILE B 137 15.21 14.83 5.69
N ALA B 138 15.21 13.66 6.30
CA ALA B 138 14.21 13.33 7.32
C ALA B 138 14.55 13.96 8.65
N THR B 139 13.53 14.45 9.34
CA THR B 139 13.71 14.94 10.71
C THR B 139 13.22 13.96 11.76
N ARG B 140 12.55 12.88 11.36
CA ARG B 140 12.03 11.88 12.26
C ARG B 140 12.41 10.49 11.76
N ARG B 141 12.42 9.53 12.67
CA ARG B 141 12.64 8.15 12.29
C ARG B 141 11.40 7.58 11.59
N SER B 142 11.54 6.36 11.08
CA SER B 142 10.51 5.81 10.21
C SER B 142 9.16 5.70 10.92
N GLU B 143 9.17 5.35 12.21
CA GLU B 143 7.93 5.30 12.97
C GLU B 143 7.13 6.60 12.85
N GLU B 144 7.79 7.73 12.83
CA GLU B 144 7.10 9.02 12.83
C GLU B 144 7.19 9.75 11.49
N ILE B 145 7.64 9.07 10.43
CA ILE B 145 8.04 9.76 9.21
C ILE B 145 6.88 10.46 8.51
N LEU B 146 5.65 10.04 8.75
CA LEU B 146 4.50 10.65 8.06
C LEU B 146 3.74 11.60 8.96
N GLY B 147 4.29 11.95 10.11
CA GLY B 147 3.71 12.95 10.97
C GLY B 147 2.70 12.32 11.91
N PRO B 148 2.10 13.13 12.76
CA PRO B 148 1.09 12.60 13.68
C PRO B 148 -0.24 12.38 12.96
N ASP B 149 -0.57 13.26 12.03
CA ASP B 149 -1.79 13.09 11.25
C ASP B 149 -1.65 12.06 10.14
N GLY B 150 -0.47 11.43 10.00
CA GLY B 150 -0.30 10.42 8.98
C GLY B 150 -0.30 10.91 7.54
N ASN B 151 -0.33 12.22 7.32
CA ASN B 151 -0.45 12.78 5.98
C ASN B 151 0.58 13.89 5.72
N THR B 152 1.61 13.98 6.55
CA THR B 152 2.61 15.03 6.41
C THR B 152 4.00 14.44 6.51
N PRO B 153 4.69 14.24 5.39
CA PRO B 153 6.03 13.64 5.46
C PRO B 153 6.98 14.55 6.22
N GLN B 154 7.75 13.95 7.13
CA GLN B 154 8.66 14.73 7.96
C GLN B 154 10.00 14.86 7.26
N PHE B 155 9.97 15.61 6.17
CA PHE B 155 11.17 15.93 5.42
C PHE B 155 11.30 17.44 5.30
N GLU B 156 12.54 17.89 5.22
CA GLU B 156 12.86 19.30 5.06
C GLU B 156 13.85 19.44 3.92
N ASN B 157 13.78 20.57 3.23
CA ASN B 157 14.85 20.92 2.32
C ASN B 157 16.12 21.20 3.10
N ILE B 158 17.25 21.15 2.39
CA ILE B 158 18.53 21.37 3.01
C ILE B 158 19.49 21.79 1.93
N SER B 159 20.52 22.54 2.31
CA SER B 159 21.42 23.07 1.31
C SER B 159 22.36 21.98 0.82
N ILE B 160 23.02 22.26 -0.31
CA ILE B 160 23.94 21.29 -0.89
C ILE B 160 25.01 20.87 0.10
N TYR B 161 25.64 21.85 0.75
CA TYR B 161 26.69 21.49 1.69
C TYR B 161 26.12 20.91 2.98
N ASN B 162 24.95 21.35 3.42
CA ASN B 162 24.42 20.78 4.65
C ASN B 162 23.92 19.35 4.45
N TYR B 163 23.46 19.01 3.25
CA TYR B 163 23.18 17.60 2.93
C TYR B 163 24.43 16.75 3.10
N PHE B 164 25.57 17.25 2.62
CA PHE B 164 26.86 16.61 2.89
C PHE B 164 27.12 16.46 4.39
N VAL B 165 26.72 17.44 5.20
CA VAL B 165 26.88 17.30 6.65
C VAL B 165 25.89 16.30 7.22
N TRP B 166 24.65 16.28 6.69
CA TRP B 166 23.59 15.46 7.26
C TRP B 166 23.86 13.97 7.08
N THR B 167 24.22 13.53 5.87
CA THR B 167 24.44 12.11 5.64
C THR B 167 25.56 11.55 6.51
N HIS B 168 26.63 12.33 6.72
CA HIS B 168 27.68 11.92 7.67
C HIS B 168 27.13 11.82 9.10
N TYR B 169 26.29 12.78 9.50
CA TYR B 169 25.65 12.70 10.82
C TYR B 169 24.80 11.44 10.95
N TYR B 170 23.94 11.18 9.96
CA TYR B 170 23.04 10.05 10.00
C TYR B 170 23.80 8.73 10.06
N SER B 171 24.97 8.66 9.43
CA SER B 171 25.69 7.40 9.41
C SER B 171 26.39 7.09 10.72
N VAL B 172 26.56 8.08 11.59
CA VAL B 172 27.29 7.88 12.84
C VAL B 172 26.42 8.04 14.09
N LYS B 173 25.17 8.48 13.96
CA LYS B 173 24.31 8.76 15.09
C LYS B 173 23.96 7.49 15.88
N LYS B 174 23.50 7.69 17.11
CA LYS B 174 23.19 6.58 18.00
C LYS B 174 21.86 5.92 17.64
N THR B 175 21.78 4.62 17.89
CA THR B 175 20.52 3.90 17.73
C THR B 175 19.57 4.29 18.86
N PHE B 176 18.45 4.90 18.52
CA PHE B 176 17.44 5.28 19.49
C PHE B 176 16.65 4.05 19.91
N LEU B 177 16.57 3.82 21.21
CA LEU B 177 15.87 2.69 21.78
C LEU B 177 14.56 3.08 22.46
N GLY B 178 14.23 4.35 22.53
CA GLY B 178 12.95 4.73 23.06
C GLY B 178 13.06 5.79 24.11
N VAL B 179 12.00 6.56 24.34
CA VAL B 179 12.02 7.56 25.39
C VAL B 179 12.27 6.89 26.72
N GLY B 180 13.10 7.51 27.56
CA GLY B 180 13.48 6.91 28.81
C GLY B 180 14.52 5.83 28.73
N GLN B 181 15.00 5.49 27.55
CA GLN B 181 16.05 4.49 27.38
C GLN B 181 17.35 5.19 27.02
N GLU B 182 18.47 4.54 27.32
CA GLU B 182 19.76 5.09 26.93
C GLU B 182 20.11 4.65 25.52
N SER B 183 20.31 5.63 24.64
CA SER B 183 20.59 5.35 23.23
C SER B 183 21.92 4.65 23.08
N PHE B 184 21.98 3.76 22.11
CA PHE B 184 23.14 2.89 21.93
C PHE B 184 24.14 3.52 20.98
N GLY B 185 25.41 3.49 21.36
CA GLY B 185 26.43 4.21 20.61
C GLY B 185 27.59 3.39 20.11
N GLU B 186 27.58 2.07 20.34
CA GLU B 186 28.62 1.21 19.78
C GLU B 186 28.26 0.77 18.36
N VAL B 187 27.94 1.76 17.52
CA VAL B 187 27.54 1.55 16.14
C VAL B 187 28.04 2.74 15.34
N ASP B 188 28.56 2.48 14.15
CA ASP B 188 29.05 3.55 13.28
C ASP B 188 29.18 3.00 11.88
N PHE B 189 28.32 3.46 10.98
CA PHE B 189 28.22 2.92 9.63
C PHE B 189 29.28 3.45 8.67
N SER B 190 30.14 4.34 9.10
CA SER B 190 31.14 4.92 8.23
C SER B 190 32.53 5.07 8.83
N HIS B 191 32.73 4.69 10.08
CA HIS B 191 34.04 4.73 10.72
C HIS B 191 34.26 3.45 11.49
N GLU B 192 35.49 3.23 11.91
CA GLU B 192 35.87 2.13 12.77
C GLU B 192 35.40 0.80 12.18
N GLY B 193 35.78 0.60 10.92
CA GLY B 193 35.37 -0.55 10.16
C GLY B 193 35.86 -0.39 8.75
N PRO B 194 35.80 -1.46 7.95
CA PRO B 194 36.39 -1.40 6.62
C PRO B 194 35.72 -0.43 5.67
N ALA B 195 34.46 -0.09 5.87
CA ALA B 195 33.77 0.82 4.97
C ALA B 195 34.15 2.28 5.19
N PHE B 196 35.14 2.57 6.02
CA PHE B 196 35.53 3.95 6.26
C PHE B 196 35.99 4.64 4.98
N LEU B 197 36.86 3.97 4.22
CA LEU B 197 37.47 4.60 3.04
C LEU B 197 36.49 4.69 1.87
N THR B 198 35.66 3.68 1.69
CA THR B 198 34.74 3.69 0.58
C THR B 198 33.53 4.56 0.86
N TRP B 199 33.07 4.59 2.11
CA TRP B 199 31.98 5.49 2.49
C TRP B 199 32.40 6.92 2.23
N HIS B 200 33.57 7.31 2.70
CA HIS B 200 33.99 8.69 2.56
C HIS B 200 34.38 9.01 1.12
N ARG B 201 34.79 8.01 0.34
CA ARG B 201 35.02 8.26 -1.08
C ARG B 201 33.73 8.64 -1.78
N TYR B 202 32.67 7.86 -1.59
CA TYR B 202 31.41 8.20 -2.23
C TYR B 202 30.88 9.53 -1.74
N HIS B 203 30.98 9.78 -0.42
CA HIS B 203 30.60 11.05 0.19
C HIS B 203 31.16 12.24 -0.60
N LEU B 204 32.45 12.19 -0.92
CA LEU B 204 33.09 13.25 -1.70
C LEU B 204 32.57 13.28 -3.12
N LEU B 205 32.42 12.11 -3.74
CA LEU B 205 31.94 12.06 -5.11
C LEU B 205 30.57 12.70 -5.21
N ARG B 206 29.75 12.54 -4.18
CA ARG B 206 28.42 13.15 -4.14
C ARG B 206 28.49 14.66 -3.99
N LEU B 207 29.38 15.17 -3.14
CA LEU B 207 29.51 16.62 -3.06
C LEU B 207 30.07 17.20 -4.35
N GLU B 208 31.10 16.57 -4.90
CA GLU B 208 31.73 17.07 -6.12
C GLU B 208 30.75 17.09 -7.29
N LYS B 209 29.93 16.05 -7.42
CA LYS B 209 28.93 16.06 -8.48
C LYS B 209 27.89 17.15 -8.23
N ASP B 210 27.44 17.30 -6.99
CA ASP B 210 26.46 18.34 -6.67
C ASP B 210 26.99 19.73 -6.98
N MET B 211 28.27 19.96 -6.72
CA MET B 211 28.81 21.29 -6.93
C MET B 211 29.06 21.57 -8.40
N GLN B 212 29.46 20.55 -9.16
CA GLN B 212 29.57 20.71 -10.60
C GLN B 212 28.25 21.20 -11.19
N GLU B 213 27.13 20.65 -10.74
CA GLU B 213 25.83 21.03 -11.27
C GLU B 213 25.34 22.36 -10.72
N MET B 214 25.65 22.66 -9.46
CA MET B 214 25.33 23.97 -8.91
C MET B 214 26.02 25.08 -9.72
N LEU B 215 27.30 24.87 -10.05
CA LEU B 215 28.11 25.82 -10.81
C LEU B 215 27.95 25.68 -12.31
N GLN B 216 27.27 24.64 -12.79
CA GLN B 216 27.27 24.27 -14.21
C GLN B 216 28.67 24.18 -14.79
N GLU B 217 29.60 23.61 -14.02
CA GLU B 217 30.98 23.41 -14.47
C GLU B 217 31.28 21.92 -14.39
N PRO B 218 31.10 21.19 -15.48
CA PRO B 218 31.31 19.73 -15.41
C PRO B 218 32.67 19.31 -14.93
N SER B 219 33.69 20.15 -15.04
CA SER B 219 35.04 19.75 -14.69
C SER B 219 35.51 20.26 -13.34
N PHE B 220 34.65 20.98 -12.61
CA PHE B 220 34.99 21.40 -11.26
C PHE B 220 35.42 20.20 -10.44
N SER B 221 36.49 20.35 -9.68
CA SER B 221 37.04 19.26 -8.90
C SER B 221 37.32 19.74 -7.49
N LEU B 222 37.23 18.81 -6.55
CA LEU B 222 37.51 19.10 -5.16
C LEU B 222 39.01 19.03 -4.92
N PRO B 223 39.64 20.09 -4.43
CA PRO B 223 41.07 20.03 -4.09
C PRO B 223 41.29 19.28 -2.79
N TYR B 224 42.55 19.09 -2.44
CA TYR B 224 42.90 18.33 -1.26
C TYR B 224 43.89 19.11 -0.41
N TRP B 225 44.01 18.69 0.84
CA TRP B 225 44.87 19.32 1.83
C TRP B 225 45.94 18.34 2.24
N ASN B 226 47.20 18.65 1.96
CA ASN B 226 48.27 17.81 2.45
C ASN B 226 48.44 18.16 3.92
N PHE B 227 47.79 17.40 4.79
CA PHE B 227 47.96 17.57 6.23
C PHE B 227 49.13 16.77 6.76
N ALA B 228 49.83 16.04 5.91
CA ALA B 228 50.93 15.19 6.36
C ALA B 228 52.27 15.90 6.26
N THR B 229 52.34 17.07 6.87
CA THR B 229 53.52 17.92 6.81
C THR B 229 54.29 18.00 8.11
N GLY B 230 53.80 17.38 9.17
CA GLY B 230 54.46 17.51 10.46
C GLY B 230 54.40 18.89 11.05
N LYS B 231 53.55 19.75 10.53
CA LYS B 231 53.54 21.15 10.91
C LYS B 231 52.79 21.36 12.23
N ASN B 232 53.11 22.48 12.85
CA ASN B 232 52.52 23.01 14.07
C ASN B 232 51.27 23.83 13.81
N VAL B 233 51.02 24.21 12.57
CA VAL B 233 50.00 25.19 12.23
C VAL B 233 49.18 24.61 11.10
N CYS B 234 48.06 25.25 10.81
CA CYS B 234 47.18 24.86 9.71
C CYS B 234 47.56 25.71 8.51
N ASP B 235 48.31 25.13 7.57
CA ASP B 235 48.84 25.93 6.47
C ASP B 235 47.79 26.32 5.44
N ILE B 236 46.56 25.86 5.56
CA ILE B 236 45.48 26.33 4.72
C ILE B 236 44.51 27.20 5.49
N CYS B 237 44.79 27.46 6.76
CA CYS B 237 43.90 28.29 7.58
C CYS B 237 44.29 29.76 7.43
N THR B 238 44.08 30.27 6.22
CA THR B 238 44.31 31.67 5.87
C THR B 238 43.04 32.21 5.24
N ASP B 239 42.93 33.53 5.19
CA ASP B 239 41.69 34.15 4.77
C ASP B 239 41.49 34.12 3.26
N ASP B 240 42.51 33.80 2.48
CA ASP B 240 42.25 33.50 1.07
C ASP B 240 41.86 32.04 0.88
N LEU B 241 41.89 31.24 1.94
CA LEU B 241 41.49 29.85 1.84
C LEU B 241 40.44 29.51 2.90
N MET B 242 40.79 28.66 3.87
CA MET B 242 39.79 28.11 4.77
C MET B 242 39.58 28.92 6.03
N GLY B 243 40.14 30.12 6.11
CA GLY B 243 39.89 30.96 7.26
C GLY B 243 41.02 31.00 8.26
N SER B 244 41.39 32.19 8.67
CA SER B 244 42.40 32.37 9.67
C SER B 244 41.74 32.43 11.04
N ARG B 245 42.56 32.37 12.07
CA ARG B 245 42.05 32.46 13.44
C ARG B 245 41.52 33.86 13.69
N SER B 246 40.38 33.97 14.34
CA SER B 246 39.83 35.26 14.71
C SER B 246 40.68 35.94 15.77
N ASN B 247 40.92 37.23 15.60
CA ASN B 247 41.65 38.01 16.59
C ASN B 247 40.81 38.40 17.80
N PHE B 248 39.51 38.16 17.77
CA PHE B 248 38.65 38.47 18.89
C PHE B 248 38.27 37.24 19.71
N ASP B 249 38.51 36.05 19.18
CA ASP B 249 38.18 34.81 19.88
C ASP B 249 39.05 33.73 19.28
N SER B 250 39.94 33.15 20.08
CA SER B 250 40.89 32.17 19.56
C SER B 250 40.23 30.90 19.01
N THR B 251 38.96 30.66 19.30
CA THR B 251 38.31 29.45 18.81
C THR B 251 37.41 29.71 17.62
N LEU B 252 37.39 30.92 17.08
CA LEU B 252 36.54 31.27 15.96
C LEU B 252 37.36 31.54 14.70
N ILE B 253 36.65 31.62 13.59
CA ILE B 253 37.25 31.88 12.29
C ILE B 253 37.18 33.38 12.03
N SER B 254 38.25 33.91 11.43
CA SER B 254 38.38 35.33 11.15
C SER B 254 37.11 35.86 10.50
N PRO B 255 36.57 36.98 10.97
CA PRO B 255 35.39 37.56 10.30
C PRO B 255 35.66 37.97 8.88
N ASN B 256 36.92 38.02 8.46
CA ASN B 256 37.29 38.33 7.09
C ASN B 256 37.25 37.11 6.18
N SER B 257 36.74 35.98 6.67
CA SER B 257 36.53 34.79 5.87
C SER B 257 35.05 34.47 5.86
N VAL B 258 34.54 34.00 4.71
CA VAL B 258 33.14 33.61 4.64
C VAL B 258 32.82 32.53 5.66
N PHE B 259 33.79 31.69 5.98
CA PHE B 259 33.51 30.56 6.84
C PHE B 259 33.25 30.95 8.28
N SER B 260 33.52 32.21 8.64
CA SER B 260 33.10 32.73 9.94
C SER B 260 31.61 32.98 10.01
N GLN B 261 30.91 33.03 8.88
CA GLN B 261 29.49 33.27 8.89
C GLN B 261 28.66 32.00 8.92
N TRP B 262 29.23 30.85 8.61
CA TRP B 262 28.46 29.62 8.56
C TRP B 262 27.90 29.31 9.94
N ARG B 263 26.70 28.76 9.96
CA ARG B 263 26.11 28.22 11.18
C ARG B 263 25.85 26.73 10.99
N VAL B 264 26.20 25.94 11.98
CA VAL B 264 26.32 24.50 11.83
C VAL B 264 24.96 23.83 11.97
N VAL B 265 24.83 22.66 11.37
CA VAL B 265 23.68 21.79 11.55
C VAL B 265 24.10 20.58 12.35
N CYS B 266 23.11 19.96 13.02
CA CYS B 266 23.24 18.68 13.72
C CYS B 266 23.98 18.73 15.05
N ASP B 267 23.95 19.86 15.75
CA ASP B 267 24.72 19.99 16.96
C ASP B 267 23.94 19.67 18.22
N SER B 268 22.70 19.20 18.10
CA SER B 268 21.87 18.99 19.27
C SER B 268 21.68 17.53 19.61
N LEU B 269 22.77 16.83 19.88
CA LEU B 269 22.70 15.40 20.13
C LEU B 269 21.84 15.07 21.35
N GLU B 270 21.80 15.97 22.34
CA GLU B 270 20.96 15.72 23.50
C GLU B 270 19.50 15.60 23.11
N ASP B 271 19.06 16.32 22.09
CA ASP B 271 17.69 16.23 21.64
C ASP B 271 17.43 14.95 20.86
N TYR B 272 18.32 14.59 19.93
CA TYR B 272 18.06 13.47 19.05
C TYR B 272 18.06 12.16 19.83
N ASP B 273 19.00 12.01 20.76
CA ASP B 273 19.21 10.77 21.48
C ASP B 273 18.26 10.56 22.65
N THR B 274 17.45 11.55 22.99
CA THR B 274 16.42 11.35 24.00
C THR B 274 15.02 11.53 23.45
N LEU B 275 14.82 12.42 22.50
CA LEU B 275 13.49 12.54 21.95
C LEU B 275 13.23 11.62 20.77
N GLY B 276 14.27 11.00 20.22
CA GLY B 276 14.10 10.14 19.06
C GLY B 276 14.02 10.87 17.74
N THR B 277 14.41 12.13 17.69
CA THR B 277 14.42 12.90 16.46
C THR B 277 15.76 12.74 15.74
N LEU B 278 15.90 13.45 14.63
CA LEU B 278 17.12 13.47 13.83
C LEU B 278 17.52 14.91 13.55
N CYS B 279 18.79 15.11 13.24
CA CYS B 279 19.26 16.41 12.79
C CYS B 279 18.34 16.95 11.72
N ASN B 280 17.95 18.21 11.85
CA ASN B 280 17.11 18.88 10.88
C ASN B 280 17.90 20.00 10.24
N SER B 281 17.22 20.81 9.44
CA SER B 281 17.90 21.80 8.62
C SER B 281 18.11 23.13 9.31
N THR B 282 17.77 23.26 10.59
CA THR B 282 17.91 24.53 11.30
C THR B 282 19.35 24.67 11.76
N GLU B 283 20.02 25.72 11.30
CA GLU B 283 21.38 25.95 11.71
C GLU B 283 21.41 26.61 13.09
N ASP B 284 22.57 26.54 13.74
CA ASP B 284 22.65 26.98 15.13
C ASP B 284 23.94 27.77 15.40
N GLY B 285 24.87 27.20 16.16
CA GLY B 285 26.09 27.88 16.51
C GLY B 285 27.09 28.01 15.35
N PRO B 286 28.20 28.68 15.59
CA PRO B 286 29.22 28.86 14.56
C PRO B 286 30.25 27.75 14.57
N ILE B 287 31.08 27.74 13.53
CA ILE B 287 32.20 26.80 13.51
C ILE B 287 33.20 27.14 14.60
N ARG B 288 33.64 26.14 15.34
CA ARG B 288 34.74 26.28 16.27
C ARG B 288 35.98 25.62 15.69
N ARG B 289 37.09 26.33 15.71
CA ARG B 289 38.35 25.81 15.22
C ARG B 289 39.46 26.50 16.00
N ASN B 290 40.47 25.74 16.38
CA ASN B 290 41.59 26.26 17.15
C ASN B 290 42.80 25.38 16.89
N PRO B 291 43.35 25.44 15.68
CA PRO B 291 44.39 24.49 15.31
C PRO B 291 45.55 24.50 16.30
N ALA B 292 46.01 23.30 16.63
CA ALA B 292 47.07 23.03 17.61
C ALA B 292 46.70 23.46 19.02
N GLY B 293 45.44 23.79 19.29
CA GLY B 293 45.04 24.35 20.55
C GLY B 293 44.58 23.38 21.62
N ASN B 294 44.71 22.07 21.43
CA ASN B 294 44.29 21.12 22.47
C ASN B 294 45.45 20.94 23.45
N VAL B 295 45.55 21.89 24.38
CA VAL B 295 46.70 21.94 25.27
C VAL B 295 46.70 20.75 26.22
N ALA B 296 45.52 20.27 26.59
CA ALA B 296 45.42 19.13 27.50
C ALA B 296 45.88 17.82 26.88
N ARG B 297 46.16 17.82 25.57
CA ARG B 297 46.45 16.59 24.82
C ARG B 297 47.53 16.88 23.81
N PRO B 298 48.79 16.96 24.24
CA PRO B 298 49.86 17.39 23.33
C PRO B 298 49.98 16.56 22.07
N MET B 299 49.54 15.29 22.08
CA MET B 299 49.76 14.46 20.92
C MET B 299 48.91 14.90 19.73
N VAL B 300 47.86 15.67 19.96
CA VAL B 300 47.05 16.17 18.86
C VAL B 300 47.30 17.66 18.64
N GLN B 301 48.52 18.10 18.91
CA GLN B 301 48.93 19.47 18.65
C GLN B 301 49.90 19.57 17.49
N ARG B 302 50.15 18.48 16.77
CA ARG B 302 51.00 18.53 15.60
C ARG B 302 50.47 17.55 14.58
N LEU B 303 50.53 17.91 13.30
CA LEU B 303 49.97 17.09 12.24
C LEU B 303 50.86 15.89 11.96
N PRO B 304 50.36 14.91 11.21
CA PRO B 304 51.19 13.74 10.89
C PRO B 304 52.42 14.13 10.10
N GLU B 305 53.43 13.38 10.24
CA GLU B 305 54.70 13.55 9.56
C GLU B 305 54.65 12.91 8.18
N PRO B 306 55.45 13.37 7.23
CA PRO B 306 55.40 12.79 5.88
C PRO B 306 55.72 11.31 5.83
N GLN B 307 56.60 10.80 6.71
CA GLN B 307 56.87 9.37 6.70
C GLN B 307 55.75 8.55 7.33
N ASP B 308 54.74 9.21 7.91
CA ASP B 308 53.53 8.51 8.31
C ASP B 308 52.74 8.03 7.10
N VAL B 309 52.73 8.80 6.02
CA VAL B 309 52.05 8.36 4.82
C VAL B 309 52.84 7.26 4.14
N ALA B 310 54.17 7.40 4.10
CA ALA B 310 54.99 6.40 3.43
C ALA B 310 54.91 5.06 4.13
N GLN B 311 54.90 5.04 5.47
CA GLN B 311 54.86 3.78 6.19
C GLN B 311 53.51 3.10 6.03
N CYS B 312 52.41 3.85 6.10
CA CYS B 312 51.11 3.21 6.05
C CYS B 312 50.85 2.57 4.69
N LEU B 313 51.43 3.14 3.62
CA LEU B 313 51.30 2.54 2.30
C LEU B 313 52.16 1.30 2.14
N GLU B 314 53.02 0.99 3.11
CA GLU B 314 53.71 -0.30 3.15
C GLU B 314 52.86 -1.38 3.79
N VAL B 315 51.72 -1.03 4.37
CA VAL B 315 50.82 -1.99 5.00
C VAL B 315 49.99 -2.65 3.90
N GLY B 316 50.18 -3.93 3.69
CA GLY B 316 49.70 -4.59 2.49
C GLY B 316 48.32 -5.19 2.56
N LEU B 317 47.81 -5.42 3.76
CA LEU B 317 46.47 -5.95 3.94
C LEU B 317 45.50 -4.79 4.06
N PHE B 318 44.43 -4.81 3.26
CA PHE B 318 43.49 -3.71 3.34
C PHE B 318 42.87 -3.62 4.74
N ASP B 319 42.45 -4.74 5.30
CA ASP B 319 41.89 -4.75 6.64
C ASP B 319 42.19 -6.09 7.30
N THR B 320 42.00 -6.13 8.61
CA THR B 320 42.28 -7.34 9.36
C THR B 320 41.16 -7.58 10.36
N PRO B 321 40.90 -8.83 10.73
CA PRO B 321 39.88 -9.07 11.75
C PRO B 321 40.33 -8.43 13.04
N PRO B 322 39.40 -7.93 13.85
CA PRO B 322 37.95 -7.97 13.70
C PRO B 322 37.32 -6.87 12.86
N PHE B 323 38.09 -6.25 11.96
CA PHE B 323 37.61 -5.23 11.05
C PHE B 323 37.00 -4.05 11.80
N TYR B 324 37.80 -3.49 12.70
CA TYR B 324 37.32 -2.50 13.65
C TYR B 324 38.45 -1.51 13.91
N SER B 325 38.21 -0.58 14.84
CA SER B 325 39.22 0.41 15.17
C SER B 325 40.37 -0.16 15.99
N ASN B 326 40.30 -1.43 16.41
CA ASN B 326 41.46 -2.06 17.04
C ASN B 326 42.05 -3.17 16.19
N SER B 327 41.75 -3.20 14.90
CA SER B 327 42.48 -4.09 14.02
C SER B 327 43.94 -3.67 13.99
N THR B 328 44.80 -4.65 13.81
CA THR B 328 46.23 -4.41 13.70
C THR B 328 46.74 -4.96 12.38
N ASN B 329 47.85 -4.39 11.90
CA ASN B 329 48.37 -4.61 10.55
C ASN B 329 47.31 -4.39 9.48
N SER B 330 46.39 -3.47 9.74
CA SER B 330 45.34 -3.12 8.80
C SER B 330 45.65 -1.78 8.18
N PHE B 331 45.72 -1.74 6.84
CA PHE B 331 45.87 -0.46 6.16
C PHE B 331 44.71 0.46 6.47
N ARG B 332 43.48 -0.05 6.38
CA ARG B 332 42.31 0.78 6.62
C ARG B 332 42.39 1.46 7.98
N ASN B 333 42.72 0.70 9.02
CA ASN B 333 42.80 1.24 10.37
C ASN B 333 44.04 2.11 10.55
N THR B 334 45.07 1.91 9.75
CA THR B 334 46.26 2.75 9.86
C THR B 334 45.98 4.15 9.31
N VAL B 335 45.47 4.23 8.08
CA VAL B 335 45.20 5.55 7.51
C VAL B 335 44.00 6.20 8.19
N GLU B 336 43.03 5.42 8.65
CA GLU B 336 41.94 6.02 9.43
C GLU B 336 42.51 6.67 10.68
N GLY B 337 43.55 6.07 11.25
CA GLY B 337 44.31 6.67 12.29
C GLY B 337 44.22 6.06 13.66
N TYR B 338 43.80 4.81 13.77
CA TYR B 338 43.73 4.16 15.07
C TYR B 338 44.93 3.29 15.38
N SER B 339 45.79 3.00 14.41
CA SER B 339 47.09 2.39 14.63
C SER B 339 48.19 3.39 14.28
N ASP B 340 49.40 3.12 14.73
CA ASP B 340 50.46 4.02 14.35
C ASP B 340 50.88 3.74 12.91
N PRO B 341 51.59 4.68 12.27
CA PRO B 341 51.80 4.58 10.82
C PRO B 341 52.38 3.28 10.29
N THR B 342 53.01 2.48 11.13
CA THR B 342 53.52 1.20 10.67
C THR B 342 52.43 0.14 10.59
N GLY B 343 51.28 0.37 11.20
CA GLY B 343 50.21 -0.59 11.20
C GLY B 343 49.94 -1.23 12.54
N LYS B 344 50.72 -0.89 13.56
CA LYS B 344 50.63 -1.55 14.85
C LYS B 344 49.58 -0.84 15.70
N TYR B 345 48.58 -1.58 16.13
CA TYR B 345 47.54 -0.99 16.93
C TYR B 345 48.06 -0.61 18.31
N ASP B 346 47.55 0.49 18.82
CA ASP B 346 47.92 0.98 20.14
C ASP B 346 46.78 1.89 20.56
N PRO B 347 46.10 1.60 21.68
CA PRO B 347 44.93 2.40 22.06
C PRO B 347 45.23 3.86 22.29
N ALA B 348 46.49 4.24 22.50
CA ALA B 348 46.79 5.61 22.82
C ALA B 348 47.06 6.47 21.60
N VAL B 349 47.41 5.88 20.50
CA VAL B 349 47.85 6.66 19.35
C VAL B 349 46.65 7.17 18.58
N ARG B 350 46.80 8.37 18.02
CA ARG B 350 45.93 8.89 16.99
C ARG B 350 46.81 9.40 15.87
N SER B 351 46.68 8.81 14.69
CA SER B 351 47.57 9.12 13.59
C SER B 351 46.75 9.52 12.37
N LEU B 352 47.47 9.99 11.36
CA LEU B 352 46.93 10.34 10.04
C LEU B 352 45.54 10.97 10.07
N HIS B 353 44.53 10.37 9.43
CA HIS B 353 43.24 11.02 9.28
C HIS B 353 42.65 11.45 10.61
N ASN B 354 42.70 10.59 11.63
CA ASN B 354 42.16 10.95 12.93
C ASN B 354 42.93 12.12 13.52
N LEU B 355 44.26 12.11 13.42
CA LEU B 355 45.06 13.19 13.98
C LEU B 355 44.72 14.53 13.33
N ALA B 356 44.54 14.56 12.02
CA ALA B 356 44.21 15.81 11.36
C ALA B 356 42.89 16.38 11.86
N HIS B 357 41.92 15.50 12.15
CA HIS B 357 40.65 15.93 12.73
C HIS B 357 40.87 16.52 14.12
N LEU B 358 41.64 15.84 14.95
CA LEU B 358 41.79 16.25 16.35
C LEU B 358 42.70 17.46 16.50
N PHE B 359 43.64 17.63 15.57
CA PHE B 359 44.47 18.83 15.50
C PHE B 359 43.65 20.09 15.47
N LEU B 360 42.48 20.06 14.85
CA LEU B 360 41.69 21.28 14.71
C LEU B 360 41.13 21.78 16.03
N ASN B 361 41.02 20.92 17.02
CA ASN B 361 40.54 21.27 18.36
C ASN B 361 39.25 22.09 18.28
N GLY B 362 38.25 21.53 17.64
CA GLY B 362 37.00 22.23 17.49
C GLY B 362 35.91 21.41 16.82
N THR B 363 35.08 22.09 16.04
CA THR B 363 34.00 21.43 15.32
C THR B 363 34.51 20.30 14.45
N GLY B 364 35.67 20.48 13.83
CA GLY B 364 36.19 19.49 12.92
C GLY B 364 36.65 18.21 13.56
N GLY B 365 36.67 18.14 14.87
CA GLY B 365 37.14 16.94 15.53
C GLY B 365 36.05 16.15 16.19
N GLN B 366 34.80 16.43 15.86
CA GLN B 366 33.67 15.72 16.44
C GLN B 366 32.92 14.98 15.34
N THR B 367 32.77 13.67 15.52
CA THR B 367 32.35 12.81 14.44
C THR B 367 30.99 13.20 13.90
N HIS B 368 30.03 13.49 14.78
CA HIS B 368 28.70 13.85 14.33
C HIS B 368 28.67 15.21 13.67
N LEU B 369 29.71 16.01 13.85
CA LEU B 369 29.70 17.41 13.48
C LEU B 369 30.76 17.80 12.47
N SER B 370 31.80 17.00 12.29
CA SER B 370 33.02 17.48 11.64
C SER B 370 32.88 18.00 10.22
N PRO B 371 31.93 17.56 9.38
CA PRO B 371 31.79 18.18 8.07
C PRO B 371 31.34 19.63 8.10
N ASN B 372 30.83 20.14 9.24
CA ASN B 372 30.44 21.54 9.28
C ASN B 372 31.60 22.48 9.02
N ASP B 373 32.81 22.06 9.38
CA ASP B 373 34.02 22.77 9.05
C ASP B 373 34.48 22.31 7.67
N PRO B 374 34.53 23.19 6.66
CA PRO B 374 34.86 22.75 5.31
C PRO B 374 36.26 22.19 5.15
N ILE B 375 37.13 22.29 6.15
CA ILE B 375 38.42 21.59 6.08
C ILE B 375 38.20 20.09 5.94
N PHE B 376 37.07 19.60 6.44
CA PHE B 376 36.66 18.21 6.24
C PHE B 376 36.84 17.77 4.79
N VAL B 377 36.32 18.56 3.84
CA VAL B 377 36.37 18.22 2.43
C VAL B 377 37.80 17.94 2.00
N LEU B 378 38.70 18.86 2.33
CA LEU B 378 40.09 18.74 1.89
C LEU B 378 40.85 17.71 2.72
N LEU B 379 40.50 17.60 4.00
CA LEU B 379 41.05 16.51 4.79
C LEU B 379 40.71 15.15 4.18
N HIS B 380 39.50 15.02 3.66
CA HIS B 380 39.13 13.71 3.15
C HIS B 380 39.54 13.44 1.71
N THR B 381 39.66 14.45 0.86
CA THR B 381 40.22 14.18 -0.46
C THR B 381 41.68 13.75 -0.36
N PHE B 382 42.41 14.26 0.63
CA PHE B 382 43.76 13.75 0.83
C PHE B 382 43.73 12.33 1.34
N THR B 383 42.84 12.03 2.30
CA THR B 383 42.69 10.64 2.73
C THR B 383 42.32 9.74 1.57
N ASP B 384 41.40 10.19 0.72
CA ASP B 384 41.02 9.41 -0.45
C ASP B 384 42.17 9.25 -1.44
N ALA B 385 43.07 10.23 -1.51
CA ALA B 385 44.24 10.09 -2.37
C ALA B 385 45.18 9.01 -1.88
N VAL B 386 45.43 8.93 -0.58
CA VAL B 386 46.23 7.85 -0.03
C VAL B 386 45.57 6.51 -0.32
N PHE B 387 44.25 6.46 -0.20
CA PHE B 387 43.48 5.27 -0.51
C PHE B 387 43.63 4.89 -1.98
N ASP B 388 43.52 5.87 -2.88
CA ASP B 388 43.65 5.56 -4.30
C ASP B 388 45.05 5.06 -4.60
N GLU B 389 46.06 5.62 -3.94
CA GLU B 389 47.42 5.15 -4.14
C GLU B 389 47.59 3.73 -3.59
N TRP B 390 46.95 3.42 -2.47
CA TRP B 390 46.97 2.04 -2.01
C TRP B 390 46.35 1.11 -3.05
N LEU B 391 45.23 1.51 -3.63
CA LEU B 391 44.55 0.64 -4.60
C LEU B 391 45.43 0.39 -5.83
N ARG B 392 46.14 1.41 -6.31
CA ARG B 392 47.05 1.18 -7.43
C ARG B 392 48.20 0.29 -6.99
N ARG B 393 48.80 0.58 -5.85
CA ARG B 393 50.03 -0.08 -5.46
C ARG B 393 49.82 -1.56 -5.19
N TYR B 394 48.62 -1.96 -4.79
CA TYR B 394 48.30 -3.35 -4.46
C TYR B 394 47.23 -3.93 -5.37
N ASN B 395 47.02 -3.35 -6.56
CA ASN B 395 46.13 -3.91 -7.58
C ASN B 395 44.72 -4.13 -7.05
N ALA B 396 44.25 -3.21 -6.20
CA ALA B 396 42.86 -3.18 -5.77
C ALA B 396 42.41 -4.50 -5.17
N ASP B 397 43.25 -5.06 -4.31
CA ASP B 397 43.01 -6.38 -3.72
C ASP B 397 41.94 -6.27 -2.65
N ILE B 398 40.70 -6.62 -3.02
CA ILE B 398 39.56 -6.55 -2.10
C ILE B 398 39.42 -7.77 -1.22
N SER B 399 40.35 -8.74 -1.32
CA SER B 399 40.17 -10.02 -0.66
C SER B 399 40.08 -9.89 0.86
N THR B 400 40.68 -8.86 1.43
CA THR B 400 40.63 -8.65 2.88
C THR B 400 39.44 -7.83 3.34
N PHE B 401 38.66 -7.25 2.43
CA PHE B 401 37.44 -6.51 2.74
C PHE B 401 36.35 -7.52 3.05
N PRO B 402 35.97 -7.70 4.31
CA PRO B 402 35.13 -8.86 4.67
C PRO B 402 33.76 -8.80 4.05
N LEU B 403 33.25 -9.97 3.67
CA LEU B 403 31.87 -10.08 3.22
C LEU B 403 30.88 -10.23 4.35
N GLU B 404 31.34 -10.63 5.52
CA GLU B 404 30.44 -10.82 6.67
C GLU B 404 31.24 -10.65 7.94
N ASN B 405 30.51 -10.47 9.04
CA ASN B 405 31.06 -10.34 10.39
C ASN B 405 31.79 -9.02 10.62
N ALA B 406 31.68 -8.08 9.72
CA ALA B 406 32.14 -6.74 9.96
C ALA B 406 31.13 -6.02 10.83
N PRO B 407 31.53 -4.94 11.48
CA PRO B 407 30.54 -4.09 12.15
C PRO B 407 29.44 -3.72 11.19
N ILE B 408 28.24 -3.52 11.72
CA ILE B 408 27.10 -3.29 10.84
C ILE B 408 27.34 -2.05 10.00
N GLY B 409 27.02 -2.16 8.72
CA GLY B 409 27.33 -1.14 7.75
C GLY B 409 28.61 -1.38 6.98
N HIS B 410 29.46 -2.28 7.46
CA HIS B 410 30.79 -2.44 6.92
C HIS B 410 31.03 -3.75 6.18
N ASN B 411 30.02 -4.60 6.04
CA ASN B 411 30.14 -5.73 5.13
C ASN B 411 30.36 -5.23 3.71
N ARG B 412 31.15 -5.99 2.96
CA ARG B 412 31.55 -5.57 1.62
C ARG B 412 30.36 -5.18 0.75
N GLN B 413 29.26 -5.91 0.84
CA GLN B 413 28.12 -5.66 -0.04
C GLN B 413 27.04 -4.82 0.61
N TYR B 414 27.32 -4.28 1.80
CA TYR B 414 26.39 -3.35 2.43
C TYR B 414 26.24 -2.10 1.57
N ASN B 415 25.01 -1.66 1.39
CA ASN B 415 24.77 -0.36 0.79
C ASN B 415 25.18 0.73 1.76
N MET B 416 26.11 1.58 1.36
CA MET B 416 26.67 2.58 2.26
C MET B 416 25.59 3.55 2.70
N VAL B 417 25.44 3.69 4.02
CA VAL B 417 24.32 4.40 4.63
C VAL B 417 24.61 5.89 4.76
N PRO B 418 23.67 6.75 4.37
CA PRO B 418 22.37 6.53 3.75
C PRO B 418 22.28 6.96 2.28
N PHE B 419 23.23 6.58 1.44
CA PHE B 419 23.26 7.14 0.11
C PHE B 419 22.16 6.52 -0.75
N TRP B 420 21.59 7.34 -1.61
CA TRP B 420 20.57 6.94 -2.57
C TRP B 420 20.98 7.41 -3.96
N PRO B 421 20.84 6.55 -4.98
CA PRO B 421 20.44 5.14 -4.96
C PRO B 421 21.45 4.21 -4.28
N PRO B 422 21.03 3.01 -3.91
CA PRO B 422 21.94 2.09 -3.23
C PRO B 422 23.25 1.91 -3.97
N VAL B 423 24.35 2.00 -3.23
CA VAL B 423 25.70 1.82 -3.78
C VAL B 423 26.54 1.10 -2.73
N THR B 424 27.19 0.01 -3.12
CA THR B 424 27.90 -0.82 -2.18
C THR B 424 29.34 -0.36 -2.02
N ASN B 425 29.98 -0.83 -0.96
CA ASN B 425 31.40 -0.58 -0.76
C ASN B 425 32.21 -1.15 -1.90
N THR B 426 31.76 -2.27 -2.51
CA THR B 426 32.49 -2.87 -3.62
C THR B 426 32.60 -1.89 -4.81
N GLU B 427 31.56 -1.12 -5.06
CA GLU B 427 31.56 -0.19 -6.18
C GLU B 427 32.58 0.94 -6.04
N MET B 428 33.01 1.26 -4.82
CA MET B 428 34.01 2.28 -4.61
C MET B 428 35.41 1.72 -4.50
N PHE B 429 35.54 0.41 -4.35
CA PHE B 429 36.84 -0.24 -4.20
C PHE B 429 37.49 -0.50 -5.56
N VAL B 430 37.73 0.59 -6.28
CA VAL B 430 38.33 0.58 -7.61
C VAL B 430 39.29 1.76 -7.69
N THR B 431 40.35 1.60 -8.47
CA THR B 431 41.22 2.73 -8.78
C THR B 431 40.41 3.81 -9.50
N ALA B 432 40.50 5.03 -9.02
CA ALA B 432 39.61 6.12 -9.42
C ALA B 432 39.75 6.58 -10.87
N PRO B 433 40.97 6.76 -11.42
CA PRO B 433 41.07 7.32 -12.77
C PRO B 433 40.38 6.48 -13.84
N ASP B 434 40.60 5.17 -13.85
CA ASP B 434 39.99 4.34 -14.86
C ASP B 434 38.50 4.16 -14.63
N ASN B 435 38.07 4.17 -13.38
CA ASN B 435 36.75 3.68 -13.01
C ASN B 435 35.82 4.73 -12.43
N LEU B 436 36.34 5.83 -11.88
CA LEU B 436 35.48 6.85 -11.30
C LEU B 436 35.69 8.23 -11.91
N GLY B 437 36.61 8.37 -12.85
CA GLY B 437 36.74 9.58 -13.62
C GLY B 437 37.40 10.77 -12.93
N TYR B 438 38.27 10.53 -11.96
CA TYR B 438 39.02 11.59 -11.31
C TYR B 438 40.35 11.01 -10.86
N THR B 439 41.34 11.89 -10.74
CA THR B 439 42.68 11.50 -10.33
C THR B 439 43.27 12.60 -9.46
N TYR B 440 44.38 12.30 -8.82
CA TYR B 440 45.06 13.22 -7.92
C TYR B 440 46.35 13.71 -8.55
N GLU B 441 46.53 15.03 -8.56
CA GLU B 441 47.84 15.63 -8.80
C GLU B 441 48.66 15.51 -7.53
N ILE B 442 49.57 14.53 -7.49
CA ILE B 442 50.28 14.28 -6.24
C ILE B 442 51.49 13.38 -6.46
N GLN B 443 52.49 13.51 -5.61
CA GLN B 443 53.64 12.62 -5.59
C GLN B 443 53.88 12.20 -4.16
N TRP B 444 54.35 10.98 -3.97
CA TRP B 444 54.44 10.41 -2.64
C TRP B 444 55.87 10.30 -2.15
N PRO B 445 56.12 10.52 -0.87
CA PRO B 445 57.50 10.47 -0.35
C PRO B 445 58.07 9.07 -0.41
N SER B 446 59.35 8.97 -0.75
CA SER B 446 60.06 7.68 -0.76
C SER B 446 59.96 6.99 0.59
N GLN C 1 -29.44 12.66 -20.78
CA GLN C 1 -30.61 12.27 -21.58
C GLN C 1 -30.11 11.87 -22.95
N PHE C 2 -30.93 11.88 -24.00
CA PHE C 2 -30.43 11.10 -25.11
C PHE C 2 -30.01 11.98 -26.28
N PRO C 3 -28.97 11.56 -27.02
CA PRO C 3 -28.62 12.25 -28.27
C PRO C 3 -29.82 12.40 -29.18
N ARG C 4 -29.86 13.51 -29.92
CA ARG C 4 -31.03 13.77 -30.76
C ARG C 4 -31.14 12.74 -31.87
N GLN C 5 -30.02 12.17 -32.31
CA GLN C 5 -30.07 11.10 -33.30
C GLN C 5 -30.73 9.84 -32.76
N CYS C 6 -30.80 9.69 -31.44
CA CYS C 6 -31.43 8.55 -30.80
C CYS C 6 -32.83 8.82 -30.29
N ALA C 7 -33.32 10.05 -30.41
CA ALA C 7 -34.67 10.38 -29.98
C ALA C 7 -35.68 10.26 -31.10
N THR C 8 -35.49 9.29 -31.98
CA THR C 8 -36.42 9.02 -33.06
C THR C 8 -37.28 7.81 -32.72
N VAL C 9 -38.26 7.55 -33.59
CA VAL C 9 -39.08 6.35 -33.44
C VAL C 9 -38.25 5.11 -33.74
N GLU C 10 -37.48 5.15 -34.83
CA GLU C 10 -36.62 4.04 -35.22
C GLU C 10 -35.72 3.61 -34.07
N ALA C 11 -35.01 4.58 -33.47
CA ALA C 11 -34.04 4.23 -32.44
C ALA C 11 -34.70 3.68 -31.21
N LEU C 12 -35.86 4.21 -30.84
CA LEU C 12 -36.46 3.81 -29.57
C LEU C 12 -36.99 2.38 -29.62
N ARG C 13 -37.59 1.98 -30.72
CA ARG C 13 -38.12 0.63 -30.81
C ARG C 13 -37.13 -0.36 -31.41
N SER C 14 -35.88 0.06 -31.61
CA SER C 14 -34.79 -0.87 -31.81
C SER C 14 -33.93 -1.05 -30.57
N GLY C 15 -34.12 -0.22 -29.56
CA GLY C 15 -33.37 -0.33 -28.33
C GLY C 15 -31.92 0.05 -28.43
N MET C 16 -31.50 0.58 -29.57
CA MET C 16 -30.11 0.87 -29.87
C MET C 16 -29.90 2.37 -29.96
N CYS C 17 -28.98 2.90 -29.19
CA CYS C 17 -28.51 4.27 -29.35
C CYS C 17 -27.01 4.23 -29.62
N CYS C 18 -26.66 4.16 -30.90
CA CYS C 18 -25.27 4.11 -31.34
C CYS C 18 -25.12 4.96 -32.58
N PRO C 19 -25.12 6.28 -32.42
CA PRO C 19 -25.17 7.15 -33.60
C PRO C 19 -23.86 7.16 -34.36
N ASP C 20 -23.96 7.48 -35.64
CA ASP C 20 -22.80 7.56 -36.51
C ASP C 20 -21.86 8.67 -36.06
N LEU C 21 -20.58 8.51 -36.38
CA LEU C 21 -19.57 9.54 -36.17
C LEU C 21 -19.27 10.31 -37.45
N SER C 22 -18.74 9.63 -38.44
CA SER C 22 -18.49 10.22 -39.71
C SER C 22 -18.93 9.26 -40.75
N PRO C 23 -20.32 9.16 -40.92
CA PRO C 23 -20.73 8.06 -41.79
C PRO C 23 -20.70 8.44 -43.27
N VAL C 24 -19.53 8.77 -43.78
CA VAL C 24 -19.42 9.18 -45.17
C VAL C 24 -20.14 8.24 -46.10
N SER C 25 -19.94 6.94 -45.92
CA SER C 25 -20.63 5.98 -46.75
C SER C 25 -22.08 5.77 -46.42
N GLY C 26 -22.69 6.66 -45.65
CA GLY C 26 -24.10 6.53 -45.37
C GLY C 26 -24.51 6.06 -43.99
N PRO C 27 -25.82 6.38 -43.61
CA PRO C 27 -26.17 5.97 -42.25
C PRO C 27 -25.91 4.51 -41.95
N GLY C 28 -25.38 4.23 -40.77
CA GLY C 28 -25.13 2.87 -40.33
C GLY C 28 -23.69 2.50 -40.52
N THR C 29 -22.95 3.40 -41.13
CA THR C 29 -21.59 3.18 -41.59
C THR C 29 -20.55 3.33 -40.52
N ASP C 30 -20.69 4.35 -39.69
CA ASP C 30 -19.69 4.64 -38.70
C ASP C 30 -20.33 4.73 -37.34
N ARG C 31 -21.11 3.75 -37.01
CA ARG C 31 -21.67 3.68 -35.68
C ARG C 31 -20.54 3.68 -34.67
N CYS C 32 -20.56 4.64 -33.75
CA CYS C 32 -19.60 4.74 -32.66
C CYS C 32 -18.18 4.96 -33.17
N GLY C 33 -18.04 5.44 -34.40
CA GLY C 33 -16.71 5.62 -34.96
C GLY C 33 -15.96 4.34 -35.24
N SER C 34 -16.66 3.30 -35.68
CA SER C 34 -16.04 2.01 -35.94
C SER C 34 -15.17 2.00 -37.19
N SER C 35 -15.43 2.89 -38.16
CA SER C 35 -14.53 3.00 -39.32
C SER C 35 -13.12 3.31 -38.86
N SER C 36 -12.97 4.30 -37.99
CA SER C 36 -11.73 4.46 -37.24
C SER C 36 -11.74 3.48 -36.07
N GLY C 37 -10.69 3.46 -35.29
CA GLY C 37 -10.69 2.50 -34.20
C GLY C 37 -11.37 2.99 -32.94
N ARG C 38 -12.32 3.91 -33.06
CA ARG C 38 -12.69 4.74 -31.92
C ARG C 38 -13.68 4.04 -30.99
N GLY C 39 -14.68 3.33 -31.53
CA GLY C 39 -15.55 2.55 -30.66
C GLY C 39 -16.43 1.59 -31.43
N ARG C 40 -17.38 0.99 -30.73
CA ARG C 40 -18.34 0.11 -31.37
C ARG C 40 -19.65 0.06 -30.60
N CYS C 41 -20.73 -0.22 -31.32
CA CYS C 41 -22.01 -0.48 -30.70
C CYS C 41 -21.95 -1.79 -29.94
N GLU C 42 -22.62 -1.84 -28.81
CA GLU C 42 -22.28 -2.81 -27.77
C GLU C 42 -23.43 -2.92 -26.80
N ALA C 43 -23.48 -4.03 -26.10
CA ALA C 43 -24.54 -4.22 -25.14
C ALA C 43 -24.30 -3.34 -23.92
N VAL C 44 -25.38 -2.85 -23.34
CA VAL C 44 -25.32 -2.02 -22.16
C VAL C 44 -25.12 -2.90 -20.94
N THR C 45 -24.24 -2.48 -20.04
CA THR C 45 -24.12 -3.10 -18.73
C THR C 45 -24.93 -2.27 -17.74
N ALA C 46 -25.74 -2.93 -16.91
CA ALA C 46 -26.58 -2.24 -15.96
C ALA C 46 -26.59 -2.99 -14.64
N ASP C 47 -26.84 -2.26 -13.56
CA ASP C 47 -26.71 -2.83 -12.21
C ASP C 47 -27.90 -3.74 -11.95
N SER C 48 -27.62 -5.04 -11.87
CA SER C 48 -28.63 -6.06 -11.62
C SER C 48 -28.60 -6.56 -10.18
N ARG C 49 -28.16 -5.74 -9.26
CA ARG C 49 -28.12 -6.09 -7.86
C ARG C 49 -29.25 -5.45 -7.11
N PRO C 50 -29.56 -5.93 -5.91
CA PRO C 50 -30.72 -5.39 -5.19
C PRO C 50 -30.51 -3.99 -4.63
N HIS C 51 -31.62 -3.37 -4.31
CA HIS C 51 -31.66 -2.05 -3.68
C HIS C 51 -32.55 -2.13 -2.45
N SER C 52 -32.37 -1.18 -1.55
CA SER C 52 -33.11 -1.15 -0.30
C SER C 52 -34.60 -1.27 -0.57
N PRO C 53 -35.38 -1.84 0.35
CA PRO C 53 -36.83 -1.96 0.14
C PRO C 53 -37.56 -0.64 0.24
N GLN C 54 -36.85 0.44 0.54
CA GLN C 54 -37.49 1.75 0.63
C GLN C 54 -38.13 2.15 -0.68
N TYR C 55 -37.56 1.74 -1.80
CA TYR C 55 -38.23 1.94 -3.09
C TYR C 55 -39.13 0.75 -3.34
N PRO C 56 -40.44 0.90 -3.25
CA PRO C 56 -41.33 -0.26 -3.28
C PRO C 56 -41.93 -0.50 -4.65
N HIS C 57 -41.88 0.49 -5.52
CA HIS C 57 -42.57 0.44 -6.80
C HIS C 57 -41.65 -0.02 -7.91
N ASP C 58 -40.99 -1.15 -7.68
CA ASP C 58 -40.04 -1.75 -8.61
C ASP C 58 -40.76 -2.78 -9.48
N GLY C 59 -41.15 -2.44 -10.70
CA GLY C 59 -41.00 -1.12 -11.24
C GLY C 59 -41.91 -0.66 -12.37
N ARG C 60 -42.42 0.56 -12.24
CA ARG C 60 -43.04 1.28 -13.34
C ARG C 60 -42.31 2.57 -13.67
N ASP C 61 -41.10 2.74 -13.16
CA ASP C 61 -40.34 3.97 -13.32
C ASP C 61 -39.29 3.78 -14.39
N ASP C 62 -39.30 4.64 -15.41
CA ASP C 62 -38.33 4.54 -16.49
C ASP C 62 -36.89 4.66 -16.01
N ARG C 63 -36.66 5.08 -14.77
CA ARG C 63 -35.31 5.31 -14.26
C ARG C 63 -34.65 4.05 -13.73
N GLU C 64 -35.40 3.00 -13.49
CA GLU C 64 -34.83 1.79 -12.91
C GLU C 64 -33.90 1.12 -13.90
N VAL C 65 -32.80 0.57 -13.40
CA VAL C 65 -31.82 -0.16 -14.19
C VAL C 65 -31.47 0.67 -15.43
N TRP C 66 -31.16 1.94 -15.20
CA TRP C 66 -30.82 2.89 -16.25
C TRP C 66 -29.62 2.34 -17.02
N PRO C 67 -29.69 2.39 -18.35
CA PRO C 67 -30.78 2.97 -19.14
C PRO C 67 -31.71 1.97 -19.81
N LEU C 68 -31.86 0.77 -19.24
CA LEU C 68 -32.42 -0.36 -19.98
C LEU C 68 -33.86 -0.14 -20.42
N ARG C 69 -34.61 0.73 -19.76
CA ARG C 69 -35.97 0.98 -20.19
C ARG C 69 -36.03 1.69 -21.54
N PHE C 70 -34.95 2.31 -21.98
CA PHE C 70 -34.98 2.99 -23.27
C PHE C 70 -34.04 2.39 -24.30
N PHE C 71 -32.84 2.00 -23.89
CA PHE C 71 -31.85 1.45 -24.81
C PHE C 71 -31.09 0.34 -24.13
N ASN C 72 -30.76 -0.70 -24.89
CA ASN C 72 -29.90 -1.77 -24.41
C ASN C 72 -28.64 -1.92 -25.23
N ARG C 73 -28.41 -1.05 -26.21
CA ARG C 73 -27.15 -1.01 -26.93
C ARG C 73 -26.65 0.43 -26.96
N THR C 74 -25.43 0.63 -26.48
CA THR C 74 -24.81 1.94 -26.38
C THR C 74 -23.51 1.92 -27.17
N CYS C 75 -22.92 3.10 -27.35
CA CYS C 75 -21.57 3.17 -27.86
C CYS C 75 -20.59 2.96 -26.71
N HIS C 76 -19.56 2.17 -26.95
CA HIS C 76 -18.47 1.99 -26.00
C HIS C 76 -17.18 2.25 -26.75
N CYS C 77 -16.34 3.10 -26.18
CA CYS C 77 -15.25 3.69 -26.92
C CYS C 77 -13.94 3.03 -26.53
N ASN C 78 -13.04 2.97 -27.50
CA ASN C 78 -11.74 2.35 -27.32
C ASN C 78 -10.76 3.36 -26.76
N GLY C 79 -9.84 2.87 -25.95
CA GLY C 79 -8.70 3.69 -25.55
C GLY C 79 -9.13 4.87 -24.72
N ASN C 80 -8.71 6.06 -25.16
CA ASN C 80 -9.05 7.30 -24.48
C ASN C 80 -10.08 8.11 -25.25
N PHE C 81 -10.72 7.51 -26.24
CA PHE C 81 -11.86 8.12 -26.89
C PHE C 81 -13.06 8.12 -25.94
N SER C 82 -14.10 8.88 -26.30
CA SER C 82 -15.23 9.05 -25.40
C SER C 82 -16.34 9.76 -26.15
N GLY C 83 -17.52 9.76 -25.57
CA GLY C 83 -18.67 10.44 -26.13
C GLY C 83 -19.73 9.47 -26.62
N HIS C 84 -20.95 10.01 -26.76
CA HIS C 84 -22.07 9.27 -27.33
C HIS C 84 -21.72 8.67 -28.68
N ASN C 85 -20.63 9.12 -29.25
CA ASN C 85 -20.23 8.92 -30.60
C ASN C 85 -18.85 8.34 -30.68
N CYS C 86 -18.17 8.25 -29.54
CA CYS C 86 -16.73 8.08 -29.46
C CYS C 86 -16.00 9.10 -30.32
N GLY C 87 -16.62 10.25 -30.53
CA GLY C 87 -16.09 11.32 -31.33
C GLY C 87 -15.22 12.32 -30.60
N THR C 88 -15.13 12.24 -29.28
CA THR C 88 -14.27 13.14 -28.52
C THR C 88 -13.38 12.29 -27.62
N CYS C 89 -12.86 12.88 -26.55
CA CYS C 89 -11.88 12.21 -25.70
C CYS C 89 -12.34 12.17 -24.25
N ARG C 90 -11.76 11.23 -23.52
CA ARG C 90 -11.82 11.13 -22.08
C ARG C 90 -11.35 12.44 -21.42
N PRO C 91 -11.73 12.67 -20.16
CA PRO C 91 -11.57 14.02 -19.57
C PRO C 91 -10.16 14.57 -19.55
N GLY C 92 -9.15 13.75 -19.36
CA GLY C 92 -7.85 14.38 -19.34
C GLY C 92 -7.15 14.56 -20.67
N TRP C 93 -7.85 14.44 -21.79
CA TRP C 93 -7.17 14.22 -23.05
C TRP C 93 -7.83 15.01 -24.16
N ARG C 94 -7.05 15.37 -25.16
CA ARG C 94 -7.60 15.91 -26.39
C ARG C 94 -6.62 15.65 -27.53
N GLY C 95 -7.07 15.96 -28.73
CA GLY C 95 -6.34 15.64 -29.93
C GLY C 95 -7.20 14.72 -30.76
N ALA C 96 -6.99 14.69 -32.07
CA ALA C 96 -7.78 13.79 -32.91
C ALA C 96 -7.64 12.35 -32.46
N ALA C 97 -6.46 11.97 -31.99
CA ALA C 97 -6.21 10.64 -31.46
C ALA C 97 -6.27 10.59 -29.95
N CYS C 98 -6.66 11.67 -29.30
CA CYS C 98 -6.90 11.70 -27.86
C CYS C 98 -5.64 11.35 -27.08
N ASP C 99 -4.49 11.81 -27.58
CA ASP C 99 -3.21 11.48 -26.97
C ASP C 99 -2.55 12.67 -26.28
N GLN C 100 -3.13 13.85 -26.31
CA GLN C 100 -2.51 15.04 -25.75
C GLN C 100 -3.13 15.33 -24.39
N ARG C 101 -2.35 15.16 -23.33
CA ARG C 101 -2.84 15.38 -21.97
C ARG C 101 -3.19 16.86 -21.76
N VAL C 102 -4.24 17.09 -20.97
CA VAL C 102 -4.57 18.43 -20.51
C VAL C 102 -4.91 18.36 -19.04
N LEU C 103 -4.67 19.47 -18.34
CA LEU C 103 -5.03 19.60 -16.94
C LEU C 103 -5.57 21.01 -16.74
N ILE C 104 -6.83 21.12 -16.44
CA ILE C 104 -7.47 22.40 -16.22
C ILE C 104 -7.61 22.59 -14.71
N VAL C 105 -7.62 23.85 -14.29
CA VAL C 105 -7.56 24.23 -12.89
C VAL C 105 -8.84 24.95 -12.53
N ARG C 106 -9.56 24.43 -11.55
CA ARG C 106 -10.73 25.10 -11.00
C ARG C 106 -10.31 26.00 -9.84
N ARG C 107 -10.45 27.31 -10.00
CA ARG C 107 -9.95 28.28 -9.03
C ARG C 107 -11.09 28.89 -8.23
N ASN C 108 -10.72 29.48 -7.09
CA ASN C 108 -11.69 30.25 -6.30
C ASN C 108 -12.25 31.36 -7.14
N LEU C 109 -13.57 31.57 -7.04
CA LEU C 109 -14.18 32.60 -7.86
C LEU C 109 -13.65 33.97 -7.51
N LEU C 110 -13.40 34.21 -6.24
CA LEU C 110 -12.93 35.51 -5.78
C LEU C 110 -11.46 35.76 -6.05
N ASP C 111 -10.74 34.78 -6.59
CA ASP C 111 -9.38 34.99 -7.05
C ASP C 111 -9.28 35.24 -8.54
N LEU C 112 -10.39 35.19 -9.26
CA LEU C 112 -10.34 35.47 -10.69
C LEU C 112 -10.18 36.97 -10.93
N SER C 113 -9.49 37.30 -12.02
CA SER C 113 -9.32 38.67 -12.46
C SER C 113 -10.66 39.30 -12.79
N LYS C 114 -10.65 40.61 -12.94
CA LYS C 114 -11.88 41.28 -13.34
C LYS C 114 -12.38 40.75 -14.67
N GLU C 115 -11.47 40.51 -15.60
CA GLU C 115 -11.86 40.00 -16.90
C GLU C 115 -12.37 38.57 -16.82
N GLU C 116 -11.71 37.74 -16.03
CA GLU C 116 -12.16 36.34 -15.89
C GLU C 116 -13.53 36.27 -15.26
N LYS C 117 -13.73 37.01 -14.16
CA LYS C 117 -15.05 37.08 -13.53
C LYS C 117 -16.13 37.46 -14.53
N ASN C 118 -15.85 38.44 -15.39
CA ASN C 118 -16.85 38.83 -16.38
C ASN C 118 -16.98 37.78 -17.46
N HIS C 119 -15.89 37.05 -17.75
CA HIS C 119 -15.95 35.97 -18.73
C HIS C 119 -16.79 34.80 -18.22
N PHE C 120 -16.60 34.43 -16.96
CA PHE C 120 -17.41 33.37 -16.39
C PHE C 120 -18.88 33.74 -16.36
N VAL C 121 -19.18 34.99 -16.01
CA VAL C 121 -20.58 35.41 -15.92
C VAL C 121 -21.24 35.38 -17.28
N ARG C 122 -20.52 35.82 -18.32
CA ARG C 122 -21.10 35.83 -19.66
C ARG C 122 -21.19 34.42 -20.24
N ALA C 123 -20.20 33.57 -19.95
CA ALA C 123 -20.26 32.18 -20.38
C ALA C 123 -21.49 31.48 -19.82
N LEU C 124 -21.74 31.62 -18.52
CA LEU C 124 -22.93 31.05 -17.92
C LEU C 124 -24.20 31.55 -18.57
N ASP C 125 -24.28 32.84 -18.86
CA ASP C 125 -25.50 33.38 -19.45
C ASP C 125 -25.65 32.92 -20.89
N MET C 126 -24.55 32.73 -21.59
CA MET C 126 -24.62 32.15 -22.93
C MET C 126 -25.14 30.71 -22.88
N ALA C 127 -24.72 29.95 -21.87
CA ALA C 127 -25.18 28.57 -21.75
C ALA C 127 -26.67 28.51 -21.48
N LYS C 128 -27.20 29.48 -20.76
CA LYS C 128 -28.62 29.56 -20.47
C LYS C 128 -29.44 29.88 -21.71
N ARG C 129 -28.84 30.44 -22.75
CA ARG C 129 -29.57 30.83 -23.95
C ARG C 129 -29.28 29.97 -25.17
N THR C 130 -28.16 29.24 -25.19
CA THR C 130 -27.78 28.44 -26.36
C THR C 130 -28.40 27.05 -26.28
N THR C 131 -29.00 26.61 -27.36
CA THR C 131 -29.52 25.26 -27.45
C THR C 131 -28.39 24.25 -27.30
N HIS C 132 -28.61 23.22 -26.50
CA HIS C 132 -27.66 22.12 -26.43
C HIS C 132 -27.55 21.49 -27.81
N PRO C 133 -26.35 21.37 -28.38
CA PRO C 133 -26.26 20.82 -29.73
C PRO C 133 -26.57 19.34 -29.82
N LEU C 134 -26.33 18.58 -28.75
CA LEU C 134 -26.45 17.13 -28.77
C LEU C 134 -27.73 16.63 -28.12
N PHE C 135 -28.01 17.01 -26.88
CA PHE C 135 -29.04 16.37 -26.09
C PHE C 135 -30.41 17.04 -26.25
N VAL C 136 -31.45 16.21 -26.33
CA VAL C 136 -32.83 16.62 -26.22
C VAL C 136 -33.38 15.96 -24.96
N ILE C 137 -34.48 16.51 -24.44
CA ILE C 137 -35.02 16.01 -23.18
C ILE C 137 -36.47 15.55 -23.39
N ALA C 138 -36.84 14.52 -22.66
CA ALA C 138 -38.16 13.91 -22.81
C ALA C 138 -39.21 14.68 -22.04
N THR C 139 -40.35 14.93 -22.68
CA THR C 139 -41.45 15.58 -22.01
C THR C 139 -42.45 14.61 -21.42
N ARG C 140 -42.38 13.33 -21.79
CA ARG C 140 -43.29 12.30 -21.31
C ARG C 140 -42.50 11.11 -20.78
N ARG C 141 -43.19 10.29 -19.98
CA ARG C 141 -42.63 9.01 -19.58
C ARG C 141 -42.65 8.05 -20.76
N SER C 142 -42.11 6.84 -20.56
CA SER C 142 -41.96 5.94 -21.69
C SER C 142 -43.29 5.41 -22.20
N GLU C 143 -44.30 5.35 -21.34
CA GLU C 143 -45.62 4.90 -21.77
C GLU C 143 -46.16 5.78 -22.90
N GLU C 144 -45.98 7.10 -22.79
CA GLU C 144 -46.51 8.07 -23.75
C GLU C 144 -45.44 8.64 -24.67
N ILE C 145 -44.22 8.07 -24.67
CA ILE C 145 -43.05 8.76 -25.20
C ILE C 145 -43.12 8.99 -26.70
N LEU C 146 -43.97 8.27 -27.41
CA LEU C 146 -44.11 8.51 -28.84
C LEU C 146 -45.40 9.21 -29.17
N GLY C 147 -46.14 9.64 -28.16
CA GLY C 147 -47.20 10.61 -28.33
C GLY C 147 -48.53 10.01 -28.67
N PRO C 148 -49.48 10.85 -29.02
CA PRO C 148 -50.82 10.37 -29.39
C PRO C 148 -50.78 9.45 -30.58
N ASP C 149 -50.22 9.91 -31.69
CA ASP C 149 -50.24 9.14 -32.92
C ASP C 149 -49.14 8.10 -32.98
N GLY C 150 -48.36 7.92 -31.91
CA GLY C 150 -47.35 6.88 -31.87
C GLY C 150 -46.18 7.10 -32.81
N ASN C 151 -46.20 8.19 -33.57
CA ASN C 151 -45.12 8.52 -34.51
C ASN C 151 -44.45 9.84 -34.16
N THR C 152 -44.64 10.34 -32.94
CA THR C 152 -44.15 11.66 -32.57
C THR C 152 -43.38 11.58 -31.26
N PRO C 153 -42.05 11.51 -31.31
CA PRO C 153 -41.28 11.43 -30.08
C PRO C 153 -41.46 12.69 -29.25
N GLN C 154 -41.69 12.51 -27.96
CA GLN C 154 -41.99 13.62 -27.05
C GLN C 154 -40.70 14.12 -26.41
N PHE C 155 -39.85 14.68 -27.27
CA PHE C 155 -38.57 15.24 -26.87
C PHE C 155 -38.50 16.69 -27.30
N GLU C 156 -37.94 17.52 -26.44
CA GLU C 156 -37.76 18.93 -26.76
C GLU C 156 -36.27 19.27 -26.73
N ASN C 157 -35.89 20.21 -27.59
CA ASN C 157 -34.62 20.87 -27.41
C ASN C 157 -34.60 21.64 -26.10
N ILE C 158 -33.39 21.91 -25.63
CA ILE C 158 -33.22 22.59 -24.36
C ILE C 158 -31.85 23.25 -24.39
N SER C 159 -31.68 24.27 -23.57
CA SER C 159 -30.41 24.98 -23.59
C SER C 159 -29.38 24.25 -22.77
N ILE C 160 -28.11 24.59 -23.00
CA ILE C 160 -27.01 23.93 -22.31
C ILE C 160 -27.21 23.98 -20.80
N TYR C 161 -27.51 25.15 -20.26
CA TYR C 161 -27.66 25.23 -18.81
C TYR C 161 -28.99 24.66 -18.34
N ASN C 162 -30.04 24.73 -19.15
CA ASN C 162 -31.30 24.17 -18.73
C ASN C 162 -31.26 22.64 -18.74
N TYR C 163 -30.50 22.03 -19.66
CA TYR C 163 -30.25 20.59 -19.61
C TYR C 163 -29.59 20.19 -18.30
N PHE C 164 -28.59 20.96 -17.86
CA PHE C 164 -28.00 20.81 -16.54
C PHE C 164 -29.05 20.81 -15.44
N VAL C 165 -30.05 21.69 -15.55
CA VAL C 165 -31.11 21.74 -14.55
C VAL C 165 -32.01 20.52 -14.66
N TRP C 166 -32.25 20.07 -15.88
CA TRP C 166 -33.23 19.02 -16.13
C TRP C 166 -32.77 17.68 -15.57
N THR C 167 -31.52 17.29 -15.83
CA THR C 167 -31.05 16.00 -15.33
C THR C 167 -31.09 15.92 -13.82
N HIS C 168 -30.85 17.04 -13.13
CA HIS C 168 -30.98 17.06 -11.68
C HIS C 168 -32.42 16.87 -11.27
N TYR C 169 -33.35 17.51 -11.98
CA TYR C 169 -34.77 17.30 -11.71
C TYR C 169 -35.16 15.85 -11.92
N TYR C 170 -34.78 15.29 -13.07
CA TYR C 170 -35.20 13.93 -13.41
C TYR C 170 -34.63 12.92 -12.43
N SER C 171 -33.50 13.22 -11.80
CA SER C 171 -32.90 12.30 -10.86
C SER C 171 -33.55 12.35 -9.49
N VAL C 172 -34.37 13.35 -9.22
CA VAL C 172 -35.03 13.49 -7.92
C VAL C 172 -36.54 13.48 -8.01
N LYS C 173 -37.11 13.52 -9.20
CA LYS C 173 -38.56 13.63 -9.29
C LYS C 173 -39.23 12.39 -8.69
N LYS C 174 -40.52 12.52 -8.44
CA LYS C 174 -41.28 11.48 -7.78
C LYS C 174 -41.74 10.44 -8.80
N THR C 175 -42.01 9.24 -8.30
CA THR C 175 -42.42 8.12 -9.14
C THR C 175 -43.92 8.24 -9.42
N PHE C 176 -44.28 8.24 -10.69
CA PHE C 176 -45.68 8.41 -11.07
C PHE C 176 -46.38 7.06 -11.05
N LEU C 177 -47.60 7.05 -10.49
CA LEU C 177 -48.36 5.81 -10.34
C LEU C 177 -49.63 5.77 -11.16
N GLY C 178 -50.17 6.92 -11.57
CA GLY C 178 -51.34 6.97 -12.43
C GLY C 178 -52.21 8.19 -12.15
N VAL C 179 -53.07 8.56 -13.07
CA VAL C 179 -53.95 9.68 -12.83
C VAL C 179 -54.79 9.32 -11.64
N GLY C 180 -54.79 10.19 -10.64
CA GLY C 180 -55.63 9.96 -9.50
C GLY C 180 -54.98 9.23 -8.36
N GLN C 181 -53.70 8.92 -8.48
CA GLN C 181 -52.98 8.31 -7.39
C GLN C 181 -51.90 9.25 -6.92
N GLU C 182 -51.35 9.01 -5.76
CA GLU C 182 -50.31 9.88 -5.26
C GLU C 182 -48.93 9.42 -5.62
N SER C 183 -48.27 10.17 -6.48
CA SER C 183 -46.93 9.82 -6.91
C SER C 183 -46.00 9.64 -5.72
N PHE C 184 -45.06 8.69 -5.85
CA PHE C 184 -44.27 8.22 -4.72
C PHE C 184 -43.00 9.05 -4.57
N GLY C 185 -42.73 9.48 -3.35
CA GLY C 185 -41.69 10.48 -3.15
C GLY C 185 -40.55 10.10 -2.23
N GLU C 186 -40.46 8.85 -1.82
CA GLU C 186 -39.32 8.44 -1.01
C GLU C 186 -38.23 7.82 -1.89
N VAL C 187 -37.91 8.53 -2.97
CA VAL C 187 -36.93 8.07 -3.95
C VAL C 187 -36.15 9.29 -4.46
N ASP C 188 -34.84 9.15 -4.57
CA ASP C 188 -33.98 10.19 -5.12
C ASP C 188 -32.69 9.53 -5.58
N PHE C 189 -32.45 9.55 -6.89
CA PHE C 189 -31.31 8.87 -7.50
C PHE C 189 -30.00 9.63 -7.33
N SER C 190 -29.98 10.82 -6.72
CA SER C 190 -28.75 11.58 -6.61
C SER C 190 -28.51 12.24 -5.27
N HIS C 191 -29.41 12.13 -4.31
CA HIS C 191 -29.18 12.63 -2.97
C HIS C 191 -29.59 11.57 -1.96
N GLU C 192 -29.18 11.76 -0.71
CA GLU C 192 -29.56 10.86 0.37
C GLU C 192 -29.18 9.43 0.02
N GLY C 193 -27.88 9.24 -0.20
CA GLY C 193 -27.34 7.98 -0.65
C GLY C 193 -25.89 8.13 -1.08
N PRO C 194 -25.15 7.02 -1.17
CA PRO C 194 -23.70 7.14 -1.42
C PRO C 194 -23.35 7.80 -2.75
N ALA C 195 -24.23 7.74 -3.72
CA ALA C 195 -23.99 8.31 -5.03
C ALA C 195 -24.09 9.86 -5.06
N PHE C 196 -24.20 10.57 -3.93
CA PHE C 196 -24.35 12.02 -3.96
C PHE C 196 -23.12 12.68 -4.57
N LEU C 197 -21.92 12.30 -4.12
CA LEU C 197 -20.72 12.98 -4.57
C LEU C 197 -20.37 12.60 -6.01
N THR C 198 -20.50 11.33 -6.38
CA THR C 198 -20.12 10.93 -7.73
C THR C 198 -21.12 11.44 -8.75
N TRP C 199 -22.40 11.45 -8.40
CA TRP C 199 -23.43 11.95 -9.32
C TRP C 199 -23.19 13.42 -9.66
N HIS C 200 -23.05 14.26 -8.64
CA HIS C 200 -22.84 15.68 -8.86
C HIS C 200 -21.48 15.97 -9.44
N ARG C 201 -20.50 15.08 -9.27
CA ARG C 201 -19.22 15.24 -9.93
C ARG C 201 -19.38 15.16 -11.44
N TYR C 202 -20.02 14.10 -11.93
CA TYR C 202 -20.23 13.98 -13.37
C TYR C 202 -21.12 15.10 -13.88
N HIS C 203 -22.10 15.51 -13.07
CA HIS C 203 -22.98 16.63 -13.39
C HIS C 203 -22.19 17.88 -13.76
N LEU C 204 -21.17 18.21 -12.95
CA LEU C 204 -20.32 19.35 -13.21
C LEU C 204 -19.41 19.13 -14.41
N LEU C 205 -18.85 17.93 -14.52
CA LEU C 205 -17.91 17.65 -15.60
C LEU C 205 -18.60 17.73 -16.95
N ARG C 206 -19.87 17.39 -16.99
CA ARG C 206 -20.66 17.44 -18.21
C ARG C 206 -21.01 18.89 -18.56
N LEU C 207 -21.31 19.72 -17.57
CA LEU C 207 -21.48 21.15 -17.82
C LEU C 207 -20.17 21.79 -18.24
N GLU C 208 -19.07 21.41 -17.61
CA GLU C 208 -17.77 21.99 -17.95
C GLU C 208 -17.40 21.69 -19.40
N LYS C 209 -17.61 20.44 -19.82
CA LYS C 209 -17.30 20.07 -21.19
C LYS C 209 -18.21 20.78 -22.19
N ASP C 210 -19.50 20.88 -21.88
CA ASP C 210 -20.42 21.56 -22.78
C ASP C 210 -20.03 23.03 -22.95
N MET C 211 -19.53 23.65 -21.89
CA MET C 211 -19.16 25.06 -21.97
C MET C 211 -17.83 25.24 -22.69
N GLN C 212 -16.89 24.30 -22.54
CA GLN C 212 -15.66 24.35 -23.31
C GLN C 212 -15.95 24.38 -24.80
N GLU C 213 -16.84 23.49 -25.25
CA GLU C 213 -17.16 23.45 -26.67
C GLU C 213 -18.07 24.58 -27.09
N MET C 214 -18.91 25.09 -26.19
CA MET C 214 -19.74 26.24 -26.51
C MET C 214 -18.88 27.47 -26.77
N LEU C 215 -17.93 27.74 -25.87
CA LEU C 215 -16.98 28.83 -25.96
C LEU C 215 -15.82 28.55 -26.93
N GLN C 216 -15.61 27.30 -27.32
CA GLN C 216 -14.44 26.93 -28.10
C GLN C 216 -13.15 27.28 -27.36
N GLU C 217 -13.17 27.10 -26.05
CA GLU C 217 -12.02 27.33 -25.18
C GLU C 217 -11.75 26.02 -24.45
N PRO C 218 -10.87 25.16 -24.98
CA PRO C 218 -10.74 23.81 -24.43
C PRO C 218 -10.41 23.79 -22.96
N SER C 219 -9.79 24.83 -22.43
CA SER C 219 -9.30 24.81 -21.06
C SER C 219 -10.15 25.64 -20.12
N PHE C 220 -11.36 26.00 -20.52
CA PHE C 220 -12.29 26.66 -19.62
C PHE C 220 -12.63 25.75 -18.45
N SER C 221 -12.75 26.35 -17.26
CA SER C 221 -12.94 25.57 -16.04
C SER C 221 -13.90 26.29 -15.10
N LEU C 222 -14.69 25.51 -14.39
CA LEU C 222 -15.69 26.06 -13.49
C LEU C 222 -15.05 26.45 -12.16
N PRO C 223 -15.25 27.67 -11.69
CA PRO C 223 -14.70 28.05 -10.39
C PRO C 223 -15.56 27.53 -9.24
N TYR C 224 -15.05 27.68 -8.02
CA TYR C 224 -15.80 27.27 -6.86
C TYR C 224 -16.07 28.45 -5.93
N TRP C 225 -17.08 28.29 -5.08
CA TRP C 225 -17.42 29.24 -4.04
C TRP C 225 -17.07 28.62 -2.69
N ASN C 226 -16.08 29.17 -2.00
CA ASN C 226 -15.83 28.72 -0.64
C ASN C 226 -16.92 29.21 0.29
N PHE C 227 -17.98 28.42 0.48
CA PHE C 227 -19.07 28.78 1.37
C PHE C 227 -18.82 28.42 2.82
N ALA C 228 -17.60 28.00 3.15
CA ALA C 228 -17.25 27.64 4.52
C ALA C 228 -16.50 28.80 5.19
N THR C 229 -17.21 29.91 5.28
CA THR C 229 -16.69 31.14 5.89
C THR C 229 -17.43 31.51 7.17
N GLY C 230 -18.57 30.89 7.45
CA GLY C 230 -19.37 31.24 8.61
C GLY C 230 -20.05 32.58 8.53
N LYS C 231 -20.17 33.15 7.33
CA LYS C 231 -20.60 34.52 7.18
C LYS C 231 -22.12 34.65 7.23
N ASN C 232 -22.58 35.82 7.67
CA ASN C 232 -23.98 36.20 7.57
C ASN C 232 -24.40 36.38 6.13
N VAL C 233 -23.44 36.49 5.22
CA VAL C 233 -23.64 37.08 3.91
C VAL C 233 -23.12 36.14 2.83
N CYS C 234 -23.64 36.33 1.63
CA CYS C 234 -23.18 35.58 0.45
C CYS C 234 -22.13 36.43 -0.25
N ASP C 235 -20.85 36.08 -0.07
CA ASP C 235 -19.76 36.94 -0.52
C ASP C 235 -19.50 36.87 -2.03
N ILE C 236 -20.28 36.10 -2.78
CA ILE C 236 -20.24 36.15 -4.23
C ILE C 236 -21.54 36.68 -4.79
N CYS C 237 -22.43 37.15 -3.93
CA CYS C 237 -23.71 37.73 -4.35
C CYS C 237 -23.55 39.22 -4.60
N THR C 238 -22.71 39.54 -5.58
CA THR C 238 -22.50 40.90 -6.03
C THR C 238 -22.75 40.96 -7.53
N ASP C 239 -22.93 42.18 -8.03
CA ASP C 239 -23.41 42.35 -9.40
C ASP C 239 -22.34 42.10 -10.45
N ASP C 240 -21.08 42.03 -10.06
CA ASP C 240 -20.03 41.59 -10.98
C ASP C 240 -19.93 40.06 -11.04
N LEU C 241 -20.60 39.35 -10.13
CA LEU C 241 -20.58 37.89 -10.07
C LEU C 241 -21.99 37.32 -10.13
N MET C 242 -22.50 36.79 -9.03
CA MET C 242 -23.76 36.06 -9.09
C MET C 242 -24.99 36.91 -8.80
N GLY C 243 -24.82 38.20 -8.54
CA GLY C 243 -25.95 39.07 -8.34
C GLY C 243 -26.27 39.33 -6.88
N SER C 244 -26.55 40.59 -6.53
CA SER C 244 -26.97 40.93 -5.19
C SER C 244 -28.49 41.07 -5.13
N ARG C 245 -28.98 41.30 -3.92
CA ARG C 245 -30.42 41.44 -3.71
C ARG C 245 -30.97 42.62 -4.50
N SER C 246 -32.04 42.38 -5.23
CA SER C 246 -32.78 43.47 -5.83
C SER C 246 -33.17 44.48 -4.76
N ASN C 247 -33.11 45.76 -5.10
CA ASN C 247 -33.56 46.77 -4.16
C ASN C 247 -35.06 46.97 -4.20
N PHE C 248 -35.75 46.35 -5.15
CA PHE C 248 -37.19 46.42 -5.25
C PHE C 248 -37.90 45.24 -4.60
N ASP C 249 -37.21 44.11 -4.43
CA ASP C 249 -37.86 42.87 -4.00
C ASP C 249 -36.79 42.04 -3.32
N SER C 250 -36.89 41.88 -1.99
CA SER C 250 -35.84 41.25 -1.21
C SER C 250 -35.58 39.80 -1.60
N THR C 251 -36.44 39.19 -2.39
CA THR C 251 -36.27 37.79 -2.77
C THR C 251 -35.79 37.63 -4.20
N LEU C 252 -35.53 38.71 -4.92
CA LEU C 252 -35.07 38.62 -6.30
C LEU C 252 -33.63 39.10 -6.44
N ILE C 253 -33.09 38.84 -7.59
CA ILE C 253 -31.72 39.25 -7.90
C ILE C 253 -31.76 40.65 -8.45
N SER C 254 -30.73 41.42 -8.13
CA SER C 254 -30.56 42.77 -8.66
C SER C 254 -30.80 42.78 -10.17
N PRO C 255 -31.58 43.74 -10.69
CA PRO C 255 -31.76 43.84 -12.14
C PRO C 255 -30.52 44.31 -12.87
N ASN C 256 -29.45 44.63 -12.16
CA ASN C 256 -28.17 44.99 -12.74
C ASN C 256 -27.31 43.78 -13.01
N SER C 257 -27.78 42.59 -12.65
CA SER C 257 -27.12 41.32 -12.93
C SER C 257 -27.91 40.56 -13.99
N VAL C 258 -27.21 39.88 -14.89
CA VAL C 258 -27.88 39.13 -15.94
C VAL C 258 -28.77 38.03 -15.37
N PHE C 259 -28.50 37.57 -14.16
CA PHE C 259 -29.25 36.43 -13.63
C PHE C 259 -30.65 36.80 -13.18
N SER C 260 -30.95 38.10 -13.07
CA SER C 260 -32.33 38.53 -12.85
C SER C 260 -33.19 38.27 -14.09
N GLN C 261 -32.57 38.02 -15.22
CA GLN C 261 -33.28 37.76 -16.46
C GLN C 261 -33.62 36.29 -16.65
N TRP C 262 -32.90 35.39 -15.96
CA TRP C 262 -33.14 33.97 -16.10
C TRP C 262 -34.54 33.61 -15.65
N ARG C 263 -35.16 32.72 -16.38
CA ARG C 263 -36.46 32.17 -16.01
C ARG C 263 -36.31 30.67 -15.83
N VAL C 264 -36.79 30.16 -14.70
CA VAL C 264 -36.43 28.84 -14.25
C VAL C 264 -37.16 27.77 -15.05
N VAL C 265 -36.60 26.55 -15.03
CA VAL C 265 -37.27 25.37 -15.57
C VAL C 265 -37.57 24.40 -14.44
N CYS C 266 -38.60 23.58 -14.68
CA CYS C 266 -39.00 22.43 -13.85
C CYS C 266 -39.68 22.86 -12.57
N ASP C 267 -40.39 23.98 -12.59
CA ASP C 267 -41.07 24.48 -11.41
C ASP C 267 -42.47 23.92 -11.23
N SER C 268 -42.99 23.19 -12.21
CA SER C 268 -44.41 22.85 -12.24
C SER C 268 -44.67 21.42 -11.74
N LEU C 269 -44.22 21.15 -10.51
CA LEU C 269 -44.38 19.81 -9.95
C LEU C 269 -45.80 19.30 -10.06
N GLU C 270 -46.76 20.07 -9.55
CA GLU C 270 -48.15 19.63 -9.45
C GLU C 270 -48.70 19.19 -10.80
N ASP C 271 -48.17 19.77 -11.88
CA ASP C 271 -48.48 19.24 -13.19
C ASP C 271 -47.92 17.83 -13.34
N TYR C 272 -46.63 17.66 -13.07
CA TYR C 272 -45.98 16.37 -13.34
C TYR C 272 -46.41 15.31 -12.33
N ASP C 273 -46.29 15.61 -11.05
CA ASP C 273 -46.62 14.64 -10.03
C ASP C 273 -48.13 14.39 -9.91
N THR C 274 -48.94 14.87 -10.84
CA THR C 274 -50.34 14.48 -10.91
C THR C 274 -50.76 14.13 -12.33
N LEU C 275 -50.29 14.86 -13.33
CA LEU C 275 -50.62 14.50 -14.71
C LEU C 275 -49.72 13.42 -15.29
N GLY C 276 -48.59 13.13 -14.65
CA GLY C 276 -47.67 12.14 -15.16
C GLY C 276 -46.72 12.63 -16.23
N THR C 277 -46.55 13.94 -16.37
CA THR C 277 -45.69 14.51 -17.38
C THR C 277 -44.29 14.69 -16.82
N LEU C 278 -43.40 15.25 -17.63
CA LEU C 278 -42.04 15.58 -17.22
C LEU C 278 -41.78 17.07 -17.42
N CYS C 279 -40.79 17.59 -16.69
CA CYS C 279 -40.31 18.95 -16.91
C CYS C 279 -39.92 19.13 -18.37
N ASN C 280 -40.43 20.18 -19.00
CA ASN C 280 -40.13 20.47 -20.38
C ASN C 280 -39.25 21.72 -20.45
N SER C 281 -39.04 22.24 -21.67
CA SER C 281 -38.12 23.35 -21.89
C SER C 281 -38.78 24.72 -21.81
N THR C 282 -39.98 24.82 -21.27
CA THR C 282 -40.67 26.10 -21.16
C THR C 282 -40.38 26.70 -19.78
N GLU C 283 -39.81 27.91 -19.77
CA GLU C 283 -39.43 28.58 -18.55
C GLU C 283 -40.62 29.33 -17.96
N ASP C 284 -40.52 29.64 -16.66
CA ASP C 284 -41.70 30.15 -15.94
C ASP C 284 -41.26 30.79 -14.62
N GLY C 285 -40.88 32.05 -14.69
CA GLY C 285 -40.67 32.82 -13.48
C GLY C 285 -39.21 32.91 -13.12
N PRO C 286 -38.87 33.88 -12.29
CA PRO C 286 -37.46 34.18 -12.04
C PRO C 286 -36.87 33.38 -10.90
N ILE C 287 -35.53 33.43 -10.83
CA ILE C 287 -34.81 32.92 -9.67
C ILE C 287 -35.20 33.70 -8.43
N ARG C 288 -35.53 32.99 -7.36
CA ARG C 288 -35.67 33.58 -6.04
C ARG C 288 -34.42 33.30 -5.22
N ARG C 289 -33.86 34.33 -4.60
CA ARG C 289 -32.75 34.16 -3.70
C ARG C 289 -32.89 35.22 -2.64
N ASN C 290 -32.48 34.89 -1.42
CA ASN C 290 -32.61 35.78 -0.29
C ASN C 290 -31.66 35.31 0.80
N PRO C 291 -30.34 35.48 0.59
CA PRO C 291 -29.36 34.93 1.54
C PRO C 291 -29.66 35.33 2.97
N ALA C 292 -29.56 34.35 3.87
CA ALA C 292 -29.76 34.51 5.31
C ALA C 292 -31.16 34.99 5.66
N GLY C 293 -32.13 34.80 4.79
CA GLY C 293 -33.44 35.39 4.99
C GLY C 293 -34.54 34.50 5.52
N ASN C 294 -34.19 33.35 6.10
CA ASN C 294 -35.20 32.44 6.64
C ASN C 294 -35.32 32.67 8.13
N VAL C 295 -35.94 33.81 8.48
CA VAL C 295 -35.92 34.27 9.87
C VAL C 295 -36.53 33.24 10.81
N ALA C 296 -37.42 32.39 10.31
CA ALA C 296 -38.09 31.39 11.13
C ALA C 296 -37.32 30.07 11.23
N ARG C 297 -36.07 30.02 10.76
CA ARG C 297 -35.27 28.79 10.82
C ARG C 297 -33.81 29.17 11.09
N PRO C 298 -33.54 29.83 12.23
CA PRO C 298 -32.24 30.49 12.45
C PRO C 298 -31.00 29.66 12.10
N MET C 299 -31.12 28.34 12.03
CA MET C 299 -29.96 27.51 11.74
C MET C 299 -29.50 27.60 10.29
N VAL C 300 -30.34 28.11 9.40
CA VAL C 300 -29.99 28.26 7.99
C VAL C 300 -29.81 29.75 7.65
N GLN C 301 -29.40 30.53 8.64
CA GLN C 301 -29.07 31.94 8.44
C GLN C 301 -27.58 32.19 8.55
N ARG C 302 -26.78 31.14 8.45
CA ARG C 302 -25.33 31.31 8.46
C ARG C 302 -24.71 30.12 7.75
N LEU C 303 -23.60 30.35 7.10
CA LEU C 303 -22.90 29.33 6.35
C LEU C 303 -21.99 28.54 7.28
N PRO C 304 -21.53 27.37 6.86
CA PRO C 304 -20.61 26.59 7.70
C PRO C 304 -19.36 27.36 8.05
N GLU C 305 -18.79 27.06 9.20
CA GLU C 305 -17.53 27.64 9.62
C GLU C 305 -16.36 26.94 8.95
N PRO C 306 -15.22 27.61 8.80
CA PRO C 306 -14.07 26.95 8.16
C PRO C 306 -13.66 25.64 8.82
N GLN C 307 -14.07 25.38 10.06
CA GLN C 307 -13.73 24.12 10.69
C GLN C 307 -14.69 23.01 10.32
N ASP C 308 -15.94 23.35 9.99
CA ASP C 308 -16.87 22.33 9.52
C ASP C 308 -16.33 21.57 8.32
N VAL C 309 -15.43 22.20 7.55
CA VAL C 309 -14.76 21.47 6.48
C VAL C 309 -13.67 20.58 7.04
N ALA C 310 -12.84 21.11 7.94
CA ALA C 310 -11.70 20.36 8.44
C ALA C 310 -12.12 19.11 9.21
N GLN C 311 -13.26 19.16 9.91
CA GLN C 311 -13.66 18.05 10.76
C GLN C 311 -14.34 16.94 9.97
N CYS C 312 -15.05 17.28 8.90
CA CYS C 312 -15.70 16.24 8.13
C CYS C 312 -14.71 15.43 7.30
N LEU C 313 -13.52 15.95 7.05
CA LEU C 313 -12.46 15.20 6.39
C LEU C 313 -11.67 14.34 7.36
N GLU C 314 -12.13 14.20 8.59
CA GLU C 314 -11.60 13.20 9.52
C GLU C 314 -12.58 12.06 9.76
N VAL C 315 -13.72 12.06 9.08
CA VAL C 315 -14.59 10.90 8.98
C VAL C 315 -13.97 9.96 7.94
N GLY C 316 -13.41 8.85 8.39
CA GLY C 316 -12.65 7.95 7.54
C GLY C 316 -13.44 6.96 6.71
N LEU C 317 -14.65 6.64 7.14
CA LEU C 317 -15.53 5.77 6.39
C LEU C 317 -16.28 6.60 5.36
N PHE C 318 -16.18 6.21 4.09
CA PHE C 318 -16.87 6.98 3.05
C PHE C 318 -18.37 6.97 3.27
N ASP C 319 -18.92 5.82 3.58
CA ASP C 319 -20.34 5.73 3.90
C ASP C 319 -20.52 4.58 4.87
N THR C 320 -21.67 4.56 5.52
CA THR C 320 -22.01 3.52 6.47
C THR C 320 -23.45 3.11 6.19
N PRO C 321 -23.86 1.91 6.60
CA PRO C 321 -25.26 1.55 6.50
C PRO C 321 -26.09 2.47 7.37
N PRO C 322 -27.37 2.65 7.04
CA PRO C 322 -28.06 2.08 5.88
C PRO C 322 -27.93 2.92 4.61
N PHE C 323 -26.80 3.61 4.43
CA PHE C 323 -26.49 4.34 3.20
C PHE C 323 -27.63 5.27 2.79
N TYR C 324 -28.05 6.12 3.73
CA TYR C 324 -29.20 6.99 3.50
C TYR C 324 -28.92 8.31 4.18
N SER C 325 -29.87 9.23 4.07
CA SER C 325 -29.73 10.54 4.71
C SER C 325 -29.70 10.44 6.22
N ASN C 326 -29.90 9.26 6.78
CA ASN C 326 -29.86 9.12 8.23
C ASN C 326 -28.77 8.13 8.64
N SER C 327 -27.69 8.06 7.85
CA SER C 327 -26.49 7.33 8.23
C SER C 327 -25.72 8.08 9.31
N THR C 328 -24.83 7.36 9.99
CA THR C 328 -23.92 7.98 10.94
C THR C 328 -22.50 7.53 10.65
N ASN C 329 -21.54 8.33 11.11
CA ASN C 329 -20.10 8.16 10.84
C ASN C 329 -19.80 8.04 9.35
N SER C 330 -20.70 8.55 8.51
CA SER C 330 -20.61 8.45 7.07
C SER C 330 -20.07 9.75 6.52
N PHE C 331 -18.94 9.69 5.81
CA PHE C 331 -18.41 10.92 5.22
C PHE C 331 -19.37 11.51 4.21
N ARG C 332 -19.99 10.66 3.39
CA ARG C 332 -20.90 11.16 2.36
C ARG C 332 -22.07 11.89 2.99
N ASN C 333 -22.64 11.35 4.06
CA ASN C 333 -23.78 12.01 4.69
C ASN C 333 -23.35 13.24 5.50
N THR C 334 -22.08 13.32 5.90
CA THR C 334 -21.60 14.51 6.60
C THR C 334 -21.45 15.68 5.65
N VAL C 335 -20.59 15.53 4.65
CA VAL C 335 -20.35 16.62 3.70
C VAL C 335 -21.62 16.95 2.94
N GLU C 336 -22.51 15.98 2.74
CA GLU C 336 -23.78 16.29 2.09
C GLU C 336 -24.61 17.21 2.98
N GLY C 337 -24.48 17.07 4.28
CA GLY C 337 -25.11 17.96 5.21
C GLY C 337 -26.25 17.40 6.04
N TYR C 338 -26.31 16.08 6.25
CA TYR C 338 -27.34 15.53 7.09
C TYR C 338 -26.85 15.11 8.47
N SER C 339 -25.55 14.93 8.63
CA SER C 339 -24.90 14.79 9.92
C SER C 339 -24.19 16.10 10.24
N ASP C 340 -23.51 16.15 11.36
CA ASP C 340 -22.75 17.35 11.64
C ASP C 340 -21.26 17.08 11.44
N PRO C 341 -20.42 18.14 11.34
CA PRO C 341 -19.01 17.97 10.90
C PRO C 341 -18.20 16.91 11.63
N THR C 342 -18.73 16.34 12.71
CA THR C 342 -18.10 15.17 13.31
C THR C 342 -18.48 13.89 12.59
N GLY C 343 -19.74 13.80 12.15
CA GLY C 343 -20.24 12.61 11.51
C GLY C 343 -21.52 12.15 12.17
N LYS C 344 -21.75 12.62 13.39
CA LYS C 344 -22.86 12.16 14.22
C LYS C 344 -24.19 12.62 13.64
N TYR C 345 -25.02 11.65 13.26
CA TYR C 345 -26.32 11.99 12.71
C TYR C 345 -27.15 12.74 13.75
N ASP C 346 -28.02 13.60 13.25
CA ASP C 346 -28.93 14.39 14.06
C ASP C 346 -30.04 14.87 13.14
N PRO C 347 -31.26 14.37 13.30
CA PRO C 347 -32.33 14.72 12.36
C PRO C 347 -32.63 16.20 12.30
N ALA C 348 -32.09 16.99 13.21
CA ALA C 348 -32.34 18.42 13.23
C ALA C 348 -31.26 19.24 12.55
N VAL C 349 -30.07 18.66 12.29
CA VAL C 349 -28.96 19.44 11.75
C VAL C 349 -29.02 19.46 10.23
N ARG C 350 -28.54 20.58 9.70
CA ARG C 350 -28.14 20.75 8.30
C ARG C 350 -26.80 21.44 8.35
N SER C 351 -25.77 20.82 7.79
CA SER C 351 -24.42 21.19 8.20
C SER C 351 -23.55 21.77 7.12
N LEU C 352 -23.55 21.23 5.91
CA LEU C 352 -22.60 21.73 4.93
C LEU C 352 -23.28 21.96 3.59
N HIS C 353 -23.10 21.04 2.65
CA HIS C 353 -23.75 21.17 1.34
C HIS C 353 -25.20 21.59 1.50
N ASN C 354 -25.92 20.95 2.42
CA ASN C 354 -27.33 21.28 2.60
C ASN C 354 -27.52 22.64 3.25
N LEU C 355 -26.62 23.03 4.16
CA LEU C 355 -26.75 24.33 4.81
C LEU C 355 -26.63 25.46 3.80
N ALA C 356 -25.60 25.41 2.96
CA ALA C 356 -25.42 26.42 1.92
C ALA C 356 -26.64 26.49 1.01
N HIS C 357 -27.27 25.34 0.73
CA HIS C 357 -28.48 25.35 -0.07
C HIS C 357 -29.62 26.07 0.65
N LEU C 358 -29.80 25.78 1.93
CA LEU C 358 -30.89 26.40 2.69
C LEU C 358 -30.59 27.83 3.08
N PHE C 359 -29.30 28.17 3.21
CA PHE C 359 -28.90 29.55 3.47
C PHE C 359 -29.45 30.51 2.42
N LEU C 360 -29.47 30.11 1.17
CA LEU C 360 -29.94 30.99 0.12
C LEU C 360 -31.41 31.32 0.25
N ASN C 361 -32.18 30.54 1.01
CA ASN C 361 -33.60 30.80 1.28
C ASN C 361 -34.34 31.13 0.00
N GLY C 362 -34.20 30.26 -1.00
CA GLY C 362 -34.87 30.50 -2.25
C GLY C 362 -34.92 29.31 -3.19
N THR C 363 -34.83 29.59 -4.49
CA THR C 363 -34.88 28.54 -5.50
C THR C 363 -33.76 27.54 -5.29
N GLY C 364 -32.59 27.99 -4.89
CA GLY C 364 -31.46 27.10 -4.69
C GLY C 364 -31.54 26.21 -3.47
N GLY C 365 -32.61 26.27 -2.70
CA GLY C 365 -32.82 25.35 -1.60
C GLY C 365 -33.89 24.32 -1.86
N GLN C 366 -34.43 24.25 -3.06
CA GLN C 366 -35.44 23.27 -3.43
C GLN C 366 -34.80 22.25 -4.36
N THR C 367 -34.85 20.97 -3.97
CA THR C 367 -34.07 19.95 -4.65
C THR C 367 -34.35 19.90 -6.14
N HIS C 368 -35.63 19.90 -6.52
CA HIS C 368 -35.94 19.75 -7.93
C HIS C 368 -35.55 20.97 -8.74
N LEU C 369 -35.32 22.10 -8.08
CA LEU C 369 -35.21 23.39 -8.75
C LEU C 369 -33.85 24.04 -8.63
N SER C 370 -33.02 23.61 -7.68
CA SER C 370 -31.83 24.32 -7.21
C SER C 370 -30.74 24.58 -8.22
N PRO C 371 -30.63 23.86 -9.34
CA PRO C 371 -29.70 24.30 -10.38
C PRO C 371 -30.13 25.55 -11.09
N ASN C 372 -31.36 26.02 -10.90
CA ASN C 372 -31.77 27.22 -11.61
C ASN C 372 -30.98 28.43 -11.14
N ASP C 373 -30.50 28.40 -9.93
CA ASP C 373 -29.65 29.46 -9.41
C ASP C 373 -28.21 29.08 -9.68
N PRO C 374 -27.50 29.85 -10.52
CA PRO C 374 -26.14 29.44 -10.91
C PRO C 374 -25.16 29.35 -9.78
N ILE C 375 -25.50 29.78 -8.57
CA ILE C 375 -24.62 29.55 -7.43
C ILE C 375 -24.47 28.05 -7.20
N PHE C 376 -25.49 27.28 -7.55
CA PHE C 376 -25.43 25.82 -7.55
C PHE C 376 -24.12 25.30 -8.12
N VAL C 377 -23.74 25.78 -9.31
CA VAL C 377 -22.49 25.36 -9.94
C VAL C 377 -21.33 25.55 -8.98
N LEU C 378 -21.22 26.73 -8.40
CA LEU C 378 -20.10 27.05 -7.54
C LEU C 378 -20.21 26.37 -6.18
N LEU C 379 -21.42 26.21 -5.68
CA LEU C 379 -21.63 25.41 -4.48
C LEU C 379 -21.13 23.99 -4.67
N HIS C 380 -21.40 23.39 -5.83
CA HIS C 380 -21.09 21.99 -6.01
C HIS C 380 -19.67 21.72 -6.46
N THR C 381 -19.04 22.65 -7.16
CA THR C 381 -17.61 22.50 -7.39
C THR C 381 -16.83 22.58 -6.08
N PHE C 382 -17.33 23.32 -5.09
CA PHE C 382 -16.63 23.33 -3.81
C PHE C 382 -16.89 22.04 -3.04
N THR C 383 -18.13 21.56 -3.03
CA THR C 383 -18.39 20.23 -2.49
C THR C 383 -17.52 19.20 -3.16
N ASP C 384 -17.40 19.26 -4.49
CA ASP C 384 -16.56 18.32 -5.22
C ASP C 384 -15.09 18.43 -4.80
N ALA C 385 -14.64 19.65 -4.51
CA ALA C 385 -13.27 19.83 -4.06
C ALA C 385 -13.04 19.15 -2.71
N VAL C 386 -14.04 19.16 -1.85
CA VAL C 386 -13.93 18.44 -0.58
C VAL C 386 -13.81 16.95 -0.85
N PHE C 387 -14.65 16.44 -1.75
CA PHE C 387 -14.63 15.04 -2.15
C PHE C 387 -13.27 14.65 -2.70
N ASP C 388 -12.78 15.39 -3.69
CA ASP C 388 -11.48 15.08 -4.27
C ASP C 388 -10.38 15.07 -3.22
N GLU C 389 -10.49 15.93 -2.22
CA GLU C 389 -9.54 15.94 -1.12
C GLU C 389 -9.66 14.65 -0.31
N TRP C 390 -10.88 14.28 0.04
CA TRP C 390 -11.12 13.01 0.73
C TRP C 390 -10.55 11.83 -0.05
N LEU C 391 -10.75 11.80 -1.36
CA LEU C 391 -10.19 10.72 -2.17
C LEU C 391 -8.68 10.72 -2.14
N ARG C 392 -8.06 11.89 -2.29
CA ARG C 392 -6.62 11.97 -2.17
C ARG C 392 -6.16 11.45 -0.83
N ARG C 393 -6.83 11.90 0.22
CA ARG C 393 -6.31 11.74 1.57
C ARG C 393 -6.56 10.35 2.12
N TYR C 394 -7.58 9.66 1.64
CA TYR C 394 -7.87 8.30 2.08
C TYR C 394 -7.59 7.28 0.98
N ASN C 395 -6.79 7.65 -0.02
CA ASN C 395 -6.29 6.72 -1.04
C ASN C 395 -7.43 6.07 -1.82
N ALA C 396 -8.49 6.82 -2.05
CA ALA C 396 -9.55 6.42 -2.97
C ALA C 396 -10.17 5.09 -2.55
N ASP C 397 -10.28 4.90 -1.25
CA ASP C 397 -10.83 3.66 -0.69
C ASP C 397 -12.33 3.59 -0.95
N ILE C 398 -12.74 2.77 -1.92
CA ILE C 398 -14.14 2.65 -2.29
C ILE C 398 -14.87 1.58 -1.48
N SER C 399 -14.18 0.94 -0.53
CA SER C 399 -14.68 -0.30 0.06
C SER C 399 -16.04 -0.12 0.73
N THR C 400 -16.29 1.03 1.35
CA THR C 400 -17.57 1.23 1.99
C THR C 400 -18.66 1.65 1.02
N PHE C 401 -18.32 1.86 -0.26
CA PHE C 401 -19.34 2.18 -1.24
C PHE C 401 -20.09 0.89 -1.55
N PRO C 402 -21.33 0.75 -1.10
CA PRO C 402 -21.98 -0.55 -1.14
C PRO C 402 -22.22 -1.02 -2.57
N LEU C 403 -21.99 -2.31 -2.80
CA LEU C 403 -22.29 -2.93 -4.08
C LEU C 403 -23.75 -3.29 -4.21
N GLU C 404 -24.51 -3.30 -3.12
CA GLU C 404 -25.91 -3.62 -3.20
C GLU C 404 -26.62 -3.11 -1.95
N ASN C 405 -27.94 -3.02 -2.04
CA ASN C 405 -28.89 -2.71 -0.97
C ASN C 405 -28.97 -1.23 -0.63
N ALA C 406 -28.18 -0.36 -1.28
CA ALA C 406 -28.35 1.06 -1.13
C ALA C 406 -29.70 1.48 -1.73
N PRO C 407 -30.20 2.68 -1.44
CA PRO C 407 -31.42 3.13 -2.09
C PRO C 407 -31.26 3.08 -3.60
N ILE C 408 -32.37 2.89 -4.30
CA ILE C 408 -32.31 2.70 -5.74
C ILE C 408 -31.59 3.89 -6.38
N GLY C 409 -30.64 3.58 -7.26
CA GLY C 409 -29.80 4.57 -7.89
C GLY C 409 -28.41 4.72 -7.29
N HIS C 410 -28.15 4.16 -6.12
CA HIS C 410 -26.93 4.48 -5.42
C HIS C 410 -26.00 3.29 -5.24
N ASN C 411 -26.37 2.11 -5.72
CA ASN C 411 -25.42 1.01 -5.76
C ASN C 411 -24.19 1.45 -6.52
N ARG C 412 -23.06 0.82 -6.20
CA ARG C 412 -21.78 1.25 -6.74
C ARG C 412 -21.74 1.18 -8.27
N GLN C 413 -22.41 0.21 -8.88
CA GLN C 413 -22.34 0.03 -10.33
C GLN C 413 -23.57 0.54 -11.04
N TYR C 414 -24.41 1.31 -10.36
CA TYR C 414 -25.54 1.93 -11.02
C TYR C 414 -25.04 2.95 -12.05
N ASN C 415 -25.63 2.91 -13.25
CA ASN C 415 -25.44 3.99 -14.21
C ASN C 415 -26.19 5.22 -13.71
N MET C 416 -25.46 6.29 -13.41
CA MET C 416 -26.06 7.44 -12.74
C MET C 416 -27.11 8.08 -13.62
N VAL C 417 -28.26 8.38 -13.04
CA VAL C 417 -29.45 8.77 -13.79
C VAL C 417 -29.57 10.29 -13.94
N PRO C 418 -29.84 10.77 -15.16
CA PRO C 418 -30.04 10.10 -16.43
C PRO C 418 -28.91 10.31 -17.43
N PHE C 419 -27.68 10.00 -17.07
CA PHE C 419 -26.55 10.42 -17.89
C PHE C 419 -26.36 9.48 -19.08
N TRP C 420 -25.98 10.07 -20.21
CA TRP C 420 -25.64 9.32 -21.39
C TRP C 420 -24.33 9.80 -21.94
N PRO C 421 -23.45 8.88 -22.38
CA PRO C 421 -23.59 7.42 -22.33
C PRO C 421 -23.52 6.91 -20.91
N PRO C 422 -23.92 5.67 -20.67
CA PRO C 422 -23.93 5.15 -19.31
C PRO C 422 -22.59 5.33 -18.64
N VAL C 423 -22.62 5.77 -17.39
CA VAL C 423 -21.41 5.98 -16.62
C VAL C 423 -21.73 5.63 -15.19
N THR C 424 -20.95 4.73 -14.60
CA THR C 424 -21.24 4.22 -13.28
C THR C 424 -20.64 5.13 -12.21
N ASN C 425 -21.15 4.98 -10.98
CA ASN C 425 -20.60 5.73 -9.86
C ASN C 425 -19.11 5.47 -9.68
N THR C 426 -18.67 4.23 -9.95
CA THR C 426 -17.27 3.89 -9.80
C THR C 426 -16.38 4.69 -10.74
N GLU C 427 -16.87 5.05 -11.92
CA GLU C 427 -16.02 5.79 -12.86
C GLU C 427 -15.68 7.19 -12.40
N MET C 428 -16.47 7.76 -11.49
CA MET C 428 -16.21 9.07 -10.90
C MET C 428 -15.49 9.00 -9.56
N PHE C 429 -15.30 7.82 -8.99
CA PHE C 429 -14.67 7.66 -7.68
C PHE C 429 -13.15 7.58 -7.83
N VAL C 430 -12.58 8.64 -8.38
CA VAL C 430 -11.14 8.70 -8.62
C VAL C 430 -10.63 10.08 -8.19
N THR C 431 -9.34 10.14 -7.93
CA THR C 431 -8.69 11.44 -7.78
C THR C 431 -8.78 12.19 -9.11
N ALA C 432 -9.30 13.41 -9.07
CA ALA C 432 -9.53 14.14 -10.30
C ALA C 432 -8.28 14.50 -11.08
N PRO C 433 -7.16 14.91 -10.49
CA PRO C 433 -6.05 15.42 -11.33
C PRO C 433 -5.52 14.40 -12.32
N ASP C 434 -5.26 13.18 -11.88
CA ASP C 434 -4.64 12.18 -12.74
C ASP C 434 -5.65 11.40 -13.57
N ASN C 435 -6.92 11.40 -13.18
CA ASN C 435 -7.91 10.56 -13.84
C ASN C 435 -8.94 11.32 -14.65
N LEU C 436 -9.32 12.54 -14.24
CA LEU C 436 -10.39 13.27 -14.88
C LEU C 436 -9.94 14.60 -15.45
N GLY C 437 -8.64 14.86 -15.50
CA GLY C 437 -8.13 16.06 -16.14
C GLY C 437 -8.57 17.37 -15.53
N TYR C 438 -8.71 17.44 -14.22
CA TYR C 438 -8.93 18.73 -13.56
C TYR C 438 -8.45 18.66 -12.12
N THR C 439 -8.14 19.82 -11.57
CA THR C 439 -7.61 19.93 -10.22
C THR C 439 -8.14 21.22 -9.61
N TYR C 440 -8.17 21.27 -8.28
CA TYR C 440 -8.62 22.44 -7.57
C TYR C 440 -7.43 23.23 -7.00
N GLU C 441 -7.43 24.54 -7.25
CA GLU C 441 -6.50 25.44 -6.58
C GLU C 441 -7.14 25.84 -5.26
N ILE C 442 -6.70 25.21 -4.16
CA ILE C 442 -7.38 25.35 -2.89
C ILE C 442 -6.41 24.98 -1.79
N GLN C 443 -6.65 25.52 -0.60
CA GLN C 443 -5.90 25.21 0.60
C GLN C 443 -6.90 24.86 1.68
N TRP C 444 -6.51 23.92 2.54
CA TRP C 444 -7.48 23.40 3.48
C TRP C 444 -7.14 23.79 4.91
N PRO C 445 -8.13 24.09 5.73
CA PRO C 445 -7.86 24.57 7.08
C PRO C 445 -7.09 23.54 7.90
N SER C 446 -6.13 24.02 8.68
CA SER C 446 -5.34 23.16 9.55
C SER C 446 -6.03 22.98 10.89
N GLN D 1 -10.53 -9.44 21.84
CA GLN D 1 -10.71 -9.68 20.41
C GLN D 1 -9.49 -9.98 19.62
N PHE D 2 -9.65 -9.85 18.35
CA PHE D 2 -8.78 -10.57 17.47
C PHE D 2 -7.91 -9.63 16.66
N PRO D 3 -6.74 -10.09 16.26
CA PRO D 3 -5.93 -9.34 15.30
C PRO D 3 -6.77 -8.99 14.08
N ARG D 4 -6.49 -7.83 13.48
CA ARG D 4 -7.31 -7.41 12.35
C ARG D 4 -7.14 -8.38 11.18
N GLN D 5 -6.01 -9.05 11.09
CA GLN D 5 -5.76 -9.99 10.01
C GLN D 5 -6.56 -11.27 10.17
N CYS D 6 -7.17 -11.49 11.32
CA CYS D 6 -8.03 -12.64 11.53
C CYS D 6 -9.50 -12.29 11.47
N ALA D 7 -9.85 -11.01 11.36
CA ALA D 7 -11.25 -10.59 11.31
C ALA D 7 -11.78 -10.57 9.90
N THR D 8 -11.38 -11.52 9.09
CA THR D 8 -11.80 -11.62 7.70
C THR D 8 -12.71 -12.84 7.56
N VAL D 9 -13.37 -12.94 6.41
CA VAL D 9 -14.17 -14.13 6.14
C VAL D 9 -13.26 -15.34 5.94
N GLU D 10 -12.13 -15.15 5.27
CA GLU D 10 -11.24 -16.28 5.01
C GLU D 10 -10.69 -16.85 6.30
N ALA D 11 -10.41 -15.99 7.27
CA ALA D 11 -9.89 -16.46 8.55
C ALA D 11 -10.98 -17.08 9.40
N LEU D 12 -12.16 -16.45 9.46
CA LEU D 12 -13.21 -16.99 10.33
C LEU D 12 -13.75 -18.32 9.83
N ARG D 13 -13.83 -18.49 8.50
CA ARG D 13 -14.35 -19.74 7.96
C ARG D 13 -13.30 -20.85 7.98
N SER D 14 -12.03 -20.51 8.17
CA SER D 14 -10.99 -21.50 8.33
C SER D 14 -10.75 -21.90 9.77
N GLY D 15 -11.25 -21.13 10.74
CA GLY D 15 -11.01 -21.44 12.12
C GLY D 15 -9.60 -21.22 12.58
N MET D 16 -8.80 -20.53 11.77
CA MET D 16 -7.39 -20.38 12.04
C MET D 16 -7.04 -18.90 12.13
N CYS D 17 -6.44 -18.51 13.25
CA CYS D 17 -5.87 -17.18 13.41
C CYS D 17 -4.38 -17.39 13.65
N CYS D 18 -3.62 -17.41 12.56
CA CYS D 18 -2.18 -17.62 12.61
C CYS D 18 -1.54 -16.65 11.63
N PRO D 19 -1.51 -15.36 11.95
CA PRO D 19 -1.06 -14.37 10.96
C PRO D 19 0.41 -14.51 10.65
N ASP D 20 0.79 -14.02 9.48
CA ASP D 20 2.18 -13.93 9.10
C ASP D 20 2.91 -12.93 9.97
N LEU D 21 4.21 -13.14 10.15
CA LEU D 21 5.04 -12.14 10.80
C LEU D 21 5.89 -11.40 9.77
N SER D 22 6.88 -12.05 9.18
CA SER D 22 7.69 -11.47 8.11
C SER D 22 7.79 -12.43 6.94
N PRO D 23 6.78 -12.46 6.10
CA PRO D 23 6.74 -13.47 5.05
C PRO D 23 7.50 -13.01 3.81
N VAL D 24 8.70 -13.52 3.58
CA VAL D 24 9.48 -13.06 2.45
C VAL D 24 9.19 -13.82 1.16
N SER D 25 8.64 -15.04 1.25
CA SER D 25 8.29 -15.86 0.10
C SER D 25 6.84 -15.70 -0.29
N GLY D 26 6.16 -14.68 0.22
CA GLY D 26 4.77 -14.45 -0.11
C GLY D 26 3.87 -14.76 1.07
N PRO D 27 2.61 -14.34 1.00
CA PRO D 27 1.66 -14.63 2.07
C PRO D 27 1.61 -16.10 2.42
N GLY D 28 1.47 -16.39 3.70
CA GLY D 28 1.35 -17.74 4.19
C GLY D 28 2.65 -18.46 4.42
N THR D 29 3.78 -17.80 4.26
CA THR D 29 5.07 -18.47 4.37
C THR D 29 5.80 -18.21 5.68
N ASP D 30 5.28 -17.37 6.57
CA ASP D 30 5.92 -17.19 7.87
C ASP D 30 4.87 -17.10 8.97
N ARG D 31 3.86 -17.97 8.92
CA ARG D 31 2.84 -17.98 9.96
C ARG D 31 3.47 -18.24 11.32
N CYS D 32 3.18 -17.35 12.26
CA CYS D 32 3.65 -17.43 13.63
C CYS D 32 5.16 -17.31 13.72
N GLY D 33 5.80 -16.77 12.69
CA GLY D 33 7.24 -16.68 12.65
C GLY D 33 7.94 -18.02 12.57
N SER D 34 7.37 -18.98 11.87
CA SER D 34 8.01 -20.29 11.79
C SER D 34 9.22 -20.31 10.86
N SER D 35 9.37 -19.33 9.98
CA SER D 35 10.57 -19.28 9.16
C SER D 35 11.79 -19.00 10.03
N SER D 36 11.68 -18.09 10.97
CA SER D 36 12.64 -18.01 12.04
C SER D 36 12.27 -19.11 13.03
N GLY D 37 12.91 -19.18 14.18
CA GLY D 37 12.54 -20.25 15.06
C GLY D 37 11.47 -19.84 16.07
N ARG D 38 10.62 -18.88 15.72
CA ARG D 38 9.90 -18.16 16.76
C ARG D 38 8.62 -18.82 17.21
N GLY D 39 7.92 -19.53 16.33
CA GLY D 39 6.75 -20.25 16.78
C GLY D 39 6.10 -21.02 15.66
N ARG D 40 4.92 -21.56 15.95
CA ARG D 40 4.20 -22.39 14.99
C ARG D 40 2.70 -22.30 15.23
N CYS D 41 1.94 -22.44 14.15
CA CYS D 41 0.48 -22.60 14.25
C CYS D 41 0.12 -23.97 14.78
N GLU D 42 -0.86 -24.03 15.68
CA GLU D 42 -1.18 -25.27 16.38
C GLU D 42 -2.60 -25.16 16.90
N ALA D 43 -3.15 -26.31 17.29
CA ALA D 43 -4.50 -26.35 17.83
C ALA D 43 -4.55 -25.71 19.20
N VAL D 44 -5.64 -25.01 19.48
CA VAL D 44 -5.79 -24.34 20.76
C VAL D 44 -6.18 -25.34 21.84
N THR D 45 -5.54 -25.21 22.99
CA THR D 45 -5.96 -25.94 24.18
C THR D 45 -6.94 -25.05 24.95
N ALA D 46 -8.13 -25.58 25.20
CA ALA D 46 -9.15 -24.82 25.90
C ALA D 46 -9.80 -25.73 26.92
N ASP D 47 -9.83 -25.27 28.16
CA ASP D 47 -10.39 -26.00 29.28
C ASP D 47 -11.79 -26.49 28.96
N SER D 48 -12.00 -27.79 29.15
CA SER D 48 -13.29 -28.42 28.95
C SER D 48 -13.95 -28.85 30.25
N ARG D 49 -13.40 -28.48 31.39
CA ARG D 49 -13.91 -28.94 32.66
C ARG D 49 -15.23 -28.25 32.96
N PRO D 50 -16.05 -28.85 33.81
CA PRO D 50 -17.37 -28.28 34.09
C PRO D 50 -17.33 -27.02 34.96
N HIS D 51 -18.38 -26.23 34.82
CA HIS D 51 -18.55 -25.02 35.60
C HIS D 51 -19.78 -25.14 36.48
N SER D 52 -19.92 -24.18 37.41
CA SER D 52 -21.01 -24.21 38.37
C SER D 52 -22.36 -24.26 37.64
N PRO D 53 -23.39 -24.77 38.32
CA PRO D 53 -24.70 -24.89 37.67
C PRO D 53 -25.42 -23.56 37.49
N GLN D 54 -24.84 -22.47 37.96
CA GLN D 54 -25.47 -21.16 37.82
C GLN D 54 -25.72 -20.81 36.35
N TYR D 55 -24.81 -21.18 35.47
CA TYR D 55 -24.96 -20.91 34.06
C TYR D 55 -25.60 -22.12 33.39
N PRO D 56 -26.87 -22.05 32.99
CA PRO D 56 -27.52 -23.22 32.38
C PRO D 56 -27.50 -23.24 30.87
N HIS D 57 -27.00 -22.20 30.21
CA HIS D 57 -27.17 -22.05 28.78
C HIS D 57 -25.93 -22.45 28.00
N ASP D 58 -25.29 -23.55 28.40
CA ASP D 58 -24.22 -24.12 27.59
C ASP D 58 -24.69 -24.26 26.16
N GLY D 59 -23.95 -23.69 25.23
CA GLY D 59 -24.28 -23.76 23.83
C GLY D 59 -24.79 -22.47 23.23
N ARG D 60 -25.06 -21.47 24.06
CA ARG D 60 -25.71 -20.25 23.62
C ARG D 60 -24.81 -19.02 23.53
N ASP D 61 -23.64 -19.06 24.16
CA ASP D 61 -22.82 -17.86 24.34
C ASP D 61 -21.45 -18.05 23.70
N ASP D 62 -21.05 -17.08 22.89
CA ASP D 62 -19.75 -17.15 22.21
C ASP D 62 -18.57 -17.17 23.16
N ARG D 63 -18.77 -16.90 24.44
CA ARG D 63 -17.66 -16.85 25.37
C ARG D 63 -17.32 -18.21 25.98
N GLU D 64 -18.22 -19.18 25.87
CA GLU D 64 -17.94 -20.50 26.40
C GLU D 64 -16.74 -21.12 25.67
N VAL D 65 -15.88 -21.76 26.43
CA VAL D 65 -14.71 -22.49 25.95
C VAL D 65 -13.88 -21.60 25.02
N TRP D 66 -13.63 -20.37 25.43
CA TRP D 66 -12.88 -19.39 24.66
C TRP D 66 -11.51 -19.90 24.27
N PRO D 67 -11.13 -19.73 23.01
CA PRO D 67 -11.86 -19.07 21.94
C PRO D 67 -12.55 -19.96 20.90
N LEU D 68 -13.00 -21.16 21.27
CA LEU D 68 -13.31 -22.19 20.30
C LEU D 68 -14.48 -21.87 19.39
N ARG D 69 -15.34 -20.95 19.75
CA ARG D 69 -16.42 -20.61 18.84
C ARG D 69 -15.96 -19.73 17.69
N PHE D 70 -14.74 -19.29 17.72
CA PHE D 70 -14.20 -18.48 16.65
C PHE D 70 -12.99 -19.10 15.99
N PHE D 71 -12.07 -19.69 16.74
CA PHE D 71 -10.85 -20.21 16.16
C PHE D 71 -10.45 -21.47 16.90
N ASN D 72 -9.93 -22.45 16.17
CA ASN D 72 -9.38 -23.64 16.80
C ASN D 72 -7.91 -23.82 16.52
N ARG D 73 -7.28 -22.89 15.79
CA ARG D 73 -5.83 -22.86 15.59
C ARG D 73 -5.31 -21.46 15.85
N THR D 74 -4.23 -21.36 16.64
CA THR D 74 -3.62 -20.11 17.02
C THR D 74 -2.11 -20.24 16.92
N CYS D 75 -1.42 -19.12 17.09
CA CYS D 75 0.02 -19.16 17.19
C CYS D 75 0.45 -19.60 18.59
N HIS D 76 1.35 -20.58 18.64
CA HIS D 76 2.03 -20.96 19.87
C HIS D 76 3.49 -20.60 19.69
N CYS D 77 4.02 -19.79 20.59
CA CYS D 77 5.35 -19.24 20.45
C CYS D 77 6.36 -20.00 21.29
N ASN D 78 7.57 -20.11 20.78
CA ASN D 78 8.64 -20.85 21.44
C ASN D 78 9.44 -19.91 22.33
N GLY D 79 9.94 -20.45 23.44
CA GLY D 79 10.86 -19.70 24.28
C GLY D 79 10.20 -18.47 24.89
N ASN D 80 10.90 -17.34 24.79
CA ASN D 80 10.41 -16.09 25.32
C ASN D 80 9.78 -15.20 24.26
N PHE D 81 9.48 -15.75 23.09
CA PHE D 81 8.70 -15.00 22.12
C PHE D 81 7.23 -15.02 22.51
N SER D 82 6.50 -14.02 22.04
CA SER D 82 5.12 -13.89 22.43
C SER D 82 4.39 -13.04 21.40
N GLY D 83 3.09 -12.94 21.57
CA GLY D 83 2.26 -12.15 20.70
C GLY D 83 1.45 -13.01 19.73
N HIS D 84 0.44 -12.40 19.14
CA HIS D 84 -0.40 -13.10 18.18
C HIS D 84 0.41 -13.61 17.01
N ASN D 85 1.57 -13.02 16.77
CA ASN D 85 2.46 -13.29 15.65
C ASN D 85 3.71 -14.04 16.05
N CYS D 86 3.87 -14.33 17.33
CA CYS D 86 5.16 -14.64 17.91
C CYS D 86 6.18 -13.57 17.53
N GLY D 87 5.70 -12.36 17.28
CA GLY D 87 6.53 -11.25 16.90
C GLY D 87 6.99 -10.31 17.98
N THR D 88 6.71 -10.59 19.25
CA THR D 88 7.19 -9.73 20.34
C THR D 88 7.65 -10.66 21.45
N CYS D 89 7.79 -10.16 22.67
CA CYS D 89 8.39 -10.92 23.75
C CYS D 89 7.43 -11.08 24.93
N ARG D 90 7.63 -12.17 25.66
CA ARG D 90 6.94 -12.46 26.92
C ARG D 90 7.12 -11.32 27.92
N PRO D 91 6.21 -11.20 28.88
CA PRO D 91 6.36 -10.14 29.89
C PRO D 91 7.67 -10.26 30.64
N GLY D 92 8.42 -9.17 30.62
CA GLY D 92 9.70 -9.12 31.26
C GLY D 92 10.87 -9.33 30.35
N TRP D 93 10.68 -9.33 29.04
CA TRP D 93 11.77 -9.69 28.15
C TRP D 93 11.74 -8.78 26.94
N ARG D 94 12.92 -8.58 26.38
CA ARG D 94 13.15 -7.50 25.45
C ARG D 94 14.23 -7.96 24.49
N GLY D 95 14.18 -7.46 23.27
CA GLY D 95 15.19 -7.77 22.28
C GLY D 95 14.65 -8.48 21.06
N ALA D 96 15.40 -8.45 19.96
CA ALA D 96 15.02 -9.26 18.81
C ALA D 96 14.98 -10.74 19.15
N ALA D 97 15.85 -11.17 20.05
CA ALA D 97 15.93 -12.56 20.50
C ALA D 97 15.24 -12.79 21.82
N CYS D 98 14.64 -11.74 22.39
CA CYS D 98 13.92 -11.81 23.66
C CYS D 98 14.79 -12.42 24.76
N ASP D 99 16.01 -11.89 24.85
CA ASP D 99 17.02 -12.39 25.77
C ASP D 99 17.54 -11.33 26.73
N GLN D 100 16.97 -10.13 26.70
CA GLN D 100 17.35 -9.03 27.58
C GLN D 100 16.30 -8.91 28.67
N ARG D 101 16.69 -9.14 29.91
CA ARG D 101 15.78 -9.20 31.04
C ARG D 101 15.44 -7.80 31.53
N VAL D 102 14.21 -7.61 32.03
CA VAL D 102 13.70 -6.26 32.25
C VAL D 102 12.70 -6.28 33.41
N LEU D 103 12.63 -5.16 34.14
CA LEU D 103 11.75 -4.98 35.28
C LEU D 103 11.31 -3.52 35.38
N ILE D 104 10.03 -3.24 35.24
CA ILE D 104 9.51 -1.90 35.40
C ILE D 104 8.86 -1.76 36.78
N VAL D 105 8.60 -0.53 37.19
CA VAL D 105 8.17 -0.20 38.55
C VAL D 105 6.87 0.58 38.50
N ARG D 106 5.83 0.06 39.11
CA ARG D 106 4.56 0.75 39.26
C ARG D 106 4.58 1.50 40.59
N ARG D 107 4.43 2.80 40.54
CA ARG D 107 4.62 3.68 41.68
C ARG D 107 3.28 4.29 42.07
N ASN D 108 3.21 4.77 43.31
CA ASN D 108 2.07 5.57 43.74
C ASN D 108 1.98 6.82 42.89
N LEU D 109 0.79 7.12 42.38
CA LEU D 109 0.63 8.27 41.50
C LEU D 109 1.01 9.57 42.20
N LEU D 110 0.76 9.67 43.49
CA LEU D 110 1.01 10.91 44.19
C LEU D 110 2.49 11.16 44.42
N ASP D 111 3.33 10.14 44.31
CA ASP D 111 4.78 10.27 44.46
C ASP D 111 5.49 10.63 43.17
N LEU D 112 4.79 10.70 42.04
CA LEU D 112 5.47 11.04 40.81
C LEU D 112 5.78 12.53 40.78
N SER D 113 6.80 12.89 40.02
CA SER D 113 7.12 14.29 39.85
C SER D 113 6.01 14.99 39.08
N LYS D 114 6.05 16.31 39.08
CA LYS D 114 5.03 17.06 38.36
C LYS D 114 5.06 16.74 36.87
N GLU D 115 6.26 16.49 36.33
CA GLU D 115 6.37 16.12 34.92
C GLU D 115 5.87 14.71 34.67
N GLU D 116 6.19 13.78 35.55
CA GLU D 116 5.73 12.42 35.39
C GLU D 116 4.21 12.36 35.50
N LYS D 117 3.64 13.13 36.42
CA LYS D 117 2.19 13.17 36.53
C LYS D 117 1.55 13.63 35.23
N ASN D 118 2.12 14.65 34.60
CA ASN D 118 1.57 15.18 33.37
C ASN D 118 1.78 14.23 32.20
N HIS D 119 2.89 13.51 32.18
CA HIS D 119 3.14 12.53 31.14
C HIS D 119 2.10 11.42 31.18
N PHE D 120 1.72 10.98 32.38
CA PHE D 120 0.74 9.93 32.53
C PHE D 120 -0.64 10.37 32.07
N VAL D 121 -1.05 11.59 32.43
CA VAL D 121 -2.36 12.10 32.01
C VAL D 121 -2.43 12.23 30.50
N ARG D 122 -1.38 12.78 29.90
CA ARG D 122 -1.33 12.93 28.45
C ARG D 122 -1.16 11.58 27.76
N ALA D 123 -0.44 10.64 28.38
CA ALA D 123 -0.38 9.29 27.81
C ALA D 123 -1.75 8.65 27.78
N LEU D 124 -2.48 8.70 28.89
CA LEU D 124 -3.84 8.18 28.92
C LEU D 124 -4.70 8.81 27.83
N ASP D 125 -4.60 10.12 27.66
CA ASP D 125 -5.46 10.79 26.71
C ASP D 125 -5.08 10.43 25.28
N MET D 126 -3.81 10.19 25.03
CA MET D 126 -3.39 9.72 23.73
C MET D 126 -3.90 8.30 23.47
N ALA D 127 -3.90 7.45 24.50
CA ALA D 127 -4.43 6.11 24.33
C ALA D 127 -5.90 6.15 24.00
N LYS D 128 -6.61 7.15 24.52
CA LYS D 128 -8.04 7.33 24.26
C LYS D 128 -8.32 7.74 22.83
N ARG D 129 -7.36 8.33 22.13
CA ARG D 129 -7.59 8.85 20.79
C ARG D 129 -6.92 8.04 19.69
N THR D 130 -5.93 7.25 20.01
CA THR D 130 -5.16 6.51 19.03
C THR D 130 -5.81 5.16 18.74
N THR D 131 -6.03 4.87 17.45
CA THR D 131 -6.59 3.59 17.04
C THR D 131 -5.69 2.44 17.46
N HIS D 132 -6.30 1.39 18.00
CA HIS D 132 -5.52 0.23 18.36
C HIS D 132 -4.88 -0.36 17.10
N PRO D 133 -3.56 -0.49 17.05
CA PRO D 133 -2.91 -0.97 15.83
C PRO D 133 -3.19 -2.44 15.51
N LEU D 134 -3.60 -3.25 16.47
CA LEU D 134 -3.68 -4.69 16.27
C LEU D 134 -5.08 -5.25 16.36
N PHE D 135 -5.86 -4.87 17.36
CA PHE D 135 -7.15 -5.50 17.63
C PHE D 135 -8.30 -4.70 17.04
N VAL D 136 -9.29 -5.41 16.51
CA VAL D 136 -10.57 -4.84 16.16
C VAL D 136 -11.60 -5.52 17.04
N ILE D 137 -12.75 -4.89 17.24
CA ILE D 137 -13.78 -5.42 18.11
C ILE D 137 -15.00 -5.80 17.29
N ALA D 138 -15.63 -6.90 17.68
CA ALA D 138 -16.85 -7.35 17.04
C ALA D 138 -18.04 -6.52 17.53
N THR D 139 -18.93 -6.19 16.61
CA THR D 139 -20.17 -5.51 16.97
C THR D 139 -21.37 -6.43 16.99
N ARG D 140 -21.22 -7.68 16.54
CA ARG D 140 -22.31 -8.65 16.53
C ARG D 140 -21.82 -9.97 17.12
N ARG D 141 -22.77 -10.78 17.58
CA ARG D 141 -22.43 -12.12 18.01
C ARG D 141 -22.09 -12.99 16.79
N SER D 142 -21.62 -14.21 17.04
CA SER D 142 -21.07 -15.02 15.95
C SER D 142 -22.12 -15.33 14.89
N GLU D 143 -23.35 -15.61 15.31
CA GLU D 143 -24.42 -15.87 14.35
C GLU D 143 -24.52 -14.78 13.30
N GLU D 144 -24.32 -13.52 13.69
CA GLU D 144 -24.46 -12.41 12.76
C GLU D 144 -23.12 -11.80 12.38
N ILE D 145 -22.01 -12.47 12.68
CA ILE D 145 -20.69 -11.84 12.62
C ILE D 145 -20.28 -11.48 11.21
N LEU D 146 -20.86 -12.12 10.19
CA LEU D 146 -20.41 -11.91 8.83
C LEU D 146 -21.33 -11.01 8.03
N GLY D 147 -22.27 -10.34 8.67
CA GLY D 147 -23.04 -9.33 8.01
C GLY D 147 -24.31 -9.83 7.36
N PRO D 148 -24.99 -8.94 6.64
CA PRO D 148 -26.22 -9.31 5.95
C PRO D 148 -25.94 -10.09 4.68
N ASP D 149 -24.95 -9.66 3.91
CA ASP D 149 -24.55 -10.39 2.73
C ASP D 149 -23.70 -11.60 3.07
N GLY D 150 -23.50 -11.89 4.35
CA GLY D 150 -22.71 -13.05 4.72
C GLY D 150 -21.26 -12.92 4.38
N ASN D 151 -20.82 -11.76 3.90
CA ASN D 151 -19.44 -11.58 3.46
C ASN D 151 -18.85 -10.26 3.96
N THR D 152 -19.43 -9.67 5.01
CA THR D 152 -18.96 -8.40 5.55
C THR D 152 -18.76 -8.52 7.06
N PRO D 153 -17.54 -8.76 7.51
CA PRO D 153 -17.31 -9.02 8.93
C PRO D 153 -17.65 -7.81 9.78
N GLN D 154 -18.35 -8.07 10.88
CA GLN D 154 -18.84 -7.00 11.75
C GLN D 154 -17.79 -6.68 12.81
N PHE D 155 -16.68 -6.11 12.34
CA PHE D 155 -15.62 -5.67 13.22
C PHE D 155 -15.35 -4.19 12.98
N GLU D 156 -14.98 -3.49 14.03
CA GLU D 156 -14.68 -2.07 13.95
C GLU D 156 -13.33 -1.82 14.56
N ASN D 157 -12.66 -0.82 14.03
CA ASN D 157 -11.48 -0.29 14.70
C ASN D 157 -11.89 0.34 16.02
N ILE D 158 -10.94 0.43 16.94
CA ILE D 158 -11.26 0.95 18.26
C ILE D 158 -9.98 1.50 18.86
N SER D 159 -10.12 2.47 19.75
CA SER D 159 -8.92 3.08 20.28
C SER D 159 -8.29 2.16 21.31
N ILE D 160 -7.02 2.45 21.61
CA ILE D 160 -6.26 1.68 22.59
C ILE D 160 -7.02 1.63 23.91
N TYR D 161 -7.46 2.79 24.38
CA TYR D 161 -8.14 2.80 25.66
C TYR D 161 -9.55 2.26 25.58
N ASN D 162 -10.26 2.50 24.48
CA ASN D 162 -11.61 1.97 24.37
C ASN D 162 -11.63 0.45 24.21
N TYR D 163 -10.60 -0.14 23.61
CA TYR D 163 -10.44 -1.59 23.62
C TYR D 163 -10.31 -2.12 25.05
N PHE D 164 -9.54 -1.43 25.89
CA PHE D 164 -9.45 -1.75 27.32
C PHE D 164 -10.83 -1.70 27.98
N VAL D 165 -11.67 -0.76 27.58
CA VAL D 165 -13.05 -0.71 28.07
C VAL D 165 -13.88 -1.84 27.46
N TRP D 166 -13.63 -2.18 26.20
CA TRP D 166 -14.47 -3.13 25.49
C TRP D 166 -14.32 -4.55 26.04
N THR D 167 -13.09 -5.02 26.24
CA THR D 167 -12.89 -6.37 26.74
C THR D 167 -13.56 -6.55 28.10
N HIS D 168 -13.53 -5.52 28.94
CA HIS D 168 -14.20 -5.55 30.22
C HIS D 168 -15.71 -5.69 30.05
N TYR D 169 -16.30 -4.91 29.15
CA TYR D 169 -17.72 -5.03 28.87
C TYR D 169 -18.07 -6.41 28.37
N TYR D 170 -17.32 -6.92 27.37
CA TYR D 170 -17.62 -8.22 26.81
C TYR D 170 -17.55 -9.31 27.85
N SER D 171 -16.65 -9.17 28.81
CA SER D 171 -16.51 -10.20 29.82
C SER D 171 -17.64 -10.20 30.83
N VAL D 172 -18.43 -9.13 30.93
CA VAL D 172 -19.51 -9.07 31.91
C VAL D 172 -20.89 -8.97 31.28
N LYS D 173 -21.00 -8.81 29.98
CA LYS D 173 -22.29 -8.62 29.35
C LYS D 173 -23.19 -9.84 29.52
N LYS D 174 -24.48 -9.61 29.36
CA LYS D 174 -25.44 -10.67 29.55
C LYS D 174 -25.47 -11.57 28.33
N THR D 175 -25.80 -12.85 28.57
CA THR D 175 -26.00 -13.81 27.49
C THR D 175 -27.31 -13.51 26.78
N PHE D 176 -27.23 -13.22 25.49
CA PHE D 176 -28.42 -12.98 24.69
C PHE D 176 -29.09 -14.31 24.39
N LEU D 177 -30.40 -14.39 24.63
CA LEU D 177 -31.15 -15.61 24.37
C LEU D 177 -32.08 -15.50 23.17
N GLY D 178 -32.25 -14.31 22.62
CA GLY D 178 -33.05 -14.12 21.43
C GLY D 178 -33.99 -12.94 21.61
N VAL D 179 -34.33 -12.31 20.50
CA VAL D 179 -35.19 -11.14 20.55
C VAL D 179 -36.52 -11.48 21.20
N GLY D 180 -37.02 -10.58 22.02
CA GLY D 180 -38.21 -10.82 22.78
C GLY D 180 -38.02 -11.64 24.04
N GLN D 181 -36.82 -12.13 24.31
CA GLN D 181 -36.54 -12.81 25.56
C GLN D 181 -35.65 -11.96 26.46
N GLU D 182 -35.76 -12.20 27.76
CA GLU D 182 -34.97 -11.48 28.74
C GLU D 182 -33.60 -12.12 28.84
N SER D 183 -32.56 -11.35 28.61
CA SER D 183 -31.21 -11.90 28.59
C SER D 183 -30.78 -12.37 29.97
N PHE D 184 -29.92 -13.37 29.99
CA PHE D 184 -29.51 -14.01 31.23
C PHE D 184 -28.31 -13.27 31.79
N GLY D 185 -28.35 -12.96 33.08
CA GLY D 185 -27.34 -12.11 33.67
C GLY D 185 -26.62 -12.70 34.84
N GLU D 186 -26.93 -13.95 35.19
CA GLU D 186 -26.21 -14.59 36.28
C GLU D 186 -24.95 -15.24 35.76
N VAL D 187 -24.19 -14.45 35.03
CA VAL D 187 -22.95 -14.87 34.40
C VAL D 187 -22.00 -13.68 34.39
N ASP D 188 -20.74 -13.94 34.72
CA ASP D 188 -19.72 -12.89 34.73
C ASP D 188 -18.36 -13.54 34.69
N PHE D 189 -17.65 -13.35 33.58
CA PHE D 189 -16.38 -14.01 33.32
C PHE D 189 -15.20 -13.35 33.99
N SER D 190 -15.39 -12.23 34.69
CA SER D 190 -14.24 -11.55 35.28
C SER D 190 -14.47 -11.07 36.71
N HIS D 191 -15.65 -11.22 37.28
CA HIS D 191 -15.89 -10.85 38.66
C HIS D 191 -16.66 -11.99 39.33
N GLU D 192 -16.75 -11.91 40.65
CA GLU D 192 -17.52 -12.83 41.46
C GLU D 192 -17.09 -14.28 41.21
N GLY D 193 -15.81 -14.53 41.36
CA GLY D 193 -15.22 -15.82 41.13
C GLY D 193 -13.73 -15.71 41.26
N PRO D 194 -13.02 -16.82 41.30
CA PRO D 194 -11.56 -16.76 41.51
C PRO D 194 -10.81 -16.08 40.38
N ALA D 195 -11.36 -16.00 39.19
CA ALA D 195 -10.62 -15.38 38.10
C ALA D 195 -10.64 -13.85 38.17
N PHE D 196 -11.23 -13.26 39.19
CA PHE D 196 -11.32 -11.80 39.28
C PHE D 196 -9.95 -11.14 39.29
N LEU D 197 -9.06 -11.59 40.16
CA LEU D 197 -7.79 -10.90 40.31
C LEU D 197 -6.90 -11.15 39.12
N THR D 198 -6.96 -12.35 38.59
CA THR D 198 -6.09 -12.76 37.51
C THR D 198 -6.57 -12.19 36.17
N TRP D 199 -7.89 -12.06 36.00
CA TRP D 199 -8.43 -11.39 34.83
C TRP D 199 -7.99 -9.94 34.76
N HIS D 200 -8.19 -9.20 35.85
CA HIS D 200 -7.89 -7.78 35.85
C HIS D 200 -6.38 -7.53 35.85
N ARG D 201 -5.58 -8.50 36.29
CA ARG D 201 -4.14 -8.41 36.13
C ARG D 201 -3.74 -8.40 34.67
N TYR D 202 -4.23 -9.36 33.88
CA TYR D 202 -3.87 -9.39 32.47
C TYR D 202 -4.40 -8.15 31.75
N HIS D 203 -5.61 -7.72 32.09
CA HIS D 203 -6.20 -6.50 31.58
C HIS D 203 -5.23 -5.32 31.67
N LEU D 204 -4.59 -5.15 32.83
CA LEU D 204 -3.63 -4.07 33.04
C LEU D 204 -2.35 -4.28 32.24
N LEU D 205 -1.82 -5.49 32.23
CA LEU D 205 -0.61 -5.79 31.48
C LEU D 205 -0.79 -5.53 29.99
N ARG D 206 -1.99 -5.77 29.47
CA ARG D 206 -2.25 -5.52 28.07
C ARG D 206 -2.27 -4.03 27.78
N LEU D 207 -3.00 -3.26 28.62
CA LEU D 207 -3.02 -1.82 28.46
C LEU D 207 -1.64 -1.23 28.62
N GLU D 208 -0.87 -1.72 29.59
CA GLU D 208 0.47 -1.23 29.81
C GLU D 208 1.36 -1.48 28.59
N LYS D 209 1.27 -2.67 28.00
CA LYS D 209 2.07 -2.98 26.82
C LYS D 209 1.65 -2.12 25.65
N ASP D 210 0.35 -1.95 25.44
CA ASP D 210 -0.12 -1.11 24.35
C ASP D 210 0.39 0.33 24.52
N MET D 211 0.43 0.83 25.75
CA MET D 211 0.86 2.20 25.95
C MET D 211 2.37 2.34 25.83
N GLN D 212 3.13 1.34 26.26
CA GLN D 212 4.57 1.36 26.01
C GLN D 212 4.86 1.46 24.52
N GLU D 213 4.12 0.73 23.70
CA GLU D 213 4.38 0.76 22.27
C GLU D 213 3.87 2.03 21.62
N MET D 214 2.70 2.49 22.05
CA MET D 214 2.17 3.77 21.58
C MET D 214 3.11 4.93 21.88
N LEU D 215 3.69 4.95 23.07
CA LEU D 215 4.60 6.02 23.47
C LEU D 215 6.03 5.83 22.99
N GLN D 216 6.34 4.71 22.38
CA GLN D 216 7.73 4.32 22.16
C GLN D 216 8.55 4.43 23.44
N GLU D 217 7.94 4.07 24.56
CA GLU D 217 8.59 4.16 25.86
C GLU D 217 8.59 2.78 26.49
N PRO D 218 9.66 2.00 26.30
CA PRO D 218 9.65 0.62 26.79
C PRO D 218 9.43 0.46 28.28
N SER D 219 9.83 1.42 29.10
CA SER D 219 9.74 1.21 30.54
C SER D 219 8.55 1.90 31.16
N PHE D 220 7.67 2.50 30.36
CA PHE D 220 6.45 3.10 30.87
C PHE D 220 5.67 2.11 31.72
N SER D 221 5.16 2.58 32.84
CA SER D 221 4.48 1.71 33.79
C SER D 221 3.20 2.37 34.26
N LEU D 222 2.22 1.56 34.59
CA LEU D 222 0.97 2.10 35.10
C LEU D 222 1.11 2.37 36.60
N PRO D 223 0.87 3.60 37.06
CA PRO D 223 0.94 3.88 38.48
C PRO D 223 -0.33 3.37 39.18
N TYR D 224 -0.36 3.51 40.51
CA TYR D 224 -1.49 3.04 41.30
C TYR D 224 -2.03 4.13 42.22
N TRP D 225 -3.26 3.92 42.66
CA TRP D 225 -3.98 4.82 43.55
C TRP D 225 -4.22 4.10 44.86
N ASN D 226 -3.60 4.57 45.93
CA ASN D 226 -3.84 4.04 47.27
C ASN D 226 -5.17 4.60 47.76
N PHE D 227 -6.24 3.86 47.51
CA PHE D 227 -7.58 4.25 47.94
C PHE D 227 -7.89 3.80 49.35
N ALA D 228 -6.95 3.13 50.02
CA ALA D 228 -7.18 2.58 51.35
C ALA D 228 -6.68 3.55 52.42
N THR D 229 -7.20 4.77 52.35
CA THR D 229 -6.82 5.85 53.25
C THR D 229 -7.95 6.26 54.18
N GLY D 230 -9.12 5.65 54.07
CA GLY D 230 -10.24 6.05 54.89
C GLY D 230 -10.77 7.42 54.60
N LYS D 231 -10.44 7.99 53.45
CA LYS D 231 -10.77 9.38 53.20
C LYS D 231 -12.21 9.56 52.74
N ASN D 232 -12.70 10.78 52.94
CA ASN D 232 -13.99 11.27 52.52
C ASN D 232 -13.98 11.77 51.08
N VAL D 233 -12.80 11.96 50.50
CA VAL D 233 -12.62 12.66 49.25
C VAL D 233 -11.70 11.81 48.38
N CYS D 234 -11.66 12.14 47.10
CA CYS D 234 -10.80 11.47 46.13
C CYS D 234 -9.53 12.28 45.98
N ASP D 235 -8.44 11.80 46.56
CA ASP D 235 -7.20 12.55 46.61
C ASP D 235 -6.45 12.58 45.29
N ILE D 236 -6.92 11.90 44.25
CA ILE D 236 -6.33 12.00 42.93
C ILE D 236 -7.24 12.72 41.97
N CYS D 237 -8.39 13.20 42.43
CA CYS D 237 -9.36 13.87 41.58
C CYS D 237 -9.06 15.38 41.54
N THR D 238 -7.89 15.70 41.00
CA THR D 238 -7.43 17.07 40.84
C THR D 238 -7.06 17.30 39.38
N ASP D 239 -7.03 18.56 38.98
CA ASP D 239 -6.92 18.85 37.56
C ASP D 239 -5.53 18.60 36.99
N ASP D 240 -4.53 18.38 37.82
CA ASP D 240 -3.26 17.86 37.33
C ASP D 240 -3.22 16.33 37.29
N LEU D 241 -4.24 15.64 37.77
CA LEU D 241 -4.31 14.19 37.71
C LEU D 241 -5.61 13.77 37.05
N MET D 242 -6.54 13.18 37.80
CA MET D 242 -7.70 12.58 37.16
C MET D 242 -8.91 13.51 37.02
N GLY D 243 -8.76 14.78 37.34
CA GLY D 243 -9.84 15.73 37.16
C GLY D 243 -10.64 15.99 38.43
N SER D 244 -10.86 17.24 38.77
CA SER D 244 -11.68 17.54 39.92
C SER D 244 -13.12 17.73 39.48
N ARG D 245 -14.00 17.94 40.43
CA ARG D 245 -15.41 18.15 40.15
C ARG D 245 -15.64 19.43 39.36
N SER D 246 -16.56 19.37 38.42
CA SER D 246 -16.95 20.55 37.68
C SER D 246 -17.74 21.50 38.55
N ASN D 247 -17.43 22.80 38.43
CA ASN D 247 -18.21 23.79 39.16
C ASN D 247 -19.55 24.07 38.49
N PHE D 248 -19.79 23.51 37.31
CA PHE D 248 -21.03 23.73 36.59
C PHE D 248 -21.99 22.55 36.66
N ASP D 249 -21.52 21.38 37.08
CA ASP D 249 -22.34 20.18 37.20
C ASP D 249 -21.61 19.24 38.14
N SER D 250 -22.18 18.98 39.31
CA SER D 250 -21.49 18.21 40.33
C SER D 250 -21.21 16.77 39.92
N THR D 251 -21.80 16.27 38.84
CA THR D 251 -21.56 14.91 38.41
C THR D 251 -20.60 14.80 37.24
N LEU D 252 -19.99 15.91 36.83
CA LEU D 252 -19.05 15.94 35.71
C LEU D 252 -17.66 16.27 36.19
N ILE D 253 -16.74 16.18 35.28
CA ILE D 253 -15.34 16.45 35.53
C ILE D 253 -15.06 17.90 35.15
N SER D 254 -14.24 18.55 35.96
CA SER D 254 -13.84 19.93 35.74
C SER D 254 -13.37 20.13 34.29
N PRO D 255 -13.86 21.17 33.61
CA PRO D 255 -13.40 21.44 32.23
C PRO D 255 -11.91 21.71 32.10
N ASN D 256 -11.19 21.94 33.19
CA ASN D 256 -9.76 22.18 33.11
C ASN D 256 -8.94 20.90 33.10
N SER D 257 -9.60 19.74 33.02
CA SER D 257 -8.95 18.44 32.89
C SER D 257 -9.30 17.85 31.53
N VAL D 258 -8.36 17.13 30.91
CA VAL D 258 -8.66 16.51 29.62
C VAL D 258 -9.80 15.50 29.72
N PHE D 259 -9.96 14.86 30.87
CA PHE D 259 -10.92 13.77 30.97
C PHE D 259 -12.36 14.24 30.93
N SER D 260 -12.60 15.53 31.05
CA SER D 260 -13.94 16.05 30.81
C SER D 260 -14.31 15.99 29.34
N GLN D 261 -13.34 15.82 28.46
CA GLN D 261 -13.60 15.69 27.04
C GLN D 261 -13.87 14.26 26.62
N TRP D 262 -13.52 13.28 27.46
CA TRP D 262 -13.70 11.88 27.09
C TRP D 262 -15.17 11.56 26.90
N ARG D 263 -15.44 10.70 25.91
CA ARG D 263 -16.78 10.18 25.67
C ARG D 263 -16.77 8.65 25.75
N VAL D 264 -17.80 8.11 26.40
CA VAL D 264 -17.80 6.71 26.85
C VAL D 264 -18.21 5.77 25.72
N VAL D 265 -17.73 4.54 25.80
CA VAL D 265 -18.21 3.46 24.96
C VAL D 265 -18.97 2.49 25.85
N CYS D 266 -19.89 1.75 25.23
CA CYS D 266 -20.61 0.62 25.79
C CYS D 266 -21.72 0.99 26.76
N ASP D 267 -22.31 2.17 26.62
CA ASP D 267 -23.33 2.66 27.54
C ASP D 267 -24.74 2.30 27.11
N SER D 268 -24.90 1.46 26.09
CA SER D 268 -26.23 1.18 25.58
C SER D 268 -26.74 -0.24 25.86
N LEU D 269 -26.84 -0.63 27.14
CA LEU D 269 -27.26 -2.00 27.43
C LEU D 269 -28.65 -2.29 26.90
N GLU D 270 -29.51 -1.28 26.82
CA GLU D 270 -30.84 -1.48 26.26
C GLU D 270 -30.76 -1.94 24.82
N ASP D 271 -29.76 -1.51 24.06
CA ASP D 271 -29.61 -2.01 22.71
C ASP D 271 -29.09 -3.45 22.72
N TYR D 272 -27.99 -3.67 23.43
CA TYR D 272 -27.29 -4.94 23.30
C TYR D 272 -28.12 -6.09 23.85
N ASP D 273 -28.77 -5.89 24.97
CA ASP D 273 -29.49 -6.99 25.61
C ASP D 273 -30.88 -7.22 25.04
N THR D 274 -31.34 -6.38 24.11
CA THR D 274 -32.59 -6.66 23.42
C THR D 274 -32.43 -6.89 21.92
N LEU D 275 -31.50 -6.20 21.26
CA LEU D 275 -31.28 -6.51 19.85
C LEU D 275 -30.26 -7.60 19.64
N GLY D 276 -29.50 -7.96 20.66
CA GLY D 276 -28.47 -8.97 20.52
C GLY D 276 -27.17 -8.48 19.94
N THR D 277 -26.95 -7.17 19.88
CA THR D 277 -25.71 -6.62 19.38
C THR D 277 -24.68 -6.53 20.49
N LEU D 278 -23.50 -6.00 20.17
CA LEU D 278 -22.45 -5.80 21.13
C LEU D 278 -22.02 -4.34 21.11
N CYS D 279 -21.41 -3.88 22.20
CA CYS D 279 -20.81 -2.56 22.23
C CYS D 279 -19.89 -2.33 21.04
N ASN D 280 -20.07 -1.20 20.37
CA ASN D 280 -19.24 -0.81 19.24
C ASN D 280 -18.38 0.40 19.64
N SER D 281 -17.69 0.98 18.65
CA SER D 281 -16.67 1.99 18.93
C SER D 281 -17.22 3.41 18.95
N THR D 282 -18.53 3.60 18.83
CA THR D 282 -19.12 4.93 18.83
C THR D 282 -19.30 5.44 20.25
N GLU D 283 -18.69 6.56 20.57
CA GLU D 283 -18.78 7.10 21.92
C GLU D 283 -20.07 7.91 22.10
N ASP D 284 -20.55 7.97 23.34
CA ASP D 284 -21.85 8.58 23.65
C ASP D 284 -21.91 9.14 25.07
N GLY D 285 -21.55 10.40 25.21
CA GLY D 285 -21.71 11.06 26.49
C GLY D 285 -20.46 11.08 27.35
N PRO D 286 -20.49 11.88 28.41
CA PRO D 286 -19.32 12.08 29.26
C PRO D 286 -19.24 11.14 30.46
N ILE D 287 -18.06 11.16 31.09
CA ILE D 287 -17.85 10.48 32.35
C ILE D 287 -18.66 11.18 33.43
N ARG D 288 -19.35 10.39 34.25
CA ARG D 288 -20.00 10.87 35.46
C ARG D 288 -19.21 10.41 36.67
N ARG D 289 -18.92 11.35 37.56
CA ARG D 289 -18.19 11.06 38.78
C ARG D 289 -18.63 12.06 39.83
N ASN D 290 -18.82 11.56 41.05
CA ASN D 290 -19.27 12.37 42.18
C ASN D 290 -18.76 11.72 43.44
N PRO D 291 -17.45 11.80 43.69
CA PRO D 291 -16.87 11.07 44.81
C PRO D 291 -17.60 11.40 46.11
N ALA D 292 -17.88 10.36 46.88
CA ALA D 292 -18.61 10.42 48.14
C ALA D 292 -20.03 10.92 47.99
N GLY D 293 -20.55 11.01 46.77
CA GLY D 293 -21.83 11.65 46.54
C GLY D 293 -23.05 10.79 46.56
N ASN D 294 -22.95 9.52 46.94
CA ASN D 294 -24.10 8.63 46.99
C ASN D 294 -24.79 8.83 48.34
N VAL D 295 -25.64 9.86 48.39
CA VAL D 295 -26.22 10.22 49.68
C VAL D 295 -27.19 9.15 50.18
N ALA D 296 -27.85 8.45 49.25
CA ALA D 296 -28.82 7.42 49.63
C ALA D 296 -28.19 6.17 50.25
N ARG D 297 -26.88 6.06 50.23
CA ARG D 297 -26.19 4.82 50.60
C ARG D 297 -24.96 5.16 51.42
N PRO D 298 -25.14 5.48 52.69
CA PRO D 298 -24.02 6.01 53.50
C PRO D 298 -22.77 5.15 53.51
N MET D 299 -22.88 3.84 53.34
CA MET D 299 -21.68 3.02 53.45
C MET D 299 -20.72 3.22 52.29
N VAL D 300 -21.18 3.76 51.16
CA VAL D 300 -20.29 3.96 50.02
C VAL D 300 -19.90 5.44 49.87
N GLN D 301 -19.83 6.14 50.99
CA GLN D 301 -19.39 7.53 51.00
C GLN D 301 -18.03 7.71 51.64
N ARG D 302 -17.34 6.61 51.97
CA ARG D 302 -16.00 6.67 52.51
C ARG D 302 -15.19 5.48 52.00
N LEU D 303 -13.92 5.71 51.72
CA LEU D 303 -13.05 4.69 51.17
C LEU D 303 -12.61 3.69 52.23
N PRO D 304 -12.00 2.58 51.84
CA PRO D 304 -11.52 1.62 52.83
C PRO D 304 -10.47 2.22 53.73
N GLU D 305 -10.40 1.70 54.93
CA GLU D 305 -9.44 2.13 55.92
C GLU D 305 -8.10 1.46 55.69
N PRO D 306 -7.00 2.08 56.11
CA PRO D 306 -5.69 1.51 55.85
C PRO D 306 -5.50 0.10 56.38
N GLN D 307 -6.21 -0.27 57.43
CA GLN D 307 -6.05 -1.59 58.01
C GLN D 307 -6.90 -2.64 57.31
N ASP D 308 -7.98 -2.25 56.63
CA ASP D 308 -8.69 -3.17 55.76
C ASP D 308 -7.73 -3.92 54.84
N VAL D 309 -6.64 -3.27 54.43
CA VAL D 309 -5.66 -3.94 53.61
C VAL D 309 -4.85 -4.91 54.45
N ALA D 310 -4.47 -4.50 55.66
CA ALA D 310 -3.69 -5.39 56.52
C ALA D 310 -4.52 -6.60 56.92
N GLN D 311 -5.82 -6.41 57.14
CA GLN D 311 -6.70 -7.50 57.53
C GLN D 311 -6.92 -8.49 56.40
N CYS D 312 -7.12 -8.01 55.17
CA CYS D 312 -7.39 -8.91 54.06
C CYS D 312 -6.16 -9.73 53.68
N LEU D 313 -4.97 -9.21 53.96
CA LEU D 313 -3.76 -9.98 53.71
C LEU D 313 -3.52 -11.06 54.74
N GLU D 314 -4.32 -11.15 55.80
CA GLU D 314 -4.27 -12.29 56.69
C GLU D 314 -5.21 -13.41 56.26
N VAL D 315 -6.02 -13.21 55.23
CA VAL D 315 -6.90 -14.27 54.76
C VAL D 315 -6.04 -15.19 53.90
N GLY D 316 -5.82 -16.42 54.37
CA GLY D 316 -4.79 -17.29 53.83
C GLY D 316 -5.16 -18.20 52.69
N LEU D 317 -6.44 -18.48 52.51
CA LEU D 317 -6.90 -19.25 51.38
C LEU D 317 -7.28 -18.30 50.25
N PHE D 318 -6.78 -18.57 49.05
CA PHE D 318 -7.07 -17.68 47.93
C PHE D 318 -8.56 -17.63 47.66
N ASP D 319 -9.21 -18.80 47.64
CA ASP D 319 -10.65 -18.81 47.46
C ASP D 319 -11.23 -20.03 48.17
N THR D 320 -12.54 -20.01 48.35
CA THR D 320 -13.30 -21.03 49.06
C THR D 320 -14.57 -21.30 48.27
N PRO D 321 -15.13 -22.51 48.39
CA PRO D 321 -16.40 -22.84 47.74
C PRO D 321 -17.49 -21.97 48.31
N PRO D 322 -18.51 -21.64 47.54
CA PRO D 322 -18.73 -22.08 46.16
C PRO D 322 -18.01 -21.24 45.09
N PHE D 323 -16.93 -20.57 45.48
CA PHE D 323 -16.13 -19.76 44.55
C PHE D 323 -16.97 -18.68 43.88
N TYR D 324 -17.64 -17.87 44.68
CA TYR D 324 -18.61 -16.92 44.17
C TYR D 324 -18.51 -15.68 45.04
N SER D 325 -19.42 -14.74 44.83
CA SER D 325 -19.43 -13.53 45.63
C SER D 325 -19.97 -13.76 47.04
N ASN D 326 -20.49 -14.95 47.36
CA ASN D 326 -20.87 -15.25 48.73
C ASN D 326 -19.93 -16.24 49.40
N SER D 327 -18.71 -16.39 48.86
CA SER D 327 -17.71 -17.14 49.58
C SER D 327 -17.31 -16.40 50.86
N THR D 328 -16.93 -17.17 51.86
CA THR D 328 -16.47 -16.61 53.11
C THR D 328 -15.06 -17.11 53.38
N ASN D 329 -14.30 -16.33 54.13
CA ASN D 329 -12.88 -16.57 54.37
C ASN D 329 -12.10 -16.78 53.07
N SER D 330 -12.50 -16.08 52.02
CA SER D 330 -11.85 -16.11 50.72
C SER D 330 -11.05 -14.83 50.52
N PHE D 331 -9.75 -14.97 50.30
CA PHE D 331 -8.94 -13.79 50.01
C PHE D 331 -9.45 -13.08 48.77
N ARG D 332 -9.66 -13.83 47.70
CA ARG D 332 -10.16 -13.24 46.47
C ARG D 332 -11.44 -12.47 46.71
N ASN D 333 -12.38 -13.06 47.44
CA ASN D 333 -13.64 -12.38 47.71
C ASN D 333 -13.46 -11.24 48.70
N THR D 334 -12.42 -11.28 49.53
CA THR D 334 -12.20 -10.18 50.46
C THR D 334 -11.64 -8.96 49.75
N VAL D 335 -10.56 -9.13 48.98
CA VAL D 335 -10.00 -8.00 48.26
C VAL D 335 -10.95 -7.55 47.14
N GLU D 336 -11.69 -8.47 46.53
CA GLU D 336 -12.68 -8.04 45.55
C GLU D 336 -13.75 -7.17 46.22
N GLY D 337 -14.08 -7.45 47.46
CA GLY D 337 -14.92 -6.56 48.24
C GLY D 337 -16.31 -7.04 48.55
N TYR D 338 -16.58 -8.34 48.48
CA TYR D 338 -17.89 -8.87 48.84
C TYR D 338 -17.94 -9.43 50.26
N SER D 339 -16.79 -9.64 50.89
CA SER D 339 -16.68 -9.95 52.31
C SER D 339 -16.09 -8.76 53.04
N ASP D 340 -16.22 -8.73 54.36
CA ASP D 340 -15.58 -7.65 55.09
C ASP D 340 -14.09 -7.97 55.23
N PRO D 341 -13.26 -6.98 55.54
CA PRO D 341 -11.81 -7.17 55.47
C PRO D 341 -11.24 -8.36 56.25
N THR D 342 -12.00 -8.88 57.20
CA THR D 342 -11.53 -10.02 57.97
C THR D 342 -11.69 -11.32 57.22
N GLY D 343 -12.55 -11.35 56.22
CA GLY D 343 -12.87 -12.55 55.46
C GLY D 343 -14.29 -13.03 55.62
N LYS D 344 -15.08 -12.38 56.48
CA LYS D 344 -16.40 -12.87 56.82
C LYS D 344 -17.43 -12.32 55.83
N TYR D 345 -18.13 -13.22 55.15
CA TYR D 345 -19.13 -12.80 54.18
C TYR D 345 -20.33 -12.18 54.88
N ASP D 346 -20.93 -11.19 54.23
CA ASP D 346 -22.12 -10.49 54.71
C ASP D 346 -22.78 -9.79 53.52
N PRO D 347 -24.01 -10.13 53.16
CA PRO D 347 -24.60 -9.55 51.94
C PRO D 347 -24.71 -8.03 51.96
N ALA D 348 -24.59 -7.41 53.13
CA ALA D 348 -24.75 -5.97 53.23
C ALA D 348 -23.45 -5.22 53.03
N VAL D 349 -22.32 -5.89 53.13
CA VAL D 349 -21.02 -5.24 53.10
C VAL D 349 -20.61 -4.97 51.66
N ARG D 350 -19.93 -3.85 51.46
CA ARG D 350 -19.16 -3.58 50.26
C ARG D 350 -17.81 -3.09 50.74
N SER D 351 -16.76 -3.80 50.37
CA SER D 351 -15.44 -3.62 50.94
C SER D 351 -14.42 -3.35 49.85
N LEU D 352 -13.25 -2.88 50.27
CA LEU D 352 -12.06 -2.68 49.45
C LEU D 352 -12.35 -2.31 48.00
N HIS D 353 -11.99 -3.19 47.05
CA HIS D 353 -12.08 -2.89 45.63
C HIS D 353 -13.50 -2.48 45.24
N ASN D 354 -14.50 -3.21 45.70
CA ASN D 354 -15.88 -2.87 45.35
C ASN D 354 -16.24 -1.51 45.93
N LEU D 355 -15.80 -1.24 47.16
CA LEU D 355 -16.08 0.04 47.80
C LEU D 355 -15.43 1.19 47.05
N ALA D 356 -14.19 1.01 46.59
CA ALA D 356 -13.53 2.07 45.86
C ALA D 356 -14.28 2.43 44.59
N HIS D 357 -14.86 1.43 43.92
CA HIS D 357 -15.69 1.67 42.74
C HIS D 357 -16.94 2.48 43.09
N LEU D 358 -17.63 2.08 44.16
CA LEU D 358 -18.92 2.69 44.50
C LEU D 358 -18.75 4.07 45.13
N PHE D 359 -17.61 4.31 45.78
CA PHE D 359 -17.29 5.65 46.29
C PHE D 359 -17.39 6.71 45.20
N LEU D 360 -17.09 6.35 43.96
CA LEU D 360 -17.08 7.31 42.86
C LEU D 360 -18.49 7.77 42.47
N ASN D 361 -19.52 7.00 42.83
CA ASN D 361 -20.92 7.34 42.57
C ASN D 361 -21.12 7.84 41.13
N GLY D 362 -20.78 6.98 40.18
CA GLY D 362 -20.91 7.34 38.79
C GLY D 362 -20.54 6.25 37.81
N THR D 363 -19.91 6.65 36.71
CA THR D 363 -19.48 5.69 35.70
C THR D 363 -18.61 4.60 36.29
N GLY D 364 -17.71 4.97 37.20
CA GLY D 364 -16.75 4.04 37.77
C GLY D 364 -17.36 2.97 38.65
N GLY D 365 -18.64 3.06 38.96
CA GLY D 365 -19.31 2.09 39.78
C GLY D 365 -20.31 1.24 39.05
N GLN D 366 -20.30 1.25 37.73
CA GLN D 366 -21.20 0.45 36.92
C GLN D 366 -20.32 -0.54 36.18
N THR D 367 -20.55 -1.82 36.40
CA THR D 367 -19.59 -2.84 35.99
C THR D 367 -19.38 -2.86 34.49
N HIS D 368 -20.44 -2.72 33.72
CA HIS D 368 -20.28 -2.74 32.27
C HIS D 368 -19.59 -1.48 31.76
N LEU D 369 -19.51 -0.44 32.59
CA LEU D 369 -19.07 0.87 32.14
C LEU D 369 -17.80 1.37 32.81
N SER D 370 -17.41 0.79 33.95
CA SER D 370 -16.47 1.46 34.84
C SER D 370 -15.10 1.79 34.26
N PRO D 371 -14.51 1.06 33.31
CA PRO D 371 -13.20 1.49 32.78
C PRO D 371 -13.22 2.83 32.04
N ASN D 372 -14.39 3.33 31.67
CA ASN D 372 -14.46 4.60 30.99
C ASN D 372 -13.88 5.73 31.83
N ASP D 373 -14.03 5.64 33.14
CA ASP D 373 -13.37 6.55 34.06
C ASP D 373 -11.94 6.07 34.27
N PRO D 374 -10.93 6.83 33.88
CA PRO D 374 -9.56 6.33 33.96
C PRO D 374 -9.07 6.04 35.37
N ILE D 375 -9.81 6.44 36.41
CA ILE D 375 -9.46 6.04 37.77
C ILE D 375 -9.44 4.51 37.91
N PHE D 376 -10.28 3.83 37.13
CA PHE D 376 -10.27 2.38 37.03
C PHE D 376 -8.86 1.82 36.94
N VAL D 377 -8.04 2.41 36.06
CA VAL D 377 -6.69 1.92 35.84
C VAL D 377 -5.92 1.89 37.15
N LEU D 378 -5.97 3.01 37.86
CA LEU D 378 -5.21 3.17 39.09
C LEU D 378 -5.87 2.42 40.24
N LEU D 379 -7.19 2.34 40.25
CA LEU D 379 -7.89 1.50 41.20
C LEU D 379 -7.49 0.04 41.07
N HIS D 380 -7.28 -0.44 39.84
CA HIS D 380 -6.96 -1.85 39.68
C HIS D 380 -5.48 -2.17 39.76
N THR D 381 -4.58 -1.24 39.44
CA THR D 381 -3.19 -1.52 39.71
C THR D 381 -2.93 -1.63 41.21
N PHE D 382 -3.71 -0.92 42.02
CA PHE D 382 -3.57 -1.08 43.45
C PHE D 382 -4.09 -2.43 43.92
N THR D 383 -5.27 -2.81 43.44
CA THR D 383 -5.81 -4.13 43.73
C THR D 383 -4.84 -5.21 43.29
N ASP D 384 -4.22 -5.05 42.10
CA ASP D 384 -3.22 -6.01 41.66
C ASP D 384 -1.99 -6.00 42.56
N ALA D 385 -1.68 -4.86 43.19
CA ALA D 385 -0.59 -4.81 44.14
C ALA D 385 -0.89 -5.62 45.39
N VAL D 386 -2.12 -5.55 45.88
CA VAL D 386 -2.52 -6.38 47.02
C VAL D 386 -2.42 -7.85 46.65
N PHE D 387 -2.88 -8.19 45.45
CA PHE D 387 -2.79 -9.54 44.93
C PHE D 387 -1.34 -10.00 44.84
N ASP D 388 -0.46 -9.14 44.34
CA ASP D 388 0.94 -9.53 44.22
C ASP D 388 1.59 -9.71 45.58
N GLU D 389 1.24 -8.89 46.57
CA GLU D 389 1.78 -9.06 47.91
C GLU D 389 1.28 -10.35 48.55
N TRP D 390 0.02 -10.69 48.31
CA TRP D 390 -0.50 -11.98 48.74
C TRP D 390 0.29 -13.12 48.11
N LEU D 391 0.59 -13.01 46.83
CA LEU D 391 1.30 -14.08 46.13
C LEU D 391 2.69 -14.26 46.72
N ARG D 392 3.36 -13.17 47.08
CA ARG D 392 4.64 -13.29 47.78
C ARG D 392 4.45 -13.88 49.17
N ARG D 393 3.49 -13.35 49.91
CA ARG D 393 3.35 -13.69 51.31
C ARG D 393 2.93 -15.14 51.51
N TYR D 394 2.19 -15.69 50.55
CA TYR D 394 1.68 -17.06 50.63
C TYR D 394 2.28 -17.95 49.57
N ASN D 395 3.43 -17.56 49.05
CA ASN D 395 4.21 -18.40 48.15
C ASN D 395 3.38 -18.86 46.96
N ALA D 396 2.51 -17.97 46.47
CA ALA D 396 1.81 -18.19 45.20
C ALA D 396 1.04 -19.50 45.22
N ASP D 397 0.36 -19.77 46.32
CA ASP D 397 -0.30 -21.05 46.52
C ASP D 397 -1.60 -21.09 45.72
N ILE D 398 -1.55 -21.71 44.55
CA ILE D 398 -2.70 -21.81 43.66
C ILE D 398 -3.61 -22.98 44.00
N SER D 399 -3.31 -23.72 45.06
CA SER D 399 -3.96 -24.99 45.34
C SER D 399 -5.46 -24.86 45.50
N THR D 400 -5.93 -23.73 45.99
CA THR D 400 -7.36 -23.50 46.20
C THR D 400 -8.06 -22.87 45.00
N PHE D 401 -7.34 -22.50 43.96
CA PHE D 401 -7.93 -21.97 42.73
C PHE D 401 -8.56 -23.14 41.99
N PRO D 402 -9.88 -23.26 41.96
CA PRO D 402 -10.50 -24.52 41.53
C PRO D 402 -10.28 -24.85 40.06
N LEU D 403 -10.08 -26.14 39.79
CA LEU D 403 -10.00 -26.59 38.41
C LEU D 403 -11.36 -26.81 37.79
N GLU D 404 -12.39 -27.02 38.59
CA GLU D 404 -13.72 -27.23 38.03
C GLU D 404 -14.74 -26.77 39.06
N ASN D 405 -15.97 -26.60 38.61
CA ASN D 405 -17.13 -26.20 39.40
C ASN D 405 -17.10 -24.72 39.81
N ALA D 406 -16.18 -23.93 39.30
CA ALA D 406 -16.26 -22.49 39.46
C ALA D 406 -17.33 -21.94 38.52
N PRO D 407 -17.82 -20.72 38.77
CA PRO D 407 -18.68 -20.08 37.78
C PRO D 407 -17.98 -20.06 36.42
N ILE D 408 -18.79 -20.02 35.36
CA ILE D 408 -18.23 -20.16 34.03
C ILE D 408 -17.26 -19.00 33.77
N GLY D 409 -16.09 -19.33 33.25
CA GLY D 409 -15.01 -18.39 33.07
C GLY D 409 -13.95 -18.42 34.14
N HIS D 410 -14.22 -19.04 35.28
CA HIS D 410 -13.33 -18.92 36.43
C HIS D 410 -12.60 -20.20 36.80
N ASN D 411 -12.79 -21.28 36.05
CA ASN D 411 -11.92 -22.44 36.23
C ASN D 411 -10.47 -22.03 35.99
N ARG D 412 -9.57 -22.61 36.76
CA ARG D 412 -8.18 -22.20 36.72
C ARG D 412 -7.60 -22.20 35.31
N GLN D 413 -7.99 -23.19 34.50
CA GLN D 413 -7.41 -23.36 33.18
C GLN D 413 -8.24 -22.74 32.06
N TYR D 414 -9.29 -22.02 32.40
CA TYR D 414 -10.06 -21.27 31.41
C TYR D 414 -9.20 -20.20 30.75
N ASN D 415 -9.34 -20.04 29.44
CA ASN D 415 -8.74 -18.89 28.77
C ASN D 415 -9.49 -17.62 29.16
N MET D 416 -8.80 -16.65 29.75
CA MET D 416 -9.50 -15.46 30.24
C MET D 416 -10.14 -14.68 29.08
N VAL D 417 -11.44 -14.44 29.19
CA VAL D 417 -12.26 -13.95 28.09
C VAL D 417 -12.30 -12.42 28.01
N PRO D 418 -12.09 -11.84 26.82
CA PRO D 418 -11.76 -12.32 25.48
C PRO D 418 -10.35 -11.99 25.06
N PHE D 419 -9.38 -12.29 25.89
CA PHE D 419 -8.03 -11.87 25.62
C PHE D 419 -7.42 -12.71 24.51
N TRP D 420 -6.58 -12.07 23.70
CA TRP D 420 -5.89 -12.72 22.62
C TRP D 420 -4.40 -12.39 22.66
N PRO D 421 -3.53 -13.39 22.48
CA PRO D 421 -3.72 -14.83 22.34
C PRO D 421 -4.29 -15.46 23.61
N PRO D 422 -4.82 -16.67 23.54
CA PRO D 422 -5.39 -17.30 24.73
C PRO D 422 -4.38 -17.33 25.88
N VAL D 423 -4.83 -16.92 27.04
CA VAL D 423 -3.98 -16.86 28.22
C VAL D 423 -4.84 -17.24 29.41
N THR D 424 -4.40 -18.24 30.16
CA THR D 424 -5.20 -18.85 31.21
C THR D 424 -4.99 -18.10 32.51
N ASN D 425 -5.90 -18.32 33.45
CA ASN D 425 -5.72 -17.73 34.76
C ASN D 425 -4.41 -18.16 35.38
N THR D 426 -3.98 -19.39 35.11
CA THR D 426 -2.76 -19.92 35.72
C THR D 426 -1.54 -19.09 35.33
N GLU D 427 -1.49 -18.62 34.10
CA GLU D 427 -0.30 -17.89 33.64
C GLU D 427 -0.13 -16.56 34.35
N MET D 428 -1.19 -16.02 34.93
CA MET D 428 -1.14 -14.78 35.69
C MET D 428 -0.94 -15.01 37.18
N PHE D 429 -1.11 -16.24 37.67
CA PHE D 429 -1.00 -16.56 39.10
C PHE D 429 0.48 -16.78 39.46
N VAL D 430 1.27 -15.73 39.29
CA VAL D 430 2.69 -15.74 39.52
C VAL D 430 3.09 -14.45 40.22
N THR D 431 4.12 -14.53 41.04
CA THR D 431 4.66 -13.30 41.58
C THR D 431 5.17 -12.45 40.44
N ALA D 432 4.68 -11.23 40.37
CA ALA D 432 4.87 -10.38 39.21
C ALA D 432 6.33 -9.99 38.96
N PRO D 433 7.14 -9.68 39.98
CA PRO D 433 8.51 -9.23 39.68
C PRO D 433 9.37 -10.25 38.94
N ASP D 434 9.44 -11.49 39.41
CA ASP D 434 10.26 -12.48 38.74
C ASP D 434 9.64 -13.03 37.45
N ASN D 435 8.31 -12.98 37.29
CA ASN D 435 7.65 -13.69 36.21
C ASN D 435 6.96 -12.82 35.18
N LEU D 436 6.64 -11.56 35.50
CA LEU D 436 5.97 -10.70 34.55
C LEU D 436 6.70 -9.38 34.30
N GLY D 437 7.86 -9.17 34.90
CA GLY D 437 8.66 -8.01 34.58
C GLY D 437 8.17 -6.70 35.15
N TYR D 438 7.43 -6.73 36.26
CA TYR D 438 7.04 -5.48 36.87
C TYR D 438 6.90 -5.70 38.37
N THR D 439 7.09 -4.62 39.12
CA THR D 439 7.00 -4.69 40.56
C THR D 439 6.39 -3.41 41.09
N TYR D 440 5.95 -3.44 42.33
CA TYR D 440 5.32 -2.29 42.96
C TYR D 440 6.23 -1.65 43.98
N GLU D 441 6.42 -0.34 43.84
CA GLU D 441 7.01 0.47 44.89
C GLU D 441 5.90 0.81 45.88
N ILE D 442 5.88 0.10 47.00
CA ILE D 442 4.76 0.20 47.94
C ILE D 442 5.23 -0.36 49.27
N GLN D 443 4.59 0.08 50.34
CA GLN D 443 4.85 -0.42 51.68
C GLN D 443 3.55 -0.83 52.36
N TRP D 444 3.60 -1.94 53.10
CA TRP D 444 2.34 -2.43 53.61
C TRP D 444 2.26 -2.23 55.12
N PRO D 445 1.09 -1.85 55.63
CA PRO D 445 0.95 -1.62 57.07
C PRO D 445 1.07 -2.93 57.83
N SER D 446 1.78 -2.88 58.95
CA SER D 446 1.93 -4.06 59.81
C SER D 446 1.25 -3.85 61.15
#